data_9OKY
# 
_entry.id   9OKY 
# 
_audit_conform.dict_name       mmcif_pdbx.dic 
_audit_conform.dict_version    5.407 
_audit_conform.dict_location   http://mmcif.pdb.org/dictionaries/ascii/mmcif_pdbx.dic 
# 
loop_
_database_2.database_id 
_database_2.database_code 
_database_2.pdbx_database_accession 
_database_2.pdbx_DOI 
PDB   9OKY         pdb_00009oky 10.2210/pdb9oky/pdb 
WWPDB D_1000295001 ?            ?                   
# 
loop_
_pdbx_audit_revision_history.ordinal 
_pdbx_audit_revision_history.data_content_type 
_pdbx_audit_revision_history.major_revision 
_pdbx_audit_revision_history.minor_revision 
_pdbx_audit_revision_history.revision_date 
_pdbx_audit_revision_history.part_number 
1 'Structure model' 1 0 2025-10-22 ? 
2 'Structure model' 1 1 2025-11-26 ? 
# 
_pdbx_audit_revision_details.ordinal             1 
_pdbx_audit_revision_details.revision_ordinal    1 
_pdbx_audit_revision_details.data_content_type   'Structure model' 
_pdbx_audit_revision_details.provider            repository 
_pdbx_audit_revision_details.type                'Initial release' 
_pdbx_audit_revision_details.description         ? 
_pdbx_audit_revision_details.details             ? 
# 
_pdbx_audit_revision_group.ordinal             1 
_pdbx_audit_revision_group.revision_ordinal    2 
_pdbx_audit_revision_group.data_content_type   'Structure model' 
_pdbx_audit_revision_group.group               'Database references' 
# 
loop_
_pdbx_audit_revision_category.ordinal 
_pdbx_audit_revision_category.revision_ordinal 
_pdbx_audit_revision_category.data_content_type 
_pdbx_audit_revision_category.category 
1 2 'Structure model' citation        
2 2 'Structure model' citation_author 
# 
_pdbx_database_status.status_code                     REL 
_pdbx_database_status.status_code_sf                  REL 
_pdbx_database_status.status_code_mr                  ? 
_pdbx_database_status.entry_id                        9OKY 
_pdbx_database_status.recvd_initial_deposition_date   2025-05-11 
_pdbx_database_status.SG_entry                        N 
_pdbx_database_status.deposit_site                    RCSB 
_pdbx_database_status.process_site                    RCSB 
_pdbx_database_status.status_code_cs                  ? 
_pdbx_database_status.status_code_nmr_data            ? 
_pdbx_database_status.methods_development_category    ? 
_pdbx_database_status.pdb_format_compatible           Y 
# 
_pdbx_contact_author.id                 2 
_pdbx_contact_author.email              jwszostak@uchicago.edu 
_pdbx_contact_author.name_first         Jack 
_pdbx_contact_author.name_last          Szostak 
_pdbx_contact_author.name_mi            W 
_pdbx_contact_author.role               'principal investigator/group leader' 
_pdbx_contact_author.identifier_ORCID   0000-0003-4131-1203 
# 
loop_
_audit_author.name 
_audit_author.pdbx_ordinal 
_audit_author.identifier_ORCID 
'Fang, Z.'      1 0000-0001-8679-6633 
'Szostak, J.W.' 2 0000-0003-4131-1203 
# 
loop_
_citation.abstract 
_citation.abstract_id_CAS 
_citation.book_id_ISBN 
_citation.book_publisher 
_citation.book_publisher_city 
_citation.book_title 
_citation.coordinate_linkage 
_citation.country 
_citation.database_id_Medline 
_citation.details 
_citation.id 
_citation.journal_abbrev 
_citation.journal_id_ASTM 
_citation.journal_id_CSD 
_citation.journal_id_ISSN 
_citation.journal_full 
_citation.journal_issue 
_citation.journal_volume 
_citation.language 
_citation.page_first 
_citation.page_last 
_citation.title 
_citation.year 
_citation.database_id_CSD 
_citation.pdbx_database_id_DOI 
_citation.pdbx_database_id_PubMed 
_citation.pdbx_database_id_patent 
_citation.unpublished_flag 
? ? ? ? ? ? ? UK ? ? primary 'Nucleic Acids Res.' NARHAD 0389 1362-4962 ? ? 53 ? ? ? 
;Impact of 2'-deoxyribo-purine substrates on nonenzymatic RNA template-directed primer extension.
;
2025 ? 10.1093/nar/gkaf1228      41261857 ? ? 
? ? ? ? ? ? ? US ? ? 1       Biorxiv              ?      ?    2692-8205 ? ? ?  ? ? ? 
;Impact of 2'-deoxyribo-purine substrates on nonenzymatic RNA template-directed primer extension.
;
2025 ? 10.1101/2025.08.29.673048 40909494 ? ? 
# 
loop_
_citation_author.citation_id 
_citation_author.name 
_citation_author.ordinal 
_citation_author.identifier_ORCID 
primary 'Fang, Z.'      1  0000-0001-8679-6633 
primary 'Acikgoz, O.'   2  ?                   
primary 'Jia, X.'       3  0000-0001-9094-9882 
primary 'Essex, J.'     4  ?                   
primary 'Wen, R.'       5  ?                   
primary 'Szostak, J.W.' 6  0000-0003-4131-1203 
1       'Fang, Z.'      7  0000-0001-8679-6633 
1       'Acikgoz, O.'   8  0009-0001-3296-1637 
1       'Jia, X.'       9  0000-0001-9094-9882 
1       'Essex, J.'     10 0009-0003-6281-4798 
1       'Wen, R.'       11 ?                   
1       'Szostak, J.W.' 12 0000-0003-4131-1203 
# 
loop_
_entity.id 
_entity.type 
_entity.src_method 
_entity.pdbx_description 
_entity.formula_weight 
_entity.pdbx_number_of_molecules 
_entity.pdbx_ec 
_entity.pdbx_mutation 
_entity.pdbx_fragment 
_entity.details 
1 polymer syn 
;DNA/RNA (5'-R(*A)-D(P*G)-R(P*AP*GP*AP*AP*GP*AP*UP*CP*UP*UP*CP*UP*(RSP)P*U)-3')
;
5083.128 2   ? ? ? ? 
2 water   nat water                                                                            18.015   138 ? ? ? ? 
# 
_entity_poly.entity_id                      1 
_entity_poly.type                           'polydeoxyribonucleotide/polyribonucleotide hybrid' 
_entity_poly.nstd_linkage                   no 
_entity_poly.nstd_monomer                   yes 
_entity_poly.pdbx_seq_one_letter_code       'A(DG)AGAAGAUCUUCU(RSP)U' 
_entity_poly.pdbx_seq_one_letter_code_can   AGAGAAGAUCUUCUCU 
_entity_poly.pdbx_strand_id                 A,B 
_entity_poly.pdbx_target_identifier         ? 
# 
_pdbx_entity_nonpoly.entity_id   2 
_pdbx_entity_nonpoly.name        water 
_pdbx_entity_nonpoly.comp_id     HOH 
# 
loop_
_entity_poly_seq.entity_id 
_entity_poly_seq.num 
_entity_poly_seq.mon_id 
_entity_poly_seq.hetero 
1 1  A   n 
1 2  DG  n 
1 3  A   n 
1 4  G   n 
1 5  A   n 
1 6  A   n 
1 7  G   n 
1 8  A   n 
1 9  U   n 
1 10 C   n 
1 11 U   n 
1 12 U   n 
1 13 C   n 
1 14 U   n 
1 15 RSP n 
1 16 U   n 
# 
_pdbx_entity_src_syn.entity_id              1 
_pdbx_entity_src_syn.pdbx_src_id            1 
_pdbx_entity_src_syn.pdbx_alt_source_flag   sample 
_pdbx_entity_src_syn.pdbx_beg_seq_num       1 
_pdbx_entity_src_syn.pdbx_end_seq_num       16 
_pdbx_entity_src_syn.organism_scientific    'synthetic construct' 
_pdbx_entity_src_syn.organism_common_name   ? 
_pdbx_entity_src_syn.ncbi_taxonomy_id       32630 
_pdbx_entity_src_syn.details                ? 
# 
loop_
_chem_comp.id 
_chem_comp.type 
_chem_comp.mon_nstd_flag 
_chem_comp.name 
_chem_comp.pdbx_synonyms 
_chem_comp.formula 
_chem_comp.formula_weight 
A   'RNA linking' y "ADENOSINE-5'-MONOPHOSPHATE"                                            ? 'C10 H14 N5 O7 P'  347.221 
C   'RNA linking' y "CYTIDINE-5'-MONOPHOSPHATE"                                             ? 'C9 H14 N3 O8 P'   323.197 
DG  'DNA linking' y "2'-DEOXYGUANOSINE-5'-MONOPHOSPHATE"                                    ? 'C10 H14 N5 O7 P'  347.221 
G   'RNA linking' y "GUANOSINE-5'-MONOPHOSPHATE"                                            ? 'C10 H14 N5 O8 P'  363.221 
HOH non-polymer   . WATER                                                                   ? 'H2 O'             18.015  
RSP 'RNA linking' n '4-amino-1-(5-O-phosphono-beta-D-ribofuranosyl)pyrimidine-2(1H)-thione' ? 'C9 H14 N3 O7 P S' 339.262 
U   'RNA linking' y "URIDINE-5'-MONOPHOSPHATE"                                              ? 'C9 H13 N2 O9 P'   324.181 
# 
loop_
_pdbx_poly_seq_scheme.asym_id 
_pdbx_poly_seq_scheme.entity_id 
_pdbx_poly_seq_scheme.seq_id 
_pdbx_poly_seq_scheme.mon_id 
_pdbx_poly_seq_scheme.ndb_seq_num 
_pdbx_poly_seq_scheme.pdb_seq_num 
_pdbx_poly_seq_scheme.auth_seq_num 
_pdbx_poly_seq_scheme.pdb_mon_id 
_pdbx_poly_seq_scheme.auth_mon_id 
_pdbx_poly_seq_scheme.pdb_strand_id 
_pdbx_poly_seq_scheme.pdb_ins_code 
_pdbx_poly_seq_scheme.hetero 
A 1 1  A   1  1  1  A   A   A . n 
A 1 2  DG  2  2  2  DG  DG  A . n 
A 1 3  A   3  3  3  A   A   A . n 
A 1 4  G   4  4  4  G   G   A . n 
A 1 5  A   5  5  5  A   A   A . n 
A 1 6  A   6  6  6  A   A   A . n 
A 1 7  G   7  7  7  G   G   A . n 
A 1 8  A   8  8  8  A   A   A . n 
A 1 9  U   9  9  9  U   U   A . n 
A 1 10 C   10 10 10 C   C   A . n 
A 1 11 U   11 11 11 U   U   A . n 
A 1 12 U   12 12 12 U   U   A . n 
A 1 13 C   13 13 13 C   C   A . n 
A 1 14 U   14 14 14 U   U   A . n 
A 1 15 RSP 15 15 15 RSP RSP A . n 
A 1 16 U   16 16 16 U   U   A . n 
B 1 1  A   1  1  1  A   A   B . n 
B 1 2  DG  2  2  2  DG  DG  B . n 
B 1 3  A   3  3  3  A   A   B . n 
B 1 4  G   4  4  4  G   G   B . n 
B 1 5  A   5  5  5  A   A   B . n 
B 1 6  A   6  6  6  A   A   B . n 
B 1 7  G   7  7  7  G   G   B . n 
B 1 8  A   8  8  8  A   A   B . n 
B 1 9  U   9  9  9  U   U   B . n 
B 1 10 C   10 10 10 C   C   B . n 
B 1 11 U   11 11 11 U   U   B . n 
B 1 12 U   12 12 12 U   U   B . n 
B 1 13 C   13 13 13 C   C   B . n 
B 1 14 U   14 14 14 U   U   B . n 
B 1 15 RSP 15 15 15 RSP RSP B . n 
B 1 16 U   16 16 16 U   U   B . n 
# 
_pdbx_entity_instance_feature.ordinal        1 
_pdbx_entity_instance_feature.comp_id        RSP 
_pdbx_entity_instance_feature.asym_id        ? 
_pdbx_entity_instance_feature.seq_num        ? 
_pdbx_entity_instance_feature.auth_comp_id   RSP 
_pdbx_entity_instance_feature.auth_asym_id   ? 
_pdbx_entity_instance_feature.auth_seq_num   ? 
_pdbx_entity_instance_feature.feature_type   'SUBJECT OF INVESTIGATION' 
_pdbx_entity_instance_feature.details        ? 
# 
loop_
_pdbx_nonpoly_scheme.asym_id 
_pdbx_nonpoly_scheme.entity_id 
_pdbx_nonpoly_scheme.mon_id 
_pdbx_nonpoly_scheme.ndb_seq_num 
_pdbx_nonpoly_scheme.pdb_seq_num 
_pdbx_nonpoly_scheme.auth_seq_num 
_pdbx_nonpoly_scheme.pdb_mon_id 
_pdbx_nonpoly_scheme.auth_mon_id 
_pdbx_nonpoly_scheme.pdb_strand_id 
_pdbx_nonpoly_scheme.pdb_ins_code 
C 2 HOH 1  101 61  HOH HOH A . 
C 2 HOH 2  102 68  HOH HOH A . 
C 2 HOH 3  103 129 HOH HOH A . 
C 2 HOH 4  104 84  HOH HOH A . 
C 2 HOH 5  105 83  HOH HOH A . 
C 2 HOH 6  106 93  HOH HOH A . 
C 2 HOH 7  107 81  HOH HOH A . 
C 2 HOH 8  108 18  HOH HOH A . 
C 2 HOH 9  109 101 HOH HOH A . 
C 2 HOH 10 110 102 HOH HOH A . 
C 2 HOH 11 111 80  HOH HOH A . 
C 2 HOH 12 112 136 HOH HOH A . 
C 2 HOH 13 113 85  HOH HOH A . 
C 2 HOH 14 114 14  HOH HOH A . 
C 2 HOH 15 115 56  HOH HOH A . 
C 2 HOH 16 116 47  HOH HOH A . 
C 2 HOH 17 117 113 HOH HOH A . 
C 2 HOH 18 118 62  HOH HOH A . 
C 2 HOH 19 119 98  HOH HOH A . 
C 2 HOH 20 120 39  HOH HOH A . 
C 2 HOH 21 121 40  HOH HOH A . 
C 2 HOH 22 122 100 HOH HOH A . 
C 2 HOH 23 123 133 HOH HOH A . 
C 2 HOH 24 124 104 HOH HOH A . 
C 2 HOH 25 125 48  HOH HOH A . 
C 2 HOH 26 126 24  HOH HOH A . 
C 2 HOH 27 127 15  HOH HOH A . 
C 2 HOH 28 128 50  HOH HOH A . 
C 2 HOH 29 129 97  HOH HOH A . 
C 2 HOH 30 130 137 HOH HOH A . 
C 2 HOH 31 131 38  HOH HOH A . 
C 2 HOH 32 132 43  HOH HOH A . 
C 2 HOH 33 133 42  HOH HOH A . 
C 2 HOH 34 134 54  HOH HOH A . 
C 2 HOH 35 135 124 HOH HOH A . 
C 2 HOH 36 136 55  HOH HOH A . 
C 2 HOH 37 137 41  HOH HOH A . 
C 2 HOH 38 138 3   HOH HOH A . 
C 2 HOH 39 139 49  HOH HOH A . 
C 2 HOH 40 140 108 HOH HOH A . 
C 2 HOH 41 141 138 HOH HOH A . 
C 2 HOH 42 142 4   HOH HOH A . 
C 2 HOH 43 143 1   HOH HOH A . 
C 2 HOH 44 144 63  HOH HOH A . 
C 2 HOH 45 145 99  HOH HOH A . 
C 2 HOH 46 146 16  HOH HOH A . 
C 2 HOH 47 147 111 HOH HOH A . 
C 2 HOH 48 148 134 HOH HOH A . 
C 2 HOH 49 149 125 HOH HOH A . 
C 2 HOH 50 150 17  HOH HOH A . 
C 2 HOH 51 151 23  HOH HOH A . 
C 2 HOH 52 152 2   HOH HOH A . 
C 2 HOH 53 153 19  HOH HOH A . 
C 2 HOH 54 154 115 HOH HOH A . 
C 2 HOH 55 155 57  HOH HOH A . 
C 2 HOH 56 156 109 HOH HOH A . 
C 2 HOH 57 157 112 HOH HOH A . 
C 2 HOH 58 158 107 HOH HOH A . 
C 2 HOH 59 159 127 HOH HOH A . 
C 2 HOH 60 160 44  HOH HOH A . 
C 2 HOH 61 161 25  HOH HOH A . 
C 2 HOH 62 162 135 HOH HOH A . 
C 2 HOH 63 163 126 HOH HOH A . 
C 2 HOH 64 164 128 HOH HOH A . 
C 2 HOH 65 165 90  HOH HOH A . 
C 2 HOH 66 166 67  HOH HOH A . 
D 2 HOH 1  101 60  HOH HOH B . 
D 2 HOH 2  102 110 HOH HOH B . 
D 2 HOH 3  103 119 HOH HOH B . 
D 2 HOH 4  104 27  HOH HOH B . 
D 2 HOH 5  105 122 HOH HOH B . 
D 2 HOH 6  106 73  HOH HOH B . 
D 2 HOH 7  107 79  HOH HOH B . 
D 2 HOH 8  108 20  HOH HOH B . 
D 2 HOH 9  109 76  HOH HOH B . 
D 2 HOH 10 110 91  HOH HOH B . 
D 2 HOH 11 111 106 HOH HOH B . 
D 2 HOH 12 112 87  HOH HOH B . 
D 2 HOH 13 113 86  HOH HOH B . 
D 2 HOH 14 114 33  HOH HOH B . 
D 2 HOH 15 115 69  HOH HOH B . 
D 2 HOH 16 116 32  HOH HOH B . 
D 2 HOH 17 117 30  HOH HOH B . 
D 2 HOH 18 118 78  HOH HOH B . 
D 2 HOH 19 119 36  HOH HOH B . 
D 2 HOH 20 120 120 HOH HOH B . 
D 2 HOH 21 121 12  HOH HOH B . 
D 2 HOH 22 122 21  HOH HOH B . 
D 2 HOH 23 123 46  HOH HOH B . 
D 2 HOH 24 124 6   HOH HOH B . 
D 2 HOH 25 125 116 HOH HOH B . 
D 2 HOH 26 126 92  HOH HOH B . 
D 2 HOH 27 127 130 HOH HOH B . 
D 2 HOH 28 128 8   HOH HOH B . 
D 2 HOH 29 129 59  HOH HOH B . 
D 2 HOH 30 130 10  HOH HOH B . 
D 2 HOH 31 131 75  HOH HOH B . 
D 2 HOH 32 132 117 HOH HOH B . 
D 2 HOH 33 133 34  HOH HOH B . 
D 2 HOH 34 134 5   HOH HOH B . 
D 2 HOH 35 135 7   HOH HOH B . 
D 2 HOH 36 136 132 HOH HOH B . 
D 2 HOH 37 137 26  HOH HOH B . 
D 2 HOH 38 138 66  HOH HOH B . 
D 2 HOH 39 139 77  HOH HOH B . 
D 2 HOH 40 140 65  HOH HOH B . 
D 2 HOH 41 141 22  HOH HOH B . 
D 2 HOH 42 142 11  HOH HOH B . 
D 2 HOH 43 143 64  HOH HOH B . 
D 2 HOH 44 144 131 HOH HOH B . 
D 2 HOH 45 145 9   HOH HOH B . 
D 2 HOH 46 146 72  HOH HOH B . 
D 2 HOH 47 147 45  HOH HOH B . 
D 2 HOH 48 148 28  HOH HOH B . 
D 2 HOH 49 149 52  HOH HOH B . 
D 2 HOH 50 150 70  HOH HOH B . 
D 2 HOH 51 151 58  HOH HOH B . 
D 2 HOH 52 152 74  HOH HOH B . 
D 2 HOH 53 153 105 HOH HOH B . 
D 2 HOH 54 154 118 HOH HOH B . 
D 2 HOH 55 155 37  HOH HOH B . 
D 2 HOH 56 156 31  HOH HOH B . 
D 2 HOH 57 157 13  HOH HOH B . 
D 2 HOH 58 158 114 HOH HOH B . 
D 2 HOH 59 159 29  HOH HOH B . 
D 2 HOH 60 160 53  HOH HOH B . 
D 2 HOH 61 161 51  HOH HOH B . 
D 2 HOH 62 162 123 HOH HOH B . 
D 2 HOH 63 163 35  HOH HOH B . 
D 2 HOH 64 164 121 HOH HOH B . 
D 2 HOH 65 165 94  HOH HOH B . 
D 2 HOH 66 166 71  HOH HOH B . 
D 2 HOH 67 167 89  HOH HOH B . 
D 2 HOH 68 168 96  HOH HOH B . 
D 2 HOH 69 169 103 HOH HOH B . 
D 2 HOH 70 170 82  HOH HOH B . 
D 2 HOH 71 171 95  HOH HOH B . 
D 2 HOH 72 172 88  HOH HOH B . 
# 
loop_
_software.citation_id 
_software.classification 
_software.compiler_name 
_software.compiler_version 
_software.contact_author 
_software.contact_author_email 
_software.date 
_software.description 
_software.dependencies 
_software.hardware 
_software.language 
_software.location 
_software.mods 
_software.name 
_software.os 
_software.os_version 
_software.type 
_software.version 
_software.pdbx_reference_DOI 
_software.pdbx_ordinal 
? refinement       ? ? ? ? ? ? ? ? ? ? ? REFMAC   ? ? ? 5.8.0425 ? 1 
? 'data reduction' ? ? ? ? ? ? ? ? ? ? ? HKL-2000 ? ? ? .        ? 2 
? 'data scaling'   ? ? ? ? ? ? ? ? ? ? ? HKL-2000 ? ? ? .        ? 3 
? phasing          ? ? ? ? ? ? ? ? ? ? ? PHASER   ? ? ? .        ? 4 
# 
_cell.angle_alpha                  90.000 
_cell.angle_alpha_esd              ? 
_cell.angle_beta                   90.000 
_cell.angle_beta_esd               ? 
_cell.angle_gamma                  120.000 
_cell.angle_gamma_esd              ? 
_cell.entry_id                     9OKY 
_cell.details                      ? 
_cell.formula_units_Z              ? 
_cell.length_a                     43.422 
_cell.length_a_esd                 ? 
_cell.length_b                     43.422 
_cell.length_b_esd                 ? 
_cell.length_c                     256.437 
_cell.length_c_esd                 ? 
_cell.volume                       ? 
_cell.volume_esd                   ? 
_cell.Z_PDB                        36 
_cell.reciprocal_angle_alpha       ? 
_cell.reciprocal_angle_beta        ? 
_cell.reciprocal_angle_gamma       ? 
_cell.reciprocal_angle_alpha_esd   ? 
_cell.reciprocal_angle_beta_esd    ? 
_cell.reciprocal_angle_gamma_esd   ? 
_cell.reciprocal_length_a          ? 
_cell.reciprocal_length_b          ? 
_cell.reciprocal_length_c          ? 
_cell.reciprocal_length_a_esd      ? 
_cell.reciprocal_length_b_esd      ? 
_cell.reciprocal_length_c_esd      ? 
_cell.pdbx_unique_axis             ? 
_cell.pdbx_esd_method              ? 
# 
_symmetry.entry_id                         9OKY 
_symmetry.cell_setting                     ? 
_symmetry.Int_Tables_number                155 
_symmetry.space_group_name_Hall            ? 
_symmetry.space_group_name_H-M             'H 3 2' 
_symmetry.pdbx_full_space_group_name_H-M   ? 
# 
_exptl.absorpt_coefficient_mu     ? 
_exptl.absorpt_correction_T_max   ? 
_exptl.absorpt_correction_T_min   ? 
_exptl.absorpt_correction_type    ? 
_exptl.absorpt_process_details    ? 
_exptl.entry_id                   9OKY 
_exptl.crystals_number            1 
_exptl.details                    ? 
_exptl.method                     'X-RAY DIFFRACTION' 
_exptl.method_details             ? 
# 
_exptl_crystal.colour                       ? 
_exptl_crystal.density_diffrn               ? 
_exptl_crystal.density_Matthews             2.28 
_exptl_crystal.density_method               ? 
_exptl_crystal.density_percent_sol          46.08 
_exptl_crystal.description                  ? 
_exptl_crystal.F_000                        ? 
_exptl_crystal.id                           1 
_exptl_crystal.preparation                  ? 
_exptl_crystal.size_max                     ? 
_exptl_crystal.size_mid                     ? 
_exptl_crystal.size_min                     ? 
_exptl_crystal.size_rad                     ? 
_exptl_crystal.colour_lustre                ? 
_exptl_crystal.colour_modifier              ? 
_exptl_crystal.colour_primary               ? 
_exptl_crystal.density_meas                 ? 
_exptl_crystal.density_meas_esd             ? 
_exptl_crystal.density_meas_gt              ? 
_exptl_crystal.density_meas_lt              ? 
_exptl_crystal.density_meas_temp            ? 
_exptl_crystal.density_meas_temp_esd        ? 
_exptl_crystal.density_meas_temp_gt         ? 
_exptl_crystal.density_meas_temp_lt         ? 
_exptl_crystal.pdbx_crystal_image_url       ? 
_exptl_crystal.pdbx_crystal_image_format    ? 
_exptl_crystal.pdbx_mosaicity               ? 
_exptl_crystal.pdbx_mosaicity_esd           ? 
_exptl_crystal.pdbx_mosaic_method           ? 
_exptl_crystal.pdbx_mosaic_block_size       ? 
_exptl_crystal.pdbx_mosaic_block_size_esd   ? 
# 
_exptl_crystal_grow.apparatus       ? 
_exptl_crystal_grow.atmosphere      ? 
_exptl_crystal_grow.crystal_id      1 
_exptl_crystal_grow.details         ? 
_exptl_crystal_grow.method          'VAPOR DIFFUSION, SITTING DROP' 
_exptl_crystal_grow.method_ref      ? 
_exptl_crystal_grow.pH              5.5 
_exptl_crystal_grow.pressure        ? 
_exptl_crystal_grow.pressure_esd    ? 
_exptl_crystal_grow.seeding         ? 
_exptl_crystal_grow.seeding_ref     ? 
_exptl_crystal_grow.temp_details    ? 
_exptl_crystal_grow.temp_esd        ? 
_exptl_crystal_grow.time            ? 
_exptl_crystal_grow.pdbx_details    '0.1 M BIS-TRIS pH 5.5, 2.0 M Ammonium sulfate' 
_exptl_crystal_grow.pdbx_pH_range   ? 
_exptl_crystal_grow.temp            293 
# 
_diffrn.ambient_environment              ? 
_diffrn.ambient_temp                     99 
_diffrn.ambient_temp_details             ? 
_diffrn.ambient_temp_esd                 ? 
_diffrn.crystal_id                       1 
_diffrn.crystal_support                  ? 
_diffrn.crystal_treatment                ? 
_diffrn.details                          ? 
_diffrn.id                               1 
_diffrn.ambient_pressure                 ? 
_diffrn.ambient_pressure_esd             ? 
_diffrn.ambient_pressure_gt              ? 
_diffrn.ambient_pressure_lt              ? 
_diffrn.ambient_temp_gt                  ? 
_diffrn.ambient_temp_lt                  ? 
_diffrn.pdbx_serial_crystal_experiment   N 
# 
_diffrn_detector.details                      ? 
_diffrn_detector.detector                     PIXEL 
_diffrn_detector.diffrn_id                    1 
_diffrn_detector.type                         'DECTRIS PILATUS3 2M' 
_diffrn_detector.area_resol_mean              ? 
_diffrn_detector.dtime                        ? 
_diffrn_detector.pdbx_frames_total            ? 
_diffrn_detector.pdbx_collection_time_total   ? 
_diffrn_detector.pdbx_collection_date         2024-06-28 
_diffrn_detector.pdbx_frequency               ? 
_diffrn_detector.id                           ? 
_diffrn_detector.number_of_axes               ? 
# 
_diffrn_radiation.collimation                      ? 
_diffrn_radiation.diffrn_id                        1 
_diffrn_radiation.filter_edge                      ? 
_diffrn_radiation.inhomogeneity                    ? 
_diffrn_radiation.monochromator                    ? 
_diffrn_radiation.polarisn_norm                    ? 
_diffrn_radiation.polarisn_ratio                   ? 
_diffrn_radiation.probe                            ? 
_diffrn_radiation.type                             ? 
_diffrn_radiation.xray_symbol                      ? 
_diffrn_radiation.wavelength_id                    1 
_diffrn_radiation.pdbx_monochromatic_or_laue_m_l   M 
_diffrn_radiation.pdbx_wavelength_list             ? 
_diffrn_radiation.pdbx_wavelength                  ? 
_diffrn_radiation.pdbx_diffrn_protocol             'SINGLE WAVELENGTH' 
_diffrn_radiation.pdbx_analyzer                    ? 
_diffrn_radiation.pdbx_scattering_type             x-ray 
# 
_diffrn_radiation_wavelength.id           1 
_diffrn_radiation_wavelength.wavelength   0.97648 
_diffrn_radiation_wavelength.wt           1.0 
# 
_diffrn_source.current                     ? 
_diffrn_source.details                     ? 
_diffrn_source.diffrn_id                   1 
_diffrn_source.power                       ? 
_diffrn_source.size                        ? 
_diffrn_source.source                      SYNCHROTRON 
_diffrn_source.target                      ? 
_diffrn_source.type                        'ALS BEAMLINE 5.0.3' 
_diffrn_source.voltage                     ? 
_diffrn_source.take-off_angle              ? 
_diffrn_source.pdbx_wavelength_list        0.97648 
_diffrn_source.pdbx_wavelength             ? 
_diffrn_source.pdbx_synchrotron_beamline   5.0.3 
_diffrn_source.pdbx_synchrotron_site       ALS 
# 
_reflns.B_iso_Wilson_estimate                          ? 
_reflns.entry_id                                       9OKY 
_reflns.data_reduction_details                         ? 
_reflns.data_reduction_method                          ? 
_reflns.d_resolution_high                              1.478 
_reflns.d_resolution_low                               50 
_reflns.details                                        ? 
_reflns.limit_h_max                                    ? 
_reflns.limit_h_min                                    ? 
_reflns.limit_k_max                                    ? 
_reflns.limit_k_min                                    ? 
_reflns.limit_l_max                                    ? 
_reflns.limit_l_min                                    ? 
_reflns.number_all                                     ? 
_reflns.number_obs                                     15145 
_reflns.observed_criterion                             ? 
_reflns.observed_criterion_F_max                       ? 
_reflns.observed_criterion_F_min                       ? 
_reflns.observed_criterion_I_max                       ? 
_reflns.observed_criterion_I_min                       ? 
_reflns.observed_criterion_sigma_F                     ? 
_reflns.observed_criterion_sigma_I                     ? 
_reflns.percent_possible_obs                           93.2 
_reflns.R_free_details                                 ? 
_reflns.Rmerge_F_all                                   ? 
_reflns.Rmerge_F_obs                                   ? 
_reflns.Friedel_coverage                               ? 
_reflns.number_gt                                      ? 
_reflns.threshold_expression                           ? 
_reflns.pdbx_redundancy                                8.2 
_reflns.pdbx_netI_over_av_sigmaI                       ? 
_reflns.pdbx_netI_over_sigmaI                          20.2 
_reflns.pdbx_res_netI_over_av_sigmaI_2                 ? 
_reflns.pdbx_res_netI_over_sigmaI_2                    ? 
_reflns.pdbx_chi_squared                               0.942 
_reflns.pdbx_scaling_rejects                           ? 
_reflns.pdbx_d_res_high_opt                            ? 
_reflns.pdbx_d_res_low_opt                             ? 
_reflns.pdbx_d_res_opt_method                          ? 
_reflns.phase_calculation_details                      ? 
_reflns.pdbx_Rrim_I_all                                0.075 
_reflns.pdbx_Rpim_I_all                                0.025 
_reflns.pdbx_d_opt                                     ? 
_reflns.pdbx_number_measured_all                       ? 
_reflns.pdbx_diffrn_id                                 1 
_reflns.pdbx_ordinal                                   1 
_reflns.pdbx_CC_half                                   0.989 
_reflns.pdbx_CC_star                                   0.997 
_reflns.pdbx_R_split                                   ? 
_reflns.pdbx_Rmerge_I_obs                              0.070 
_reflns.pdbx_Rmerge_I_all                              ? 
_reflns.pdbx_Rsym_value                                ? 
_reflns.pdbx_CC_split_method                           ? 
_reflns.pdbx_aniso_diffraction_limit_axis_1_ortho[1]   ? 
_reflns.pdbx_aniso_diffraction_limit_axis_1_ortho[2]   ? 
_reflns.pdbx_aniso_diffraction_limit_axis_1_ortho[3]   ? 
_reflns.pdbx_aniso_diffraction_limit_axis_2_ortho[1]   ? 
_reflns.pdbx_aniso_diffraction_limit_axis_2_ortho[2]   ? 
_reflns.pdbx_aniso_diffraction_limit_axis_2_ortho[3]   ? 
_reflns.pdbx_aniso_diffraction_limit_axis_3_ortho[1]   ? 
_reflns.pdbx_aniso_diffraction_limit_axis_3_ortho[2]   ? 
_reflns.pdbx_aniso_diffraction_limit_axis_3_ortho[3]   ? 
_reflns.pdbx_aniso_diffraction_limit_1                 ? 
_reflns.pdbx_aniso_diffraction_limit_2                 ? 
_reflns.pdbx_aniso_diffraction_limit_3                 ? 
_reflns.pdbx_aniso_B_tensor_eigenvector_1_ortho[1]     ? 
_reflns.pdbx_aniso_B_tensor_eigenvector_1_ortho[2]     ? 
_reflns.pdbx_aniso_B_tensor_eigenvector_1_ortho[3]     ? 
_reflns.pdbx_aniso_B_tensor_eigenvector_2_ortho[1]     ? 
_reflns.pdbx_aniso_B_tensor_eigenvector_2_ortho[2]     ? 
_reflns.pdbx_aniso_B_tensor_eigenvector_2_ortho[3]     ? 
_reflns.pdbx_aniso_B_tensor_eigenvector_3_ortho[1]     ? 
_reflns.pdbx_aniso_B_tensor_eigenvector_3_ortho[2]     ? 
_reflns.pdbx_aniso_B_tensor_eigenvector_3_ortho[3]     ? 
_reflns.pdbx_aniso_B_tensor_eigenvalue_1               ? 
_reflns.pdbx_aniso_B_tensor_eigenvalue_2               ? 
_reflns.pdbx_aniso_B_tensor_eigenvalue_3               ? 
_reflns.pdbx_orthogonalization_convention              ? 
_reflns.pdbx_percent_possible_ellipsoidal              ? 
_reflns.pdbx_percent_possible_spherical                ? 
_reflns.pdbx_percent_possible_ellipsoidal_anomalous    ? 
_reflns.pdbx_percent_possible_spherical_anomalous      ? 
_reflns.pdbx_redundancy_anomalous                      ? 
_reflns.pdbx_CC_half_anomalous                         ? 
_reflns.pdbx_absDiff_over_sigma_anomalous              ? 
_reflns.pdbx_percent_possible_anomalous                ? 
_reflns.pdbx_observed_signal_threshold                 ? 
_reflns.pdbx_signal_type                               ? 
_reflns.pdbx_signal_details                            ? 
_reflns.pdbx_signal_software_id                        ? 
# 
_reflns_shell.d_res_high                                    1.478 
_reflns_shell.d_res_low                                     1.51 
_reflns_shell.meanI_over_sigI_all                           ? 
_reflns_shell.meanI_over_sigI_obs                           2.7 
_reflns_shell.number_measured_all                           ? 
_reflns_shell.number_measured_obs                           ? 
_reflns_shell.number_possible                               ? 
_reflns_shell.number_unique_all                             ? 
_reflns_shell.number_unique_obs                             756 
_reflns_shell.percent_possible_obs                          ? 
_reflns_shell.Rmerge_F_all                                  ? 
_reflns_shell.Rmerge_F_obs                                  ? 
_reflns_shell.meanI_over_sigI_gt                            ? 
_reflns_shell.meanI_over_uI_all                             ? 
_reflns_shell.meanI_over_uI_gt                              ? 
_reflns_shell.number_measured_gt                            ? 
_reflns_shell.number_unique_gt                              ? 
_reflns_shell.percent_possible_gt                           ? 
_reflns_shell.Rmerge_F_gt                                   ? 
_reflns_shell.Rmerge_I_gt                                   ? 
_reflns_shell.pdbx_redundancy                               5.0 
_reflns_shell.pdbx_chi_squared                              0.810 
_reflns_shell.pdbx_netI_over_sigmaI_all                     ? 
_reflns_shell.pdbx_netI_over_sigmaI_obs                     ? 
_reflns_shell.pdbx_Rrim_I_all                               0.562 
_reflns_shell.pdbx_Rpim_I_all                               0.237 
_reflns_shell.pdbx_rejects                                  ? 
_reflns_shell.pdbx_ordinal                                  1 
_reflns_shell.pdbx_diffrn_id                                1 
_reflns_shell.pdbx_CC_half                                  0.866 
_reflns_shell.pdbx_CC_star                                  0.963 
_reflns_shell.pdbx_R_split                                  ? 
_reflns_shell.percent_possible_all                          93.6 
_reflns_shell.Rmerge_I_all                                  ? 
_reflns_shell.Rmerge_I_obs                                  0.506 
_reflns_shell.pdbx_Rsym_value                               ? 
_reflns_shell.pdbx_percent_possible_ellipsoidal             ? 
_reflns_shell.pdbx_percent_possible_spherical               ? 
_reflns_shell.pdbx_percent_possible_ellipsoidal_anomalous   ? 
_reflns_shell.pdbx_percent_possible_spherical_anomalous     ? 
_reflns_shell.pdbx_redundancy_anomalous                     ? 
_reflns_shell.pdbx_CC_half_anomalous                        ? 
_reflns_shell.pdbx_absDiff_over_sigma_anomalous             ? 
_reflns_shell.pdbx_percent_possible_anomalous               ? 
# 
_refine.aniso_B[1][1]                            -0.003 
_refine.aniso_B[1][2]                            -0.002 
_refine.aniso_B[1][3]                            0.000 
_refine.aniso_B[2][2]                            -0.003 
_refine.aniso_B[2][3]                            0.000 
_refine.aniso_B[3][3]                            0.010 
_refine.B_iso_max                                ? 
_refine.B_iso_mean                               12.195 
_refine.B_iso_min                                ? 
_refine.correlation_coeff_Fo_to_Fc               0.930 
_refine.correlation_coeff_Fo_to_Fc_free          0.919 
_refine.details                                  'Hydrogens have been added in their riding positions' 
_refine.diff_density_max                         ? 
_refine.diff_density_max_esd                     ? 
_refine.diff_density_min                         ? 
_refine.diff_density_min_esd                     ? 
_refine.diff_density_rms                         ? 
_refine.diff_density_rms_esd                     ? 
_refine.entry_id                                 9OKY 
_refine.pdbx_refine_id                           'X-RAY DIFFRACTION' 
_refine.ls_abs_structure_details                 ? 
_refine.ls_abs_structure_Flack                   ? 
_refine.ls_abs_structure_Flack_esd               ? 
_refine.ls_abs_structure_Rogers                  ? 
_refine.ls_abs_structure_Rogers_esd              ? 
_refine.ls_d_res_high                            1.478 
_refine.ls_d_res_low                             30.326 
_refine.ls_extinction_coef                       ? 
_refine.ls_extinction_coef_esd                   ? 
_refine.ls_extinction_expression                 ? 
_refine.ls_extinction_method                     ? 
_refine.ls_goodness_of_fit_all                   ? 
_refine.ls_goodness_of_fit_all_esd               ? 
_refine.ls_goodness_of_fit_obs                   ? 
_refine.ls_goodness_of_fit_obs_esd               ? 
_refine.ls_hydrogen_treatment                    ? 
_refine.ls_matrix_type                           ? 
_refine.ls_number_constraints                    ? 
_refine.ls_number_parameters                     ? 
_refine.ls_number_reflns_all                     ? 
_refine.ls_number_reflns_obs                     15039 
_refine.ls_number_reflns_R_free                  818 
_refine.ls_number_reflns_R_work                  14221 
_refine.ls_number_restraints                     ? 
_refine.ls_percent_reflns_obs                    92.377 
_refine.ls_percent_reflns_R_free                 5.439 
_refine.ls_R_factor_all                          0.222 
_refine.ls_R_factor_obs                          ? 
_refine.ls_R_factor_R_free                       0.2484 
_refine.ls_R_factor_R_free_error                 ? 
_refine.ls_R_factor_R_free_error_details         ? 
_refine.ls_R_factor_R_work                       0.2200 
_refine.ls_R_Fsqd_factor_obs                     ? 
_refine.ls_R_I_factor_obs                        ? 
_refine.ls_redundancy_reflns_all                 ? 
_refine.ls_redundancy_reflns_obs                 ? 
_refine.ls_restrained_S_all                      ? 
_refine.ls_restrained_S_obs                      ? 
_refine.ls_shift_over_esd_max                    ? 
_refine.ls_shift_over_esd_mean                   ? 
_refine.ls_structure_factor_coef                 ? 
_refine.ls_weighting_details                     ? 
_refine.ls_weighting_scheme                      ? 
_refine.ls_wR_factor_all                         ? 
_refine.ls_wR_factor_obs                         ? 
_refine.ls_wR_factor_R_free                      ? 
_refine.ls_wR_factor_R_work                      ? 
_refine.occupancy_max                            ? 
_refine.occupancy_min                            ? 
_refine.solvent_model_details                    'MASK BULK SOLVENT' 
_refine.solvent_model_param_bsol                 ? 
_refine.solvent_model_param_ksol                 ? 
_refine.correlation_coeff_I_to_Fcsqd_work        ? 
_refine.correlation_coeff_I_to_Fcsqd_free        ? 
_refine.pdbx_R_complete                          ? 
_refine.ls_R_factor_gt                           ? 
_refine.ls_goodness_of_fit_gt                    ? 
_refine.ls_goodness_of_fit_ref                   ? 
_refine.ls_shift_over_su_max                     ? 
_refine.ls_shift_over_su_max_lt                  ? 
_refine.ls_shift_over_su_mean                    ? 
_refine.ls_shift_over_su_mean_lt                 ? 
_refine.pdbx_ls_sigma_I                          ? 
_refine.pdbx_ls_sigma_F                          ? 
_refine.pdbx_ls_sigma_Fsqd                       ? 
_refine.pdbx_data_cutoff_high_absF               ? 
_refine.pdbx_data_cutoff_high_rms_absF           ? 
_refine.pdbx_data_cutoff_low_absF                ? 
_refine.pdbx_isotropic_thermal_model             ? 
_refine.pdbx_ls_cross_valid_method               THROUGHOUT 
_refine.pdbx_method_to_determine_struct          'MOLECULAR REPLACEMENT' 
_refine.pdbx_starting_model                      ? 
_refine.pdbx_stereochemistry_target_values       ? 
_refine.pdbx_R_Free_selection_details            ? 
_refine.pdbx_stereochem_target_val_spec_case     ? 
_refine.pdbx_overall_ESU_R                       0.092 
_refine.pdbx_overall_ESU_R_Free                  0.092 
_refine.pdbx_solvent_vdw_probe_radii             1.200 
_refine.pdbx_solvent_ion_probe_radii             0.800 
_refine.pdbx_solvent_shrinkage_radii             0.800 
_refine.pdbx_real_space_R                        ? 
_refine.pdbx_density_correlation                 ? 
_refine.pdbx_pd_number_of_powder_patterns        ? 
_refine.pdbx_pd_number_of_points                 ? 
_refine.pdbx_pd_meas_number_of_points            ? 
_refine.pdbx_pd_proc_ls_prof_R_factor            ? 
_refine.pdbx_pd_proc_ls_prof_wR_factor           ? 
_refine.pdbx_pd_Marquardt_correlation_coeff      ? 
_refine.pdbx_pd_Fsqrd_R_factor                   ? 
_refine.pdbx_pd_ls_matrix_band_width             ? 
_refine.pdbx_overall_phase_error                 ? 
_refine.pdbx_overall_SU_R_free_Cruickshank_DPI   ? 
_refine.pdbx_overall_SU_R_free_Blow_DPI          ? 
_refine.pdbx_overall_SU_R_Blow_DPI               ? 
_refine.pdbx_TLS_residual_ADP_flag               ? 
_refine.pdbx_diffrn_id                           1 
_refine.overall_SU_B                             1.456 
_refine.overall_SU_ML                            0.055 
_refine.overall_SU_R_Cruickshank_DPI             ? 
_refine.overall_SU_R_free                        ? 
_refine.overall_FOM_free_R_set                   ? 
_refine.overall_FOM_work_R_set                   ? 
_refine.pdbx_average_fsc_overall                 ? 
_refine.pdbx_average_fsc_work                    ? 
_refine.pdbx_average_fsc_free                    ? 
# 
_refine_hist.pdbx_refine_id                   'X-RAY DIFFRACTION' 
_refine_hist.cycle_id                         LAST 
_refine_hist.pdbx_number_atoms_protein        0 
_refine_hist.pdbx_number_atoms_nucleic_acid   670 
_refine_hist.pdbx_number_atoms_ligand         0 
_refine_hist.number_atoms_solvent             138 
_refine_hist.number_atoms_total               808 
_refine_hist.d_res_high                       1.478 
_refine_hist.d_res_low                        30.326 
# 
loop_
_refine_ls_restr.pdbx_refine_id 
_refine_ls_restr.criterion 
_refine_ls_restr.dev_ideal 
_refine_ls_restr.dev_ideal_target 
_refine_ls_restr.number 
_refine_ls_restr.rejects 
_refine_ls_restr.type 
_refine_ls_restr.weight 
_refine_ls_restr.pdbx_Zscore 
_refine_ls_restr.pdbx_restraint_function 
'X-RAY DIFFRACTION' ? 0.012 0.011  748  ? r_bond_refined_d               ? ? ? 
'X-RAY DIFFRACTION' ? 0.002 0.019  312  ? r_bond_other_d                 ? ? ? 
'X-RAY DIFFRACTION' ? 2.212 1.897  1160 ? r_angle_refined_deg            ? ? ? 
'X-RAY DIFFRACTION' ? 0.719 1.728  762  ? r_angle_other_deg              ? ? ? 
'X-RAY DIFFRACTION' ? 0.074 5.000  20   ? r_dihedral_angle_other_2_deg   ? ? ? 
'X-RAY DIFFRACTION' ? 0.109 0.200  156  ? r_chiral_restr                 ? ? ? 
'X-RAY DIFFRACTION' ? 0.022 0.020  366  ? r_gen_planes_refined           ? ? ? 
'X-RAY DIFFRACTION' ? 0.001 0.020  118  ? r_gen_planes_other             ? ? ? 
'X-RAY DIFFRACTION' ? 0.094 0.200  77   ? r_nbd_refined                  ? ? ? 
'X-RAY DIFFRACTION' ? 0.185 0.200  408  ? r_symmetry_nbd_other           ? ? ? 
'X-RAY DIFFRACTION' ? 0.251 0.200  281  ? r_nbtor_refined                ? ? ? 
'X-RAY DIFFRACTION' ? 0.083 0.200  202  ? r_symmetry_nbtor_other         ? ? ? 
'X-RAY DIFFRACTION' ? 0.193 0.200  101  ? r_xyhbond_nbd_refined          ? ? ? 
'X-RAY DIFFRACTION' ? 0.160 0.200  11   ? r_symmetry_nbd_refined         ? ? ? 
'X-RAY DIFFRACTION' ? 0.180 0.200  78   ? r_nbd_other                    ? ? ? 
'X-RAY DIFFRACTION' ? 0.185 0.200  30   ? r_symmetry_xyhbond_nbd_refined ? ? ? 
'X-RAY DIFFRACTION' ? 1.542 1.388  748  ? r_scbond_it                    ? ? ? 
'X-RAY DIFFRACTION' ? 1.541 1.388  749  ? r_scbond_other                 ? ? ? 
'X-RAY DIFFRACTION' ? 2.236 2.532  1160 ? r_scangle_it                   ? ? ? 
'X-RAY DIFFRACTION' ? 2.235 2.532  1161 ? r_scangle_other                ? ? ? 
'X-RAY DIFFRACTION' ? 4.906 17.747 1044 ? r_lrange_it                    ? ? ? 
'X-RAY DIFFRACTION' ? 4.669 17.581 1021 ? r_lrange_other                 ? ? ? 
# 
loop_
_refine_ls_shell.pdbx_refine_id 
_refine_ls_shell.d_res_high 
_refine_ls_shell.d_res_low 
_refine_ls_shell.number_reflns_all 
_refine_ls_shell.number_reflns_obs 
_refine_ls_shell.number_reflns_R_free 
_refine_ls_shell.number_reflns_R_work 
_refine_ls_shell.percent_reflns_obs 
_refine_ls_shell.percent_reflns_R_free 
_refine_ls_shell.R_factor_all 
_refine_ls_shell.R_factor_obs 
_refine_ls_shell.R_factor_R_free_error 
_refine_ls_shell.R_factor_R_work 
_refine_ls_shell.redundancy_reflns_all 
_refine_ls_shell.redundancy_reflns_obs 
_refine_ls_shell.wR_factor_all 
_refine_ls_shell.wR_factor_obs 
_refine_ls_shell.wR_factor_R_free 
_refine_ls_shell.wR_factor_R_work 
_refine_ls_shell.pdbx_R_complete 
_refine_ls_shell.correlation_coeff_Fo_to_Fc 
_refine_ls_shell.correlation_coeff_Fo_to_Fc_free 
_refine_ls_shell.correlation_coeff_I_to_Fcsqd_work 
_refine_ls_shell.correlation_coeff_I_to_Fcsqd_free 
_refine_ls_shell.pdbx_total_number_of_bins_used 
_refine_ls_shell.pdbx_phase_error 
_refine_ls_shell.pdbx_fsc_work 
_refine_ls_shell.pdbx_fsc_free 
_refine_ls_shell.R_factor_R_free 
'X-RAY DIFFRACTION' 1.478 1.516  . . 62 971  87.3204  . . . . 0.283 . . . . . . . . . . . . . . . 0.351 
'X-RAY DIFFRACTION' 1.516 1.558  . . 57 1057 97.8910  . . . . 0.253 . . . . . . . . . . . . . . . 0.286 
'X-RAY DIFFRACTION' 1.558 1.603  . . 61 1060 99.7331  . . . . 0.223 . . . . . . . . . . . . . . . 0.239 
'X-RAY DIFFRACTION' 1.603 1.652  . . 57 1019 99.7220  . . . . 0.223 . . . . . . . . . . . . . . . 0.272 
'X-RAY DIFFRACTION' 1.652 1.706  . . 57 981  99.5206  . . . . 0.211 . . . . . . . . . . . . . . . 0.274 
'X-RAY DIFFRACTION' 1.706 1.766  . . 52 964  99.8035  . . . . 0.193 . . . . . . . . . . . . . . . 0.209 
'X-RAY DIFFRACTION' 1.766 1.832  . . 51 948  99.8002  . . . . 0.192 . . . . . . . . . . . . . . . 0.232 
'X-RAY DIFFRACTION' 1.832 1.906  . . 36 627  70.3075  . . . . 0.234 . . . . . . . . . . . . . . . 0.309 
'X-RAY DIFFRACTION' 1.906 1.991  . . 41 752  86.0087  . . . . .     . . . . . . . . . . . . . . . 0.207 
'X-RAY DIFFRACTION' 1.991 2.088  . . 44 811  97.8261  . . . . 0.220 . . . . . . . . . . . . . . . 0.220 
'X-RAY DIFFRACTION' 2.088 2.200  . . 50 731  93.1981  . . . . 0.213 . . . . . . . . . . . . . . . 0.297 
'X-RAY DIFFRACTION' 2.200 2.333  . . 27 402  54.5108  . . . . 0.217 . . . . . . . . . . . . . . . 0.253 
'X-RAY DIFFRACTION' 2.333 2.493  . . 44 713  100.0000 . . . . .     . . . . . . . . . . . . . . . 0.176 
'X-RAY DIFFRACTION' 2.493 2.691  . . 33 684  99.7218  . . . . 0.194 . . . . . . . . . . . . . . . 0.295 
'X-RAY DIFFRACTION' 2.691 2.945  . . 36 602  99.2224  . . . . 0.222 . . . . . . . . . . . . . . . 0.277 
'X-RAY DIFFRACTION' 2.945 3.289  . . 30 548  96.1730  . . . . 0.213 . . . . . . . . . . . . . . . 0.219 
'X-RAY DIFFRACTION' 3.289 3.791  . . 27 395  80.2281  . . . . 0.259 . . . . . . . . . . . . . . . 0.300 
'X-RAY DIFFRACTION' 3.791 4.624  . . 20 378  85.7759  . . . . .     . . . . . . . . . . . . . . . 0.231 
'X-RAY DIFFRACTION' 4.624 6.465  . . 16 355  100.0000 . . . . 0.153 . . . . . . . . . . . . . . . 0.205 
'X-RAY DIFFRACTION' 6.465 30.326 . . 17 223  98.3607  . . . . .     . . . . . . . . . . . . . . . 0.183 
# 
_struct.entry_id                     9OKY 
_struct.title                        '16mer self-complementary duplex RNA with dG:s(2)C pair sequence 1' 
_struct.pdbx_model_details           ? 
_struct.pdbx_formula_weight          ? 
_struct.pdbx_formula_weight_method   ? 
_struct.pdbx_model_type_details      ? 
_struct.pdbx_CASP_flag               N 
# 
_struct_keywords.entry_id        9OKY 
_struct_keywords.text            'Deoxyribo-purine, 2-thiocytidine, RNA duplex, Origin of Life, RNA' 
_struct_keywords.pdbx_keywords   RNA 
# 
loop_
_struct_asym.id 
_struct_asym.pdbx_blank_PDB_chainid_flag 
_struct_asym.pdbx_modified 
_struct_asym.entity_id 
_struct_asym.details 
A N N 1 ? 
B N N 1 ? 
C N N 2 ? 
D N N 2 ? 
# 
_struct_ref.id                         1 
_struct_ref.db_name                    PDB 
_struct_ref.db_code                    9OKY 
_struct_ref.pdbx_db_accession          9OKY 
_struct_ref.pdbx_db_isoform            ? 
_struct_ref.entity_id                  1 
_struct_ref.pdbx_seq_one_letter_code   ? 
_struct_ref.pdbx_align_begin           1 
# 
loop_
_struct_ref_seq.align_id 
_struct_ref_seq.ref_id 
_struct_ref_seq.pdbx_PDB_id_code 
_struct_ref_seq.pdbx_strand_id 
_struct_ref_seq.seq_align_beg 
_struct_ref_seq.pdbx_seq_align_beg_ins_code 
_struct_ref_seq.seq_align_end 
_struct_ref_seq.pdbx_seq_align_end_ins_code 
_struct_ref_seq.pdbx_db_accession 
_struct_ref_seq.db_align_beg 
_struct_ref_seq.pdbx_db_align_beg_ins_code 
_struct_ref_seq.db_align_end 
_struct_ref_seq.pdbx_db_align_end_ins_code 
_struct_ref_seq.pdbx_auth_seq_align_beg 
_struct_ref_seq.pdbx_auth_seq_align_end 
1 1 9OKY A 1 ? 16 ? 9OKY 1 ? 16 ? 1 16 
2 1 9OKY B 1 ? 16 ? 9OKY 1 ? 16 ? 1 16 
# 
_pdbx_struct_assembly.id                   1 
_pdbx_struct_assembly.details              author_defined_assembly 
_pdbx_struct_assembly.method_details       ? 
_pdbx_struct_assembly.oligomeric_details   dimeric 
_pdbx_struct_assembly.oligomeric_count     2 
# 
_pdbx_struct_assembly_gen.assembly_id       1 
_pdbx_struct_assembly_gen.oper_expression   1 
_pdbx_struct_assembly_gen.asym_id_list      A,B,C,D 
# 
_pdbx_struct_assembly_auth_evidence.id                     1 
_pdbx_struct_assembly_auth_evidence.assembly_id            1 
_pdbx_struct_assembly_auth_evidence.experimental_support   none 
_pdbx_struct_assembly_auth_evidence.details                ? 
# 
_pdbx_struct_oper_list.id                   1 
_pdbx_struct_oper_list.type                 'identity operation' 
_pdbx_struct_oper_list.name                 1_555 
_pdbx_struct_oper_list.symmetry_operation   x,y,z 
_pdbx_struct_oper_list.matrix[1][1]         1.0000000000 
_pdbx_struct_oper_list.matrix[1][2]         0.0000000000 
_pdbx_struct_oper_list.matrix[1][3]         0.0000000000 
_pdbx_struct_oper_list.vector[1]            0.0000000000 
_pdbx_struct_oper_list.matrix[2][1]         0.0000000000 
_pdbx_struct_oper_list.matrix[2][2]         1.0000000000 
_pdbx_struct_oper_list.matrix[2][3]         0.0000000000 
_pdbx_struct_oper_list.vector[2]            0.0000000000 
_pdbx_struct_oper_list.matrix[3][1]         0.0000000000 
_pdbx_struct_oper_list.matrix[3][2]         0.0000000000 
_pdbx_struct_oper_list.matrix[3][3]         1.0000000000 
_pdbx_struct_oper_list.vector[3]            0.0000000000 
# 
loop_
_struct_conn.id 
_struct_conn.conn_type_id 
_struct_conn.pdbx_leaving_atom_flag 
_struct_conn.pdbx_PDB_id 
_struct_conn.ptnr1_label_asym_id 
_struct_conn.ptnr1_label_comp_id 
_struct_conn.ptnr1_label_seq_id 
_struct_conn.ptnr1_label_atom_id 
_struct_conn.pdbx_ptnr1_label_alt_id 
_struct_conn.pdbx_ptnr1_PDB_ins_code 
_struct_conn.pdbx_ptnr1_standard_comp_id 
_struct_conn.ptnr1_symmetry 
_struct_conn.ptnr2_label_asym_id 
_struct_conn.ptnr2_label_comp_id 
_struct_conn.ptnr2_label_seq_id 
_struct_conn.ptnr2_label_atom_id 
_struct_conn.pdbx_ptnr2_label_alt_id 
_struct_conn.pdbx_ptnr2_PDB_ins_code 
_struct_conn.ptnr1_auth_asym_id 
_struct_conn.ptnr1_auth_comp_id 
_struct_conn.ptnr1_auth_seq_id 
_struct_conn.ptnr2_auth_asym_id 
_struct_conn.ptnr2_auth_comp_id 
_struct_conn.ptnr2_auth_seq_id 
_struct_conn.ptnr2_symmetry 
_struct_conn.pdbx_ptnr3_label_atom_id 
_struct_conn.pdbx_ptnr3_label_seq_id 
_struct_conn.pdbx_ptnr3_label_comp_id 
_struct_conn.pdbx_ptnr3_label_asym_id 
_struct_conn.pdbx_ptnr3_label_alt_id 
_struct_conn.pdbx_ptnr3_PDB_ins_code 
_struct_conn.details 
_struct_conn.pdbx_dist_value 
_struct_conn.pdbx_value_order 
_struct_conn.pdbx_role 
covale1  covale both ? A U   14 "O3'" ? ? ? 1_555 A RSP 15 P  ? ? A U   14 A RSP 15 1_555 ? ? ? ? ? ? ?                1.600 ? ? 
covale2  covale both ? A RSP 15 "O3'" ? ? ? 1_555 A U   16 P  ? ? A RSP 15 A U   16 1_555 ? ? ? ? ? ? ?                1.612 ? ? 
covale3  covale both ? B U   14 "O3'" ? ? ? 1_555 B RSP 15 P  ? ? B U   14 B RSP 15 1_555 ? ? ? ? ? ? ?                1.580 ? ? 
covale4  covale both ? B RSP 15 "O3'" ? ? ? 1_555 B U   16 P  ? ? B RSP 15 B U   16 1_555 ? ? ? ? ? ? ?                1.608 ? ? 
hydrog1  hydrog ?    ? A A   1  N1    ? ? ? 1_555 B U   16 N3 ? ? A A   1  B U   16 1_555 ? ? ? ? ? ? WATSON-CRICK     ?     ? ? 
hydrog2  hydrog ?    ? A A   1  N6    ? ? ? 1_555 B U   16 O4 ? ? A A   1  B U   16 1_555 ? ? ? ? ? ? WATSON-CRICK     ?     ? ? 
hydrog3  hydrog ?    ? A DG  2  O6    ? ? ? 1_555 B RSP 15 N4 ? ? A DG  2  B RSP 15 1_555 ? ? ? ? ? ? 'DG-RSP MISPAIR' ?     ? ? 
hydrog4  hydrog ?    ? A A   3  N1    ? ? ? 1_555 B U   14 N3 ? ? A A   3  B U   14 1_555 ? ? ? ? ? ? WATSON-CRICK     ?     ? ? 
hydrog5  hydrog ?    ? A A   3  N6    ? ? ? 1_555 B U   14 O4 ? ? A A   3  B U   14 1_555 ? ? ? ? ? ? WATSON-CRICK     ?     ? ? 
hydrog6  hydrog ?    ? A G   4  N1    ? ? ? 1_555 B C   13 N3 ? ? A G   4  B C   13 1_555 ? ? ? ? ? ? WATSON-CRICK     ?     ? ? 
hydrog7  hydrog ?    ? A G   4  N2    ? ? ? 1_555 B C   13 O2 ? ? A G   4  B C   13 1_555 ? ? ? ? ? ? WATSON-CRICK     ?     ? ? 
hydrog8  hydrog ?    ? A G   4  O6    ? ? ? 1_555 B C   13 N4 ? ? A G   4  B C   13 1_555 ? ? ? ? ? ? WATSON-CRICK     ?     ? ? 
hydrog9  hydrog ?    ? A A   5  N1    ? ? ? 1_555 B U   12 N3 ? ? A A   5  B U   12 1_555 ? ? ? ? ? ? WATSON-CRICK     ?     ? ? 
hydrog10 hydrog ?    ? A A   5  N6    ? ? ? 1_555 B U   12 O4 ? ? A A   5  B U   12 1_555 ? ? ? ? ? ? WATSON-CRICK     ?     ? ? 
hydrog11 hydrog ?    ? A A   6  N1    ? ? ? 1_555 B U   11 N3 ? ? A A   6  B U   11 1_555 ? ? ? ? ? ? WATSON-CRICK     ?     ? ? 
hydrog12 hydrog ?    ? A A   6  N6    ? ? ? 1_555 B U   11 O4 ? ? A A   6  B U   11 1_555 ? ? ? ? ? ? WATSON-CRICK     ?     ? ? 
hydrog13 hydrog ?    ? A G   7  N1    ? ? ? 1_555 B C   10 N3 ? ? A G   7  B C   10 1_555 ? ? ? ? ? ? WATSON-CRICK     ?     ? ? 
hydrog14 hydrog ?    ? A G   7  N2    ? ? ? 1_555 B C   10 O2 ? ? A G   7  B C   10 1_555 ? ? ? ? ? ? WATSON-CRICK     ?     ? ? 
hydrog15 hydrog ?    ? A G   7  O6    ? ? ? 1_555 B C   10 N4 ? ? A G   7  B C   10 1_555 ? ? ? ? ? ? WATSON-CRICK     ?     ? ? 
hydrog16 hydrog ?    ? A A   8  N1    ? ? ? 1_555 B U   9  N3 ? ? A A   8  B U   9  1_555 ? ? ? ? ? ? WATSON-CRICK     ?     ? ? 
hydrog17 hydrog ?    ? A A   8  N6    ? ? ? 1_555 B U   9  O4 ? ? A A   8  B U   9  1_555 ? ? ? ? ? ? WATSON-CRICK     ?     ? ? 
hydrog18 hydrog ?    ? A U   9  N3    ? ? ? 1_555 B A   8  N1 ? ? A U   9  B A   8  1_555 ? ? ? ? ? ? WATSON-CRICK     ?     ? ? 
hydrog19 hydrog ?    ? A U   9  O4    ? ? ? 1_555 B A   8  N6 ? ? A U   9  B A   8  1_555 ? ? ? ? ? ? WATSON-CRICK     ?     ? ? 
hydrog20 hydrog ?    ? A C   10 N3    ? ? ? 1_555 B G   7  N1 ? ? A C   10 B G   7  1_555 ? ? ? ? ? ? WATSON-CRICK     ?     ? ? 
hydrog21 hydrog ?    ? A C   10 N4    ? ? ? 1_555 B G   7  O6 ? ? A C   10 B G   7  1_555 ? ? ? ? ? ? WATSON-CRICK     ?     ? ? 
hydrog22 hydrog ?    ? A C   10 O2    ? ? ? 1_555 B G   7  N2 ? ? A C   10 B G   7  1_555 ? ? ? ? ? ? WATSON-CRICK     ?     ? ? 
hydrog23 hydrog ?    ? A U   11 N3    ? ? ? 1_555 B A   6  N1 ? ? A U   11 B A   6  1_555 ? ? ? ? ? ? WATSON-CRICK     ?     ? ? 
hydrog24 hydrog ?    ? A U   11 O4    ? ? ? 1_555 B A   6  N6 ? ? A U   11 B A   6  1_555 ? ? ? ? ? ? WATSON-CRICK     ?     ? ? 
hydrog25 hydrog ?    ? A U   12 N3    ? ? ? 1_555 B A   5  N1 ? ? A U   12 B A   5  1_555 ? ? ? ? ? ? WATSON-CRICK     ?     ? ? 
hydrog26 hydrog ?    ? A U   12 O4    ? ? ? 1_555 B A   5  N6 ? ? A U   12 B A   5  1_555 ? ? ? ? ? ? WATSON-CRICK     ?     ? ? 
hydrog27 hydrog ?    ? A C   13 N3    ? ? ? 1_555 B G   4  N1 ? ? A C   13 B G   4  1_555 ? ? ? ? ? ? WATSON-CRICK     ?     ? ? 
hydrog28 hydrog ?    ? A C   13 N4    ? ? ? 1_555 B G   4  O6 ? ? A C   13 B G   4  1_555 ? ? ? ? ? ? WATSON-CRICK     ?     ? ? 
hydrog29 hydrog ?    ? A C   13 O2    ? ? ? 1_555 B G   4  N2 ? ? A C   13 B G   4  1_555 ? ? ? ? ? ? WATSON-CRICK     ?     ? ? 
hydrog30 hydrog ?    ? A U   14 N3    ? ? ? 1_555 B A   3  N1 ? ? A U   14 B A   3  1_555 ? ? ? ? ? ? WATSON-CRICK     ?     ? ? 
hydrog31 hydrog ?    ? A U   14 O4    ? ? ? 1_555 B A   3  N6 ? ? A U   14 B A   3  1_555 ? ? ? ? ? ? WATSON-CRICK     ?     ? ? 
hydrog32 hydrog ?    ? A RSP 15 N4    ? ? ? 1_555 B DG  2  O6 ? ? A RSP 15 B DG  2  1_555 ? ? ? ? ? ? 'RSP-DG MISPAIR' ?     ? ? 
hydrog33 hydrog ?    ? A U   16 N3    ? ? ? 1_555 B A   1  N1 ? ? A U   16 B A   1  1_555 ? ? ? ? ? ? WATSON-CRICK     ?     ? ? 
hydrog34 hydrog ?    ? A U   16 O4    ? ? ? 1_555 B A   1  N6 ? ? A U   16 B A   1  1_555 ? ? ? ? ? ? WATSON-CRICK     ?     ? ? 
# 
loop_
_struct_conn_type.id 
_struct_conn_type.criteria 
_struct_conn_type.reference 
covale ? ? 
hydrog ? ? 
# 
_pdbx_entry_details.entry_id                   9OKY 
_pdbx_entry_details.nonpolymer_details         ? 
_pdbx_entry_details.sequence_details           ? 
_pdbx_entry_details.compound_details           ? 
_pdbx_entry_details.source_details             ? 
_pdbx_entry_details.has_ligand_of_interest     Y 
_pdbx_entry_details.has_protein_modification   N 
# 
loop_
_pdbx_validate_close_contact.id 
_pdbx_validate_close_contact.PDB_model_num 
_pdbx_validate_close_contact.auth_atom_id_1 
_pdbx_validate_close_contact.auth_asym_id_1 
_pdbx_validate_close_contact.auth_comp_id_1 
_pdbx_validate_close_contact.auth_seq_id_1 
_pdbx_validate_close_contact.PDB_ins_code_1 
_pdbx_validate_close_contact.label_alt_id_1 
_pdbx_validate_close_contact.auth_atom_id_2 
_pdbx_validate_close_contact.auth_asym_id_2 
_pdbx_validate_close_contact.auth_comp_id_2 
_pdbx_validate_close_contact.auth_seq_id_2 
_pdbx_validate_close_contact.PDB_ins_code_2 
_pdbx_validate_close_contact.label_alt_id_2 
_pdbx_validate_close_contact.dist 
1 1 O  B HOH 137 ? ? O B HOH 169 ? ? 1.96 
2 1 O  B HOH 106 ? ? O B HOH 159 ? ? 2.11 
3 1 N7 B A   1   ? ? O B HOH 101 ? ? 2.19 
# 
_pdbx_validate_symm_contact.id                1 
_pdbx_validate_symm_contact.PDB_model_num     1 
_pdbx_validate_symm_contact.auth_atom_id_1    O 
_pdbx_validate_symm_contact.auth_asym_id_1    B 
_pdbx_validate_symm_contact.auth_comp_id_1    HOH 
_pdbx_validate_symm_contact.auth_seq_id_1     171 
_pdbx_validate_symm_contact.PDB_ins_code_1    ? 
_pdbx_validate_symm_contact.label_alt_id_1    ? 
_pdbx_validate_symm_contact.site_symmetry_1   1_555 
_pdbx_validate_symm_contact.auth_atom_id_2    O 
_pdbx_validate_symm_contact.auth_asym_id_2    B 
_pdbx_validate_symm_contact.auth_comp_id_2    HOH 
_pdbx_validate_symm_contact.auth_seq_id_2     171 
_pdbx_validate_symm_contact.PDB_ins_code_2    ? 
_pdbx_validate_symm_contact.label_alt_id_2    ? 
_pdbx_validate_symm_contact.site_symmetry_2   2_565 
_pdbx_validate_symm_contact.dist              1.95 
# 
loop_
_pdbx_validate_rmsd_angle.id 
_pdbx_validate_rmsd_angle.PDB_model_num 
_pdbx_validate_rmsd_angle.auth_atom_id_1 
_pdbx_validate_rmsd_angle.auth_asym_id_1 
_pdbx_validate_rmsd_angle.auth_comp_id_1 
_pdbx_validate_rmsd_angle.auth_seq_id_1 
_pdbx_validate_rmsd_angle.PDB_ins_code_1 
_pdbx_validate_rmsd_angle.label_alt_id_1 
_pdbx_validate_rmsd_angle.auth_atom_id_2 
_pdbx_validate_rmsd_angle.auth_asym_id_2 
_pdbx_validate_rmsd_angle.auth_comp_id_2 
_pdbx_validate_rmsd_angle.auth_seq_id_2 
_pdbx_validate_rmsd_angle.PDB_ins_code_2 
_pdbx_validate_rmsd_angle.label_alt_id_2 
_pdbx_validate_rmsd_angle.auth_atom_id_3 
_pdbx_validate_rmsd_angle.auth_asym_id_3 
_pdbx_validate_rmsd_angle.auth_comp_id_3 
_pdbx_validate_rmsd_angle.auth_seq_id_3 
_pdbx_validate_rmsd_angle.PDB_ins_code_3 
_pdbx_validate_rmsd_angle.label_alt_id_3 
_pdbx_validate_rmsd_angle.angle_value 
_pdbx_validate_rmsd_angle.angle_target_value 
_pdbx_validate_rmsd_angle.angle_deviation 
_pdbx_validate_rmsd_angle.angle_standard_deviation 
_pdbx_validate_rmsd_angle.linker_flag 
1 1 N1    A G 7  ? ? C6 A G   7  ? ? O6  A G   7  ? ? 123.76 119.90 3.86  0.60 N 
2 1 C5    A G 7  ? ? C6 A G   7  ? ? O6  A G   7  ? ? 124.15 128.60 -4.45 0.60 N 
3 1 "O3'" A A 8  ? ? P  A U   9  ? ? OP2 A U   9  ? ? 118.29 110.50 7.79  1.10 Y 
4 1 "O3'" A C 13 ? ? P  A U   14 ? ? OP2 A U   14 ? ? 117.67 110.50 7.17  1.10 Y 
5 1 "O3'" A U 14 ? ? P  A RSP 15 ? ? OP2 A RSP 15 ? ? 118.60 110.50 8.10  1.10 Y 
6 1 "O5'" B G 4  ? ? P  B G   4  ? ? OP2 B G   4  ? ? 99.31  105.70 -6.39 0.90 N 
7 1 "O3'" B C 13 ? ? P  B U   14 ? ? OP2 B U   14 ? ? 119.83 110.50 9.33  1.10 Y 
8 1 "O3'" B U 14 ? ? P  B RSP 15 ? ? OP2 B RSP 15 ? ? 118.13 110.50 7.63  1.10 Y 
# 
loop_
_pdbx_struct_special_symmetry.id 
_pdbx_struct_special_symmetry.PDB_model_num 
_pdbx_struct_special_symmetry.auth_asym_id 
_pdbx_struct_special_symmetry.auth_comp_id 
_pdbx_struct_special_symmetry.auth_seq_id 
_pdbx_struct_special_symmetry.PDB_ins_code 
_pdbx_struct_special_symmetry.label_asym_id 
_pdbx_struct_special_symmetry.label_comp_id 
_pdbx_struct_special_symmetry.label_seq_id 
1  1 A HOH 103 ? C HOH . 
2  1 A HOH 115 ? C HOH . 
3  1 A HOH 122 ? C HOH . 
4  1 A HOH 136 ? C HOH . 
5  1 A HOH 141 ? C HOH . 
6  1 A HOH 145 ? C HOH . 
7  1 A HOH 166 ? C HOH . 
8  1 B HOH 105 ? D HOH . 
9  1 B HOH 109 ? D HOH . 
10 1 B HOH 138 ? D HOH . 
11 1 B HOH 139 ? D HOH . 
12 1 B HOH 140 ? D HOH . 
# 
loop_
_chem_comp_atom.comp_id 
_chem_comp_atom.atom_id 
_chem_comp_atom.type_symbol 
_chem_comp_atom.pdbx_aromatic_flag 
_chem_comp_atom.pdbx_stereo_config 
_chem_comp_atom.pdbx_ordinal 
A   OP3    O N N 1   
A   P      P N N 2   
A   OP1    O N N 3   
A   OP2    O N N 4   
A   "O5'"  O N N 5   
A   "C5'"  C N N 6   
A   "C4'"  C N R 7   
A   "O4'"  O N N 8   
A   "C3'"  C N S 9   
A   "O3'"  O N N 10  
A   "C2'"  C N R 11  
A   "O2'"  O N N 12  
A   "C1'"  C N R 13  
A   N9     N Y N 14  
A   C8     C Y N 15  
A   N7     N Y N 16  
A   C5     C Y N 17  
A   C6     C Y N 18  
A   N6     N N N 19  
A   N1     N Y N 20  
A   C2     C Y N 21  
A   N3     N Y N 22  
A   C4     C Y N 23  
A   HOP3   H N N 24  
A   HOP2   H N N 25  
A   "H5'"  H N N 26  
A   "H5''" H N N 27  
A   "H4'"  H N N 28  
A   "H3'"  H N N 29  
A   "HO3'" H N N 30  
A   "H2'"  H N N 31  
A   "HO2'" H N N 32  
A   "H1'"  H N N 33  
A   H8     H N N 34  
A   H61    H N N 35  
A   H62    H N N 36  
A   H2     H N N 37  
C   OP3    O N N 38  
C   P      P N N 39  
C   OP1    O N N 40  
C   OP2    O N N 41  
C   "O5'"  O N N 42  
C   "C5'"  C N N 43  
C   "C4'"  C N R 44  
C   "O4'"  O N N 45  
C   "C3'"  C N S 46  
C   "O3'"  O N N 47  
C   "C2'"  C N R 48  
C   "O2'"  O N N 49  
C   "C1'"  C N R 50  
C   N1     N N N 51  
C   C2     C N N 52  
C   O2     O N N 53  
C   N3     N N N 54  
C   C4     C N N 55  
C   N4     N N N 56  
C   C5     C N N 57  
C   C6     C N N 58  
C   HOP3   H N N 59  
C   HOP2   H N N 60  
C   "H5'"  H N N 61  
C   "H5''" H N N 62  
C   "H4'"  H N N 63  
C   "H3'"  H N N 64  
C   "HO3'" H N N 65  
C   "H2'"  H N N 66  
C   "HO2'" H N N 67  
C   "H1'"  H N N 68  
C   H41    H N N 69  
C   H42    H N N 70  
C   H5     H N N 71  
C   H6     H N N 72  
DG  OP3    O N N 73  
DG  P      P N N 74  
DG  OP1    O N N 75  
DG  OP2    O N N 76  
DG  "O5'"  O N N 77  
DG  "C5'"  C N N 78  
DG  "C4'"  C N R 79  
DG  "O4'"  O N N 80  
DG  "C3'"  C N S 81  
DG  "O3'"  O N N 82  
DG  "C2'"  C N N 83  
DG  "C1'"  C N R 84  
DG  N9     N Y N 85  
DG  C8     C Y N 86  
DG  N7     N Y N 87  
DG  C5     C Y N 88  
DG  C6     C N N 89  
DG  O6     O N N 90  
DG  N1     N N N 91  
DG  C2     C N N 92  
DG  N2     N N N 93  
DG  N3     N N N 94  
DG  C4     C Y N 95  
DG  HOP3   H N N 96  
DG  HOP2   H N N 97  
DG  "H5'"  H N N 98  
DG  "H5''" H N N 99  
DG  "H4'"  H N N 100 
DG  "H3'"  H N N 101 
DG  "HO3'" H N N 102 
DG  "H2'"  H N N 103 
DG  "H2''" H N N 104 
DG  "H1'"  H N N 105 
DG  H8     H N N 106 
DG  H1     H N N 107 
DG  H21    H N N 108 
DG  H22    H N N 109 
G   OP3    O N N 110 
G   P      P N N 111 
G   OP1    O N N 112 
G   OP2    O N N 113 
G   "O5'"  O N N 114 
G   "C5'"  C N N 115 
G   "C4'"  C N R 116 
G   "O4'"  O N N 117 
G   "C3'"  C N S 118 
G   "O3'"  O N N 119 
G   "C2'"  C N R 120 
G   "O2'"  O N N 121 
G   "C1'"  C N R 122 
G   N9     N Y N 123 
G   C8     C Y N 124 
G   N7     N Y N 125 
G   C5     C Y N 126 
G   C6     C N N 127 
G   O6     O N N 128 
G   N1     N N N 129 
G   C2     C N N 130 
G   N2     N N N 131 
G   N3     N N N 132 
G   C4     C Y N 133 
G   HOP3   H N N 134 
G   HOP2   H N N 135 
G   "H5'"  H N N 136 
G   "H5''" H N N 137 
G   "H4'"  H N N 138 
G   "H3'"  H N N 139 
G   "HO3'" H N N 140 
G   "H2'"  H N N 141 
G   "HO2'" H N N 142 
G   "H1'"  H N N 143 
G   H8     H N N 144 
G   H1     H N N 145 
G   H21    H N N 146 
G   H22    H N N 147 
HOH O      O N N 148 
HOH H1     H N N 149 
HOH H2     H N N 150 
RSP P      P N N 151 
RSP N1     N N N 152 
RSP C2     C N N 153 
RSP S2     S N N 154 
RSP N3     N N N 155 
RSP C4     C N N 156 
RSP N4     N N N 157 
RSP C5     C N N 158 
RSP C6     C N N 159 
RSP "C1'"  C N R 160 
RSP "C2'"  C N R 161 
RSP "O2'"  O N N 162 
RSP "C3'"  C N S 163 
RSP "O3'"  O N N 164 
RSP "C4'"  C N R 165 
RSP "O4'"  O N N 166 
RSP "C5'"  C N N 167 
RSP "O5'"  O N N 168 
RSP OP1    O N N 169 
RSP OP2    O N N 170 
RSP OP3    O N N 171 
RSP H5     H N N 172 
RSP H6     H N N 173 
RSP "H5'"  H N N 174 
RSP "H1'"  H N N 175 
RSP "H2'"  H N N 176 
RSP "HO2'" H N N 177 
RSP "H3'"  H N N 178 
RSP "H4'"  H N N 179 
RSP HN4    H N N 180 
RSP HN4A   H N N 181 
RSP "H5'A" H N N 182 
RSP "HO3'" H N N 183 
RSP HOP2   H N N 184 
RSP HOP3   H N N 185 
U   OP3    O N N 186 
U   P      P N N 187 
U   OP1    O N N 188 
U   OP2    O N N 189 
U   "O5'"  O N N 190 
U   "C5'"  C N N 191 
U   "C4'"  C N R 192 
U   "O4'"  O N N 193 
U   "C3'"  C N S 194 
U   "O3'"  O N N 195 
U   "C2'"  C N R 196 
U   "O2'"  O N N 197 
U   "C1'"  C N R 198 
U   N1     N N N 199 
U   C2     C N N 200 
U   O2     O N N 201 
U   N3     N N N 202 
U   C4     C N N 203 
U   O4     O N N 204 
U   C5     C N N 205 
U   C6     C N N 206 
U   HOP3   H N N 207 
U   HOP2   H N N 208 
U   "H5'"  H N N 209 
U   "H5''" H N N 210 
U   "H4'"  H N N 211 
U   "H3'"  H N N 212 
U   "HO3'" H N N 213 
U   "H2'"  H N N 214 
U   "HO2'" H N N 215 
U   "H1'"  H N N 216 
U   H3     H N N 217 
U   H5     H N N 218 
U   H6     H N N 219 
# 
loop_
_chem_comp_bond.comp_id 
_chem_comp_bond.atom_id_1 
_chem_comp_bond.atom_id_2 
_chem_comp_bond.value_order 
_chem_comp_bond.pdbx_aromatic_flag 
_chem_comp_bond.pdbx_stereo_config 
_chem_comp_bond.pdbx_ordinal 
A   OP3    P      sing N N 1   
A   OP3    HOP3   sing N N 2   
A   P      OP1    doub N N 3   
A   P      OP2    sing N N 4   
A   P      "O5'"  sing N N 5   
A   OP2    HOP2   sing N N 6   
A   "O5'"  "C5'"  sing N N 7   
A   "C5'"  "C4'"  sing N N 8   
A   "C5'"  "H5'"  sing N N 9   
A   "C5'"  "H5''" sing N N 10  
A   "C4'"  "O4'"  sing N N 11  
A   "C4'"  "C3'"  sing N N 12  
A   "C4'"  "H4'"  sing N N 13  
A   "O4'"  "C1'"  sing N N 14  
A   "C3'"  "O3'"  sing N N 15  
A   "C3'"  "C2'"  sing N N 16  
A   "C3'"  "H3'"  sing N N 17  
A   "O3'"  "HO3'" sing N N 18  
A   "C2'"  "O2'"  sing N N 19  
A   "C2'"  "C1'"  sing N N 20  
A   "C2'"  "H2'"  sing N N 21  
A   "O2'"  "HO2'" sing N N 22  
A   "C1'"  N9     sing N N 23  
A   "C1'"  "H1'"  sing N N 24  
A   N9     C8     sing Y N 25  
A   N9     C4     sing Y N 26  
A   C8     N7     doub Y N 27  
A   C8     H8     sing N N 28  
A   N7     C5     sing Y N 29  
A   C5     C6     sing Y N 30  
A   C5     C4     doub Y N 31  
A   C6     N6     sing N N 32  
A   C6     N1     doub Y N 33  
A   N6     H61    sing N N 34  
A   N6     H62    sing N N 35  
A   N1     C2     sing Y N 36  
A   C2     N3     doub Y N 37  
A   C2     H2     sing N N 38  
A   N3     C4     sing Y N 39  
C   OP3    P      sing N N 40  
C   OP3    HOP3   sing N N 41  
C   P      OP1    doub N N 42  
C   P      OP2    sing N N 43  
C   P      "O5'"  sing N N 44  
C   OP2    HOP2   sing N N 45  
C   "O5'"  "C5'"  sing N N 46  
C   "C5'"  "C4'"  sing N N 47  
C   "C5'"  "H5'"  sing N N 48  
C   "C5'"  "H5''" sing N N 49  
C   "C4'"  "O4'"  sing N N 50  
C   "C4'"  "C3'"  sing N N 51  
C   "C4'"  "H4'"  sing N N 52  
C   "O4'"  "C1'"  sing N N 53  
C   "C3'"  "O3'"  sing N N 54  
C   "C3'"  "C2'"  sing N N 55  
C   "C3'"  "H3'"  sing N N 56  
C   "O3'"  "HO3'" sing N N 57  
C   "C2'"  "O2'"  sing N N 58  
C   "C2'"  "C1'"  sing N N 59  
C   "C2'"  "H2'"  sing N N 60  
C   "O2'"  "HO2'" sing N N 61  
C   "C1'"  N1     sing N N 62  
C   "C1'"  "H1'"  sing N N 63  
C   N1     C2     sing N N 64  
C   N1     C6     sing N N 65  
C   C2     O2     doub N N 66  
C   C2     N3     sing N N 67  
C   N3     C4     doub N N 68  
C   C4     N4     sing N N 69  
C   C4     C5     sing N N 70  
C   N4     H41    sing N N 71  
C   N4     H42    sing N N 72  
C   C5     C6     doub N N 73  
C   C5     H5     sing N N 74  
C   C6     H6     sing N N 75  
DG  OP3    P      sing N N 76  
DG  OP3    HOP3   sing N N 77  
DG  P      OP1    doub N N 78  
DG  P      OP2    sing N N 79  
DG  P      "O5'"  sing N N 80  
DG  OP2    HOP2   sing N N 81  
DG  "O5'"  "C5'"  sing N N 82  
DG  "C5'"  "C4'"  sing N N 83  
DG  "C5'"  "H5'"  sing N N 84  
DG  "C5'"  "H5''" sing N N 85  
DG  "C4'"  "O4'"  sing N N 86  
DG  "C4'"  "C3'"  sing N N 87  
DG  "C4'"  "H4'"  sing N N 88  
DG  "O4'"  "C1'"  sing N N 89  
DG  "C3'"  "O3'"  sing N N 90  
DG  "C3'"  "C2'"  sing N N 91  
DG  "C3'"  "H3'"  sing N N 92  
DG  "O3'"  "HO3'" sing N N 93  
DG  "C2'"  "C1'"  sing N N 94  
DG  "C2'"  "H2'"  sing N N 95  
DG  "C2'"  "H2''" sing N N 96  
DG  "C1'"  N9     sing N N 97  
DG  "C1'"  "H1'"  sing N N 98  
DG  N9     C8     sing Y N 99  
DG  N9     C4     sing Y N 100 
DG  C8     N7     doub Y N 101 
DG  C8     H8     sing N N 102 
DG  N7     C5     sing Y N 103 
DG  C5     C6     sing N N 104 
DG  C5     C4     doub Y N 105 
DG  C6     O6     doub N N 106 
DG  C6     N1     sing N N 107 
DG  N1     C2     sing N N 108 
DG  N1     H1     sing N N 109 
DG  C2     N2     sing N N 110 
DG  C2     N3     doub N N 111 
DG  N2     H21    sing N N 112 
DG  N2     H22    sing N N 113 
DG  N3     C4     sing N N 114 
G   OP3    P      sing N N 115 
G   OP3    HOP3   sing N N 116 
G   P      OP1    doub N N 117 
G   P      OP2    sing N N 118 
G   P      "O5'"  sing N N 119 
G   OP2    HOP2   sing N N 120 
G   "O5'"  "C5'"  sing N N 121 
G   "C5'"  "C4'"  sing N N 122 
G   "C5'"  "H5'"  sing N N 123 
G   "C5'"  "H5''" sing N N 124 
G   "C4'"  "O4'"  sing N N 125 
G   "C4'"  "C3'"  sing N N 126 
G   "C4'"  "H4'"  sing N N 127 
G   "O4'"  "C1'"  sing N N 128 
G   "C3'"  "O3'"  sing N N 129 
G   "C3'"  "C2'"  sing N N 130 
G   "C3'"  "H3'"  sing N N 131 
G   "O3'"  "HO3'" sing N N 132 
G   "C2'"  "O2'"  sing N N 133 
G   "C2'"  "C1'"  sing N N 134 
G   "C2'"  "H2'"  sing N N 135 
G   "O2'"  "HO2'" sing N N 136 
G   "C1'"  N9     sing N N 137 
G   "C1'"  "H1'"  sing N N 138 
G   N9     C8     sing Y N 139 
G   N9     C4     sing Y N 140 
G   C8     N7     doub Y N 141 
G   C8     H8     sing N N 142 
G   N7     C5     sing Y N 143 
G   C5     C6     sing N N 144 
G   C5     C4     doub Y N 145 
G   C6     O6     doub N N 146 
G   C6     N1     sing N N 147 
G   N1     C2     sing N N 148 
G   N1     H1     sing N N 149 
G   C2     N2     sing N N 150 
G   C2     N3     doub N N 151 
G   N2     H21    sing N N 152 
G   N2     H22    sing N N 153 
G   N3     C4     sing N N 154 
HOH O      H1     sing N N 155 
HOH O      H2     sing N N 156 
RSP OP1    P      doub N N 157 
RSP OP3    P      sing N N 158 
RSP P      OP2    sing N N 159 
RSP P      "O5'"  sing N N 160 
RSP C6     N1     sing N N 161 
RSP N1     C2     sing N N 162 
RSP N1     "C1'"  sing N N 163 
RSP N3     C2     sing N N 164 
RSP C2     S2     doub N N 165 
RSP C4     N3     doub N N 166 
RSP N4     C4     sing N N 167 
RSP C5     C4     sing N N 168 
RSP HN4    N4     sing N N 169 
RSP N4     HN4A   sing N N 170 
RSP H5     C5     sing N N 171 
RSP C5     C6     doub N N 172 
RSP H6     C6     sing N N 173 
RSP "O4'"  "C1'"  sing N N 174 
RSP "C1'"  "H1'"  sing N N 175 
RSP "C1'"  "C2'"  sing N N 176 
RSP "C3'"  "C2'"  sing N N 177 
RSP "C2'"  "H2'"  sing N N 178 
RSP "C2'"  "O2'"  sing N N 179 
RSP "O2'"  "HO2'" sing N N 180 
RSP "C4'"  "C3'"  sing N N 181 
RSP "H3'"  "C3'"  sing N N 182 
RSP "C3'"  "O3'"  sing N N 183 
RSP "O3'"  "HO3'" sing N N 184 
RSP "C5'"  "C4'"  sing N N 185 
RSP "O4'"  "C4'"  sing N N 186 
RSP "C4'"  "H4'"  sing N N 187 
RSP "O5'"  "C5'"  sing N N 188 
RSP "H5'A" "C5'"  sing N N 189 
RSP "C5'"  "H5'"  sing N N 190 
RSP OP2    HOP2   sing N N 191 
RSP OP3    HOP3   sing N N 192 
U   OP3    P      sing N N 193 
U   OP3    HOP3   sing N N 194 
U   P      OP1    doub N N 195 
U   P      OP2    sing N N 196 
U   P      "O5'"  sing N N 197 
U   OP2    HOP2   sing N N 198 
U   "O5'"  "C5'"  sing N N 199 
U   "C5'"  "C4'"  sing N N 200 
U   "C5'"  "H5'"  sing N N 201 
U   "C5'"  "H5''" sing N N 202 
U   "C4'"  "O4'"  sing N N 203 
U   "C4'"  "C3'"  sing N N 204 
U   "C4'"  "H4'"  sing N N 205 
U   "O4'"  "C1'"  sing N N 206 
U   "C3'"  "O3'"  sing N N 207 
U   "C3'"  "C2'"  sing N N 208 
U   "C3'"  "H3'"  sing N N 209 
U   "O3'"  "HO3'" sing N N 210 
U   "C2'"  "O2'"  sing N N 211 
U   "C2'"  "C1'"  sing N N 212 
U   "C2'"  "H2'"  sing N N 213 
U   "O2'"  "HO2'" sing N N 214 
U   "C1'"  N1     sing N N 215 
U   "C1'"  "H1'"  sing N N 216 
U   N1     C2     sing N N 217 
U   N1     C6     sing N N 218 
U   C2     O2     doub N N 219 
U   C2     N3     sing N N 220 
U   N3     C4     sing N N 221 
U   N3     H3     sing N N 222 
U   C4     O4     doub N N 223 
U   C4     C5     sing N N 224 
U   C5     C6     doub N N 225 
U   C5     H5     sing N N 226 
U   C6     H6     sing N N 227 
# 
_ndb_struct_conf_na.entry_id   9OKY 
_ndb_struct_conf_na.feature    'a-form double helix' 
# 
loop_
_ndb_struct_na_base_pair.model_number 
_ndb_struct_na_base_pair.i_label_asym_id 
_ndb_struct_na_base_pair.i_label_comp_id 
_ndb_struct_na_base_pair.i_label_seq_id 
_ndb_struct_na_base_pair.i_symmetry 
_ndb_struct_na_base_pair.j_label_asym_id 
_ndb_struct_na_base_pair.j_label_comp_id 
_ndb_struct_na_base_pair.j_label_seq_id 
_ndb_struct_na_base_pair.j_symmetry 
_ndb_struct_na_base_pair.shear 
_ndb_struct_na_base_pair.stretch 
_ndb_struct_na_base_pair.stagger 
_ndb_struct_na_base_pair.buckle 
_ndb_struct_na_base_pair.propeller 
_ndb_struct_na_base_pair.opening 
_ndb_struct_na_base_pair.pair_number 
_ndb_struct_na_base_pair.pair_name 
_ndb_struct_na_base_pair.i_auth_asym_id 
_ndb_struct_na_base_pair.i_auth_seq_id 
_ndb_struct_na_base_pair.i_PDB_ins_code 
_ndb_struct_na_base_pair.j_auth_asym_id 
_ndb_struct_na_base_pair.j_auth_seq_id 
_ndb_struct_na_base_pair.j_PDB_ins_code 
_ndb_struct_na_base_pair.hbond_type_28 
_ndb_struct_na_base_pair.hbond_type_12 
1 A A   1  1_555 B U   16 1_555 -0.060 -0.126 -0.259 -11.148 1.863   3.112  1  A_A1:U16_B    A 1  ? B 16 ? 20 1 
1 A DG  2  1_555 B RSP 15 1_555 -0.286 -0.029 -0.335 -5.546  -8.917  -7.291 2  A_DG2:RSP15_B A 2  ? B 15 ? ?  1 
1 A A   3  1_555 B U   14 1_555 -0.041 -0.116 0.016  -3.717  -8.810  3.890  3  A_A3:U14_B    A 3  ? B 14 ? 20 1 
1 A G   4  1_555 B C   13 1_555 -0.298 -0.253 -0.242 -6.478  -12.499 0.022  4  A_G4:C13_B    A 4  ? B 13 ? 19 1 
1 A A   5  1_555 B U   12 1_555 0.078  -0.142 -0.011 0.078   -9.419  1.948  5  A_A5:U12_B    A 5  ? B 12 ? 20 1 
1 A A   6  1_555 B U   11 1_555 -0.040 -0.202 0.008  -0.332  -9.706  2.032  6  A_A6:U11_B    A 6  ? B 11 ? 20 1 
1 A G   7  1_555 B C   10 1_555 -0.360 -0.301 -0.071 0.169   -9.078  -3.784 7  A_G7:C10_B    A 7  ? B 10 ? 19 1 
1 A A   8  1_555 B U   9  1_555 0.054  -0.209 0.084  3.593   -12.201 0.556  8  A_A8:U9_B     A 8  ? B 9  ? 20 1 
1 A U   9  1_555 B A   8  1_555 0.039  -0.186 -0.018 2.907   -15.647 5.232  9  A_U9:A8_B     A 9  ? B 8  ? 20 1 
1 A C   10 1_555 B G   7  1_555 0.227  -0.219 0.004  2.227   -12.257 -0.218 10 A_C10:G7_B    A 10 ? B 7  ? 19 1 
1 A U   11 1_555 B A   6  1_555 -0.001 -0.172 0.020  -0.299  -9.486  -0.844 11 A_U11:A6_B    A 11 ? B 6  ? 20 1 
1 A U   12 1_555 B A   5  1_555 -0.107 -0.146 -0.107 4.723   -9.901  2.503  12 A_U12:A5_B    A 12 ? B 5  ? 20 1 
1 A C   13 1_555 B G   4  1_555 0.230  -0.238 -0.111 8.637   -14.240 -0.898 13 A_C13:G4_B    A 13 ? B 4  ? 19 1 
1 A U   14 1_555 B A   3  1_555 -0.081 -0.186 -0.066 4.478   -9.689  1.597  14 A_U14:A3_B    A 14 ? B 3  ? 20 1 
1 A RSP 15 1_555 B DG  2  1_555 0.222  -0.019 -0.148 2.218   -12.488 -5.805 15 A_RSP15:DG2_B A 15 ? B 2  ? ?  1 
1 A U   16 1_555 B A   1  1_555 0.185  -0.243 -0.023 5.358   -9.130  2.662  16 A_U16:A1_B    A 16 ? B 1  ? 20 1 
# 
loop_
_ndb_struct_na_base_pair_step.model_number 
_ndb_struct_na_base_pair_step.i_label_asym_id_1 
_ndb_struct_na_base_pair_step.i_label_comp_id_1 
_ndb_struct_na_base_pair_step.i_label_seq_id_1 
_ndb_struct_na_base_pair_step.i_symmetry_1 
_ndb_struct_na_base_pair_step.j_label_asym_id_1 
_ndb_struct_na_base_pair_step.j_label_comp_id_1 
_ndb_struct_na_base_pair_step.j_label_seq_id_1 
_ndb_struct_na_base_pair_step.j_symmetry_1 
_ndb_struct_na_base_pair_step.i_label_asym_id_2 
_ndb_struct_na_base_pair_step.i_label_comp_id_2 
_ndb_struct_na_base_pair_step.i_label_seq_id_2 
_ndb_struct_na_base_pair_step.i_symmetry_2 
_ndb_struct_na_base_pair_step.j_label_asym_id_2 
_ndb_struct_na_base_pair_step.j_label_comp_id_2 
_ndb_struct_na_base_pair_step.j_label_seq_id_2 
_ndb_struct_na_base_pair_step.j_symmetry_2 
_ndb_struct_na_base_pair_step.shift 
_ndb_struct_na_base_pair_step.slide 
_ndb_struct_na_base_pair_step.rise 
_ndb_struct_na_base_pair_step.tilt 
_ndb_struct_na_base_pair_step.roll 
_ndb_struct_na_base_pair_step.twist 
_ndb_struct_na_base_pair_step.x_displacement 
_ndb_struct_na_base_pair_step.y_displacement 
_ndb_struct_na_base_pair_step.helical_rise 
_ndb_struct_na_base_pair_step.inclination 
_ndb_struct_na_base_pair_step.tip 
_ndb_struct_na_base_pair_step.helical_twist 
_ndb_struct_na_base_pair_step.step_number 
_ndb_struct_na_base_pair_step.step_name 
_ndb_struct_na_base_pair_step.i_auth_asym_id_1 
_ndb_struct_na_base_pair_step.i_auth_seq_id_1 
_ndb_struct_na_base_pair_step.i_PDB_ins_code_1 
_ndb_struct_na_base_pair_step.j_auth_asym_id_1 
_ndb_struct_na_base_pair_step.j_auth_seq_id_1 
_ndb_struct_na_base_pair_step.j_PDB_ins_code_1 
_ndb_struct_na_base_pair_step.i_auth_asym_id_2 
_ndb_struct_na_base_pair_step.i_auth_seq_id_2 
_ndb_struct_na_base_pair_step.i_PDB_ins_code_2 
_ndb_struct_na_base_pair_step.j_auth_asym_id_2 
_ndb_struct_na_base_pair_step.j_auth_seq_id_2 
_ndb_struct_na_base_pair_step.j_PDB_ins_code_2 
1 A A   1  1_555 B U   16 1_555 A DG  2  1_555 B RSP 15 1_555 -1.118 -2.040 3.209 1.248  3.359  26.069 -5.323 2.769  2.872 7.401  
-2.750 26.310 1  AA_A1DG2:RSP15U16_BB A 1  ? B 16 ? A 2  ? B 15 ? 
1 A DG  2  1_555 B RSP 15 1_555 A A   3  1_555 B U   14 1_555 0.575  -1.771 3.228 -2.744 8.785  32.215 -4.395 -1.411 2.612 15.443 
4.824  33.471 2  AA_DG2A3:U14RSP15_BB A 2  ? B 15 ? A 3  ? B 14 ? 
1 A A   3  1_555 B U   14 1_555 A G   4  1_555 B C   13 1_555 0.024  -1.853 3.350 3.921  10.596 28.893 -5.369 0.657  2.512 20.284 
-7.507 30.980 3  AA_A3G4:C13U14_BB    A 3  ? B 14 ? A 4  ? B 13 ? 
1 A G   4  1_555 B C   13 1_555 A A   5  1_555 B U   12 1_555 0.583  -1.436 3.099 0.387  6.158  30.948 -3.680 -1.006 2.776 11.397 
-0.717 31.543 4  AA_G4A5:U12C13_BB    A 4  ? B 13 ? A 5  ? B 12 ? 
1 A A   5  1_555 B U   12 1_555 A A   6  1_555 B U   11 1_555 -0.037 -1.929 3.225 -0.016 7.059  31.420 -4.643 0.064  2.738 12.833 
0.029  32.184 5  AA_A5A6:U11U12_BB    A 5  ? B 12 ? A 6  ? B 11 ? 
1 A A   6  1_555 B U   11 1_555 A G   7  1_555 B C   10 1_555 -0.854 -1.721 3.155 -2.338 7.801  29.626 -4.644 1.196  2.683 14.905 
4.466  30.701 6  AA_A6G7:C10U11_BB    A 6  ? B 11 ? A 7  ? B 10 ? 
1 A G   7  1_555 B C   10 1_555 A A   8  1_555 B U   9  1_555 -0.133 -1.668 3.166 -2.255 10.050 31.480 -4.447 -0.107 2.532 17.932 
4.023  33.081 7  AA_G7A8:U9C10_BB     A 7  ? B 10 ? A 8  ? B 9  ? 
1 A A   8  1_555 B U   9  1_555 A U   9  1_555 B A   8  1_555 0.411  -1.235 3.236 1.830  13.255 31.851 -3.983 -0.431 2.555 22.930 
-3.165 34.480 8  AA_A8U9:A8U9_BB      A 8  ? B 9  ? A 9  ? B 8  ? 
1 A U   9  1_555 B A   8  1_555 A C   10 1_555 B G   7  1_555 -0.117 -1.395 3.187 -0.219 7.230  34.748 -3.279 0.162  2.849 11.946 
0.363  35.470 9  AA_U9C10:G7A8_BB     A 9  ? B 8  ? A 10 ? B 7  ? 
1 A C   10 1_555 B G   7  1_555 A U   11 1_555 B A   6  1_555 -0.332 -1.715 3.236 -0.354 8.206  29.210 -4.801 0.569  2.670 15.880 
0.684  30.318 10 AA_C10U11:A6G7_BB    A 10 ? B 7  ? A 11 ? B 6  ? 
1 A U   11 1_555 B A   6  1_555 A U   12 1_555 B A   5  1_555 0.263  -1.362 3.102 0.199  6.357  32.247 -3.399 -0.435 2.791 11.308 
-0.355 32.852 11 AA_U11U12:A5A6_BB    A 11 ? B 6  ? A 12 ? B 5  ? 
1 A U   12 1_555 B A   5  1_555 A C   13 1_555 B G   4  1_555 -0.581 -1.387 3.166 -3.428 9.966  31.885 -3.904 0.491  2.671 17.552 
6.038  33.539 12 AA_U12C13:G4A5_BB    A 12 ? B 5  ? A 13 ? B 4  ? 
1 A C   13 1_555 B G   4  1_555 A U   14 1_555 B A   3  1_555 -0.263 -1.843 3.341 -2.274 12.530 28.497 -5.610 0.093  2.355 23.998 
4.356  31.159 13 AA_C13U14:A3G4_BB    A 13 ? B 4  ? A 14 ? B 3  ? 
1 A U   14 1_555 B A   3  1_555 A RSP 15 1_555 B DG  2  1_555 -0.524 -1.824 3.295 -0.314 11.295 32.933 -4.640 0.833  2.555 19.231 
0.535  34.767 14 AA_U14RSP15:DG2A3_BB A 14 ? B 3  ? A 15 ? B 2  ? 
1 A RSP 15 1_555 B DG  2  1_555 A U   16 1_555 B A   1  1_555 0.988  -1.815 3.199 1.720  6.285  28.254 -4.913 -1.621 2.792 12.662 
-3.466 28.981 15 AA_RSP15U16:A1DG2_BB A 15 ? B 2  ? A 16 ? B 1  ? 
# 
loop_
_pdbx_audit_support.funding_organization 
_pdbx_audit_support.country 
_pdbx_audit_support.grant_number 
_pdbx_audit_support.ordinal 
'National Science Foundation (NSF, United States)' 'United States' 2104708 1 
'Howard Hughes Medical Institute (HHMI)'           'United States' ?       2 
# 
_pdbx_initial_refinement_model.id               1 
_pdbx_initial_refinement_model.entity_id_list   ? 
_pdbx_initial_refinement_model.type             'experimental model' 
_pdbx_initial_refinement_model.source_name      PDB 
_pdbx_initial_refinement_model.accession_code   9CSO 
_pdbx_initial_refinement_model.details          ? 
# 
_atom_sites.entry_id                    9OKY 
_atom_sites.Cartn_transf_matrix[1][1]   ? 
_atom_sites.Cartn_transf_matrix[1][2]   ? 
_atom_sites.Cartn_transf_matrix[1][3]   ? 
_atom_sites.Cartn_transf_matrix[2][1]   ? 
_atom_sites.Cartn_transf_matrix[2][2]   ? 
_atom_sites.Cartn_transf_matrix[2][3]   ? 
_atom_sites.Cartn_transf_matrix[3][1]   ? 
_atom_sites.Cartn_transf_matrix[3][2]   ? 
_atom_sites.Cartn_transf_matrix[3][3]   ? 
_atom_sites.Cartn_transf_vector[1]      ? 
_atom_sites.Cartn_transf_vector[2]      ? 
_atom_sites.Cartn_transf_vector[3]      ? 
_atom_sites.Cartn_transform_axes        ? 
_atom_sites.fract_transf_matrix[1][1]   0.01946192 
_atom_sites.fract_transf_matrix[1][2]   0.01277261 
_atom_sites.fract_transf_matrix[1][3]   0.01285529 
_atom_sites.fract_transf_matrix[2][1]   0.00867103 
_atom_sites.fract_transf_matrix[2][2]   0.02348864 
_atom_sites.fract_transf_matrix[2][3]   -0.00896017 
_atom_sites.fract_transf_matrix[3][1]   -0.00265162 
_atom_sites.fract_transf_matrix[3][2]   0.00182030 
_atom_sites.fract_transf_matrix[3][3]   0.00220577 
_atom_sites.fract_transf_vector[1]      -0.557954 
_atom_sites.fract_transf_vector[2]      -0.035092 
_atom_sites.fract_transf_vector[3]      -0.082674 
_atom_sites.solution_primary            ? 
_atom_sites.solution_secondary          ? 
_atom_sites.solution_hydrogens          ? 
_atom_sites.special_details             ? 
# 
loop_
_atom_type.symbol 
_atom_type.pdbx_scat_Z 
_atom_type.pdbx_N_electrons 
_atom_type.scat_Cromer_Mann_a1 
_atom_type.scat_Cromer_Mann_b1 
_atom_type.scat_Cromer_Mann_a2 
_atom_type.scat_Cromer_Mann_b2 
_atom_type.scat_Cromer_Mann_a3 
_atom_type.scat_Cromer_Mann_b3 
_atom_type.scat_Cromer_Mann_a4 
_atom_type.scat_Cromer_Mann_b4 
_atom_type.scat_Cromer_Mann_c 
C 6  6  2.3103  20.8439 1.0201 10.2075 1.5888 0.5687  0.8651 51.6512 0.2156   
H 1  1  0.4930  10.5109 0.3229 26.1257 0.1402 3.1424  0.0408 57.7997 0.0030   
N 7  7  12.2220 0.0057  3.1346 9.8933  2.0141 28.9975 1.1672 0.5826  -11.5379 
O 8  8  3.0487  13.2771 2.2870 5.7011  1.5464 0.3239  0.8671 32.9089 0.2508   
P 15 15 6.4348  1.9067  4.1793 27.1570 1.7801 0.5260  1.4909 68.1645 1.1150   
S 16 16 6.9054  1.4679  5.2035 22.2151 1.4379 0.2536  1.5863 56.1720 0.8669   
# 
loop_
_atom_site.group_PDB 
_atom_site.id 
_atom_site.type_symbol 
_atom_site.label_atom_id 
_atom_site.label_alt_id 
_atom_site.label_comp_id 
_atom_site.label_asym_id 
_atom_site.label_entity_id 
_atom_site.label_seq_id 
_atom_site.pdbx_PDB_ins_code 
_atom_site.Cartn_x 
_atom_site.Cartn_y 
_atom_site.Cartn_z 
_atom_site.occupancy 
_atom_site.B_iso_or_equiv 
_atom_site.pdbx_formal_charge 
_atom_site.auth_seq_id 
_atom_site.auth_comp_id 
_atom_site.auth_asym_id 
_atom_site.auth_atom_id 
_atom_site.pdbx_PDB_model_num 
_atom_site.calc_flag 
ATOM   1   O "O5'" . A   A 1 1  ? 7.351   -5.231  -18.573 1.000 31.975 0 1   A   A "O5'" 1 ? 
ATOM   2   C "C5'" . A   A 1 1  ? 6.169   -5.736  -19.217 1.000 25.558 0 1   A   A "C5'" 1 ? 
ATOM   3   C "C4'" . A   A 1 1  ? 6.000   -7.203  -18.900 1.000 23.908 0 1   A   A "C4'" 1 ? 
ATOM   4   O "O4'" . A   A 1 1  ? 7.251   -7.909  -19.084 1.000 20.859 0 1   A   A "O4'" 1 ? 
ATOM   5   C "C3'" . A   A 1 1  ? 5.605   -7.578  -17.468 1.000 20.461 0 1   A   A "C3'" 1 ? 
ATOM   6   O "O3'" . A   A 1 1  ? 4.220   -7.338  -17.231 1.000 21.311 0 1   A   A "O3'" 1 ? 
ATOM   7   C "C2'" . A   A 1 1  ? 5.939   -9.066  -17.505 1.000 19.450 0 1   A   A "C2'" 1 ? 
ATOM   8   O "O2'" . A   A 1 1  ? 4.960   -9.745  -18.259 1.000 19.039 0 1   A   A "O2'" 1 ? 
ATOM   9   C "C1'" . A   A 1 1  ? 7.308   -9.001  -18.185 1.000 19.276 0 1   A   A "C1'" 1 ? 
ATOM   10  N N9    . A   A 1 1  ? 8.414   -8.781  -17.269 1.000 16.048 0 1   A   A N9    1 ? 
ATOM   11  C C8    . A   A 1 1  ? 9.214   -7.668  -17.161 1.000 15.344 0 1   A   A C8    1 ? 
ATOM   12  N N7    . A   A 1 1  ? 10.134  -7.762  -16.234 1.000 17.456 0 1   A   A N7    1 ? 
ATOM   13  C C5    . A   A 1 1  ? 9.948   -9.031  -15.689 1.000 15.440 0 1   A   A C5    1 ? 
ATOM   14  C C6    . A   A 1 1  ? 10.605  -9.739  -14.664 1.000 14.389 0 1   A   A C6    1 ? 
ATOM   15  N N6    . A   A 1 1  ? 11.621  -9.279  -13.937 1.000 18.786 0 1   A   A N6    1 ? 
ATOM   16  N N1    . A   A 1 1  ? 10.139  -10.985 -14.368 1.000 12.869 0 1   A   A N1    1 ? 
ATOM   17  C C2    . A   A 1 1  ? 9.117   -11.458 -15.085 1.000 11.772 0 1   A   A C2    1 ? 
ATOM   18  N N3    . A   A 1 1  ? 8.392   -10.870 -16.028 1.000 12.434 0 1   A   A N3    1 ? 
ATOM   19  C C4    . A   A 1 1  ? 8.892   -9.661  -16.322 1.000 14.189 0 1   A   A C4    1 ? 
ATOM   20  P P     . DG  A 1 2  ? 3.714   -6.980  -15.747 1.000 21.938 0 2   DG  A P     1 ? 
ATOM   21  O OP1   . DG  A 1 2  ? 2.365   -6.377  -15.911 1.000 24.200 0 2   DG  A OP1   1 ? 
ATOM   22  O OP2   . DG  A 1 2  ? 4.767   -6.235  -15.004 1.000 22.396 0 2   DG  A OP2   1 ? 
ATOM   23  O "O5'" . DG  A 1 2  ? 3.653   -8.406  -15.045 1.000 18.350 0 2   DG  A "O5'" 1 ? 
ATOM   24  C "C5'" . DG  A 1 2  ? 2.644   -9.318  -15.493 1.000 18.976 0 2   DG  A "C5'" 1 ? 
ATOM   25  C "C4'" . DG  A 1 2  ? 2.949   -10.677 -14.926 1.000 17.942 0 2   DG  A "C4'" 1 ? 
ATOM   26  O "O4'" . DG  A 1 2  ? 4.301   -11.078 -15.238 1.000 16.847 0 2   DG  A "O4'" 1 ? 
ATOM   27  C "C3'" . DG  A 1 2  ? 2.900   -10.753 -13.412 1.000 17.044 0 2   DG  A "C3'" 1 ? 
ATOM   28  O "O3'" . DG  A 1 2  ? 1.563   -10.807 -12.966 1.000 17.811 0 2   DG  A "O3'" 1 ? 
ATOM   29  C "C2'" . DG  A 1 2  ? 3.630   -12.066 -13.217 1.000 15.192 0 2   DG  A "C2'" 1 ? 
ATOM   30  C "C1'" . DG  A 1 2  ? 4.789   -11.888 -14.176 1.000 15.307 0 2   DG  A "C1'" 1 ? 
ATOM   31  N N9    . DG  A 1 2  ? 5.886   -11.155 -13.559 1.000 12.767 0 2   DG  A N9    1 ? 
ATOM   32  C C8    . DG  A 1 2  ? 6.278   -9.847  -13.726 1.000 10.921 0 2   DG  A C8    1 ? 
ATOM   33  N N7    . DG  A 1 2  ? 7.279   -9.504  -12.975 1.000 10.610 0 2   DG  A N7    1 ? 
ATOM   34  C C5    . DG  A 1 2  ? 7.577   -10.685 -12.288 1.000 9.694  0 2   DG  A C5    1 ? 
ATOM   35  C C6    . DG  A 1 2  ? 8.576   -10.942 -11.317 1.000 10.169 0 2   DG  A C6    1 ? 
ATOM   36  O O6    . DG  A 1 2  ? 9.417   -10.151 -10.892 1.000 11.072 0 2   DG  A O6    1 ? 
ATOM   37  N N1    . DG  A 1 2  ? 8.499   -12.233 -10.824 1.000 10.246 0 2   DG  A N1    1 ? 
ATOM   38  C C2    . DG  A 1 2  ? 7.574   -13.176 -11.201 1.000 10.453 0 2   DG  A C2    1 ? 
ATOM   39  N N2    . DG  A 1 2  ? 7.659   -14.367 -10.607 1.000 12.556 0 2   DG  A N2    1 ? 
ATOM   40  N N3    . DG  A 1 2  ? 6.669   -12.966 -12.147 1.000 11.066 0 2   DG  A N3    1 ? 
ATOM   41  C C4    . DG  A 1 2  ? 6.702   -11.699 -12.606 1.000 10.762 0 2   DG  A C4    1 ? 
ATOM   42  P P     . A   A 1 3  ? 1.209   -10.213 -11.528 1.000 19.495 0 3   A   A P     1 ? 
ATOM   43  O OP1   . A   A 1 3  ? -0.283  -10.342 -11.496 1.000 22.789 0 3   A   A OP1   1 ? 
ATOM   44  O OP2   . A   A 1 3  ? 1.800   -8.865  -11.291 1.000 16.863 0 3   A   A OP2   1 ? 
ATOM   45  O "O5'" . A   A 1 3  ? 1.917   -11.227 -10.548 1.000 15.824 0 3   A   A "O5'" 1 ? 
ATOM   46  C "C5'" . A   A 1 3  ? 1.498   -12.605 -10.511 1.000 15.548 0 3   A   A "C5'" 1 ? 
ATOM   47  C "C4'" . A   A 1 3  ? 2.280   -13.318 -9.440  1.000 14.662 0 3   A   A "C4'" 1 ? 
ATOM   48  O "O4'" . A   A 1 3  ? 3.675   -13.401 -9.835  1.000 13.074 0 3   A   A "O4'" 1 ? 
ATOM   49  C "C3'" . A   A 1 3  ? 2.364   -12.611 -8.098  1.000 14.374 0 3   A   A "C3'" 1 ? 
ATOM   50  O "O3'" . A   A 1 3  ? 1.184   -12.847 -7.367  1.000 15.524 0 3   A   A "O3'" 1 ? 
ATOM   51  C "C2'" . A   A 1 3  ? 3.569   -13.307 -7.475  1.000 13.622 0 3   A   A "C2'" 1 ? 
ATOM   52  O "O2'" . A   A 1 3  ? 3.254   -14.624 -7.054  1.000 14.285 0 3   A   A "O2'" 1 ? 
ATOM   53  C "C1'" . A   A 1 3  ? 4.492   -13.294 -8.690  1.000 13.320 0 3   A   A "C1'" 1 ? 
ATOM   54  N N9    . A   A 1 3  ? 5.270   -12.069 -8.775  1.000 12.739 0 3   A   A N9    1 ? 
ATOM   55  C C8    . A   A 1 3  ? 5.062   -10.975 -9.566  1.000 11.365 0 3   A   A C8    1 ? 
ATOM   56  N N7    . A   A 1 3  ? 5.919   -10.013 -9.370  1.000 11.755 0 3   A   A N7    1 ? 
ATOM   57  C C5    . A   A 1 3  ? 6.763   -10.507 -8.398  1.000 10.220 0 3   A   A C5    1 ? 
ATOM   58  C C6    . A   A 1 3  ? 7.918   -9.986  -7.800  1.000 10.922 0 3   A   A C6    1 ? 
ATOM   59  N N6    . A   A 1 3  ? 8.424   -8.790  -8.035  1.000 10.313 0 3   A   A N6    1 ? 
ATOM   60  N N1    . A   A 1 3  ? 8.516   -10.743 -6.854  1.000 11.239 0 3   A   A N1    1 ? 
ATOM   61  C C2    . A   A 1 3  ? 7.987   -11.916 -6.560  1.000 13.127 0 3   A   A C2    1 ? 
ATOM   62  N N3    . A   A 1 3  ? 6.919   -12.509 -7.071  1.000 13.130 0 3   A   A N3    1 ? 
ATOM   63  C C4    . A   A 1 3  ? 6.350   -11.754 -7.999  1.000 12.183 0 3   A   A C4    1 ? 
ATOM   64  P P     . G   A 1 4  ? 0.657   -11.711 -6.379  1.000 17.395 0 4   G   A P     1 ? 
ATOM   65  O OP1   . G   A 1 4  ? -0.702  -12.232 -6.026  1.000 21.116 0 4   G   A OP1   1 ? 
ATOM   66  O OP2   . G   A 1 4  ? 0.755   -10.339 -6.893  1.000 16.475 0 4   G   A OP2   1 ? 
ATOM   67  O "O5'" . G   A 1 4  ? 1.618   -11.651 -5.101  1.000 13.998 0 4   G   A "O5'" 1 ? 
ATOM   68  C "C5'" . G   A 1 4  ? 1.799   -12.863 -4.363  1.000 14.493 0 4   G   A "C5'" 1 ? 
ATOM   69  C "C4'" . G   A 1 4  ? 2.924   -12.710 -3.387  1.000 13.290 0 4   G   A "C4'" 1 ? 
ATOM   70  O "O4'" . G   A 1 4  ? 4.188   -12.626 -4.088  1.000 12.932 0 4   G   A "O4'" 1 ? 
ATOM   71  C "C3'" . G   A 1 4  ? 2.928   -11.447 -2.533  1.000 12.110 0 4   G   A "C3'" 1 ? 
ATOM   72  O "O3'" . G   A 1 4  ? 2.001   -11.483 -1.459  1.000 10.781 0 4   G   A "O3'" 1 ? 
ATOM   73  C "C2'" . G   A 1 4  ? 4.358   -11.559 -2.019  1.000 11.349 0 4   G   A "C2'" 1 ? 
ATOM   74  O "O2'" . G   A 1 4  ? 4.535   -12.616 -1.122  1.000 13.052 0 4   G   A "O2'" 1 ? 
ATOM   75  C "C1'" . G   A 1 4  ? 5.104   -11.935 -3.285  1.000 12.085 0 4   G   A "C1'" 1 ? 
ATOM   76  N N9    . G   A 1 4  ? 5.551   -10.765 -4.015  1.000 10.738 0 4   G   A N9    1 ? 
ATOM   77  C C8    . G   A 1 4  ? 4.904   -10.087 -5.007  1.000 10.864 0 4   G   A C8    1 ? 
ATOM   78  N N7    . G   A 1 4  ? 5.526   -9.033  -5.465  1.000 11.120 0 4   G   A N7    1 ? 
ATOM   79  C C5    . G   A 1 4  ? 6.636   -8.980  -4.635  1.000 9.917  0 4   G   A C5    1 ? 
ATOM   80  C C6    . G   A 1 4  ? 7.711   -8.057  -4.622  1.000 10.140 0 4   G   A C6    1 ? 
ATOM   81  O O6    . G   A 1 4  ? 7.833   -7.069  -5.332  1.000 11.803 0 4   G   A O6    1 ? 
ATOM   82  N N1    . G   A 1 4  ? 8.610   -8.356  -3.604  1.000 9.970  0 4   G   A N1    1 ? 
ATOM   83  C C2    . G   A 1 4  ? 8.580   -9.430  -2.758  1.000 10.782 0 4   G   A C2    1 ? 
ATOM   84  N N2    . G   A 1 4  ? 9.549   -9.516  -1.849  1.000 13.287 0 4   G   A N2    1 ? 
ATOM   85  N N3    . G   A 1 4  ? 7.594   -10.320 -2.778  1.000 10.595 0 4   G   A N3    1 ? 
ATOM   86  C C4    . G   A 1 4  ? 6.669   -10.016 -3.726  1.000 9.888  0 4   G   A C4    1 ? 
ATOM   87  P P     . A   A 1 5  ? 1.366   -10.139 -0.872  1.000 11.206 0 5   A   A P     1 ? 
ATOM   88  O OP1   . A   A 1 5  ? 0.335   -10.618 0.094   1.000 11.113 0 5   A   A OP1   1 ? 
ATOM   89  O OP2   . A   A 1 5  ? 0.932   -9.232  -1.957  1.000 13.474 0 5   A   A OP2   1 ? 
ATOM   90  O "O5'" . A   A 1 5  ? 2.571   -9.398  -0.113  1.000 9.744  0 5   A   A "O5'" 1 ? 
ATOM   91  C "C5'" . A   A 1 5  ? 3.042   -9.998  1.102   1.000 10.436 0 5   A   A "C5'" 1 ? 
ATOM   92  C "C4'" . A   A 1 5  ? 4.324   -9.346  1.526   1.000 9.823  0 5   A   A "C4'" 1 ? 
ATOM   93  O "O4'" . A   A 1 5  ? 5.316   -9.497  0.491   1.000 9.774  0 5   A   A "O4'" 1 ? 
ATOM   94  C "C3'" . A   A 1 5  ? 4.319   -7.836  1.786   1.000 9.513  0 5   A   A "C3'" 1 ? 
ATOM   95  O "O3'" . A   A 1 5  ? 3.775   -7.592  3.052   1.000 10.425 0 5   A   A "O3'" 1 ? 
ATOM   96  C "C2'" . A   A 1 5  ? 5.829   -7.623  1.755   1.000 9.188  0 5   A   A "C2'" 1 ? 
ATOM   97  O "O2'" . A   A 1 5  ? 6.449   -8.204  2.891   1.000 9.544  0 5   A   A "O2'" 1 ? 
ATOM   98  C "C1'" . A   A 1 5  ? 6.213   -8.407  0.514   1.000 9.761  0 5   A   A "C1'" 1 ? 
ATOM   99  N N9    . A   A 1 5  ? 6.046   -7.627  -0.692  1.000 8.869  0 5   A   A N9    1 ? 
ATOM   100 C C8    . A   A 1 5  ? 4.994   -7.566  -1.558  1.000 9.164  0 5   A   A C8    1 ? 
ATOM   101 N N7    . A   A 1 5  ? 5.142   -6.695  -2.526  1.000 9.377  0 5   A   A N7    1 ? 
ATOM   102 C C5    . A   A 1 5  ? 6.356   -6.088  -2.230  1.000 8.227  0 5   A   A C5    1 ? 
ATOM   103 C C6    . A   A 1 5  ? 7.092   -5.090  -2.901  1.000 8.529  0 5   A   A C6    1 ? 
ATOM   104 N N6    . A   A 1 5  ? 6.672   -4.446  -3.973  1.000 9.087  0 5   A   A N6    1 ? 
ATOM   105 N N1    . A   A 1 5  ? 8.231   -4.719  -2.309  1.000 9.409  0 5   A   A N1    1 ? 
ATOM   106 C C2    . A   A 1 5  ? 8.646   -5.344  -1.196  1.000 9.357  0 5   A   A C2    1 ? 
ATOM   107 N N3    . A   A 1 5  ? 8.072   -6.343  -0.514  1.000 8.924  0 5   A   A N3    1 ? 
ATOM   108 C C4    . A   A 1 5  ? 6.914   -6.647  -1.102  1.000 8.703  0 5   A   A C4    1 ? 
ATOM   109 P P     . A   A 1 6  ? 3.231   -6.130  3.412   1.000 12.220 0 6   A   A P     1 ? 
ATOM   110 O OP1   . A   A 1 6  ? 2.554   -6.206  4.731   1.000 13.945 0 6   A   A OP1   1 ? 
ATOM   111 O OP2   . A   A 1 6  ? 2.511   -5.532  2.264   1.000 13.695 0 6   A   A OP2   1 ? 
ATOM   112 O "O5'" . A   A 1 6  ? 4.563   -5.274  3.434   1.000 12.777 0 6   A   A "O5'" 1 ? 
ATOM   113 C "C5'" . A   A 1 6  ? 5.520   -5.491  4.510   1.000 13.973 0 6   A   A "C5'" 1 ? 
ATOM   114 C "C4'" . A   A 1 6  ? 6.693   -4.562  4.329   1.000 13.230 0 6   A   A "C4'" 1 ? 
ATOM   115 O "O4'" . A   A 1 6  ? 7.394   -4.763  3.092   1.000 13.612 0 6   A   A "O4'" 1 ? 
ATOM   116 C "C3'" . A   A 1 6  ? 6.365   -3.070  4.278   1.000 13.122 0 6   A   A "C3'" 1 ? 
ATOM   117 O "O3'" . A   A 1 6  ? 6.103   -2.618  5.585   1.000 14.784 0 6   A   A "O3'" 1 ? 
ATOM   118 C "C2'" . A   A 1 6  ? 7.649   -2.521  3.713   1.000 13.448 0 6   A   A "C2'" 1 ? 
ATOM   119 O "O2'" . A   A 1 6  ? 8.696   -2.588  4.657   1.000 17.163 0 6   A   A "O2'" 1 ? 
ATOM   120 C "C1'" . A   A 1 6  ? 7.859   -3.517  2.584   1.000 13.111 0 6   A   A "C1'" 1 ? 
ATOM   121 N N9    . A   A 1 6  ? 7.112   -3.208  1.376   1.000 10.890 0 6   A   A N9    1 ? 
ATOM   122 C C8    . A   A 1 6  ? 5.968   -3.792  0.911   1.000 10.468 0 6   A   A C8    1 ? 
ATOM   123 N N7    . A   A 1 6  ? 5.576   -3.315  -0.250  1.000 10.482 0 6   A   A N7    1 ? 
ATOM   124 C C5    . A   A 1 6  ? 6.550   -2.399  -0.580  1.000 9.085  0 6   A   A C5    1 ? 
ATOM   125 C C6    . A   A 1 6  ? 6.709   -1.556  -1.687  1.000 8.957  0 6   A   A C6    1 ? 
ATOM   126 N N6    . A   A 1 6  ? 5.892   -1.538  -2.730  1.000 9.747  0 6   A   A N6    1 ? 
ATOM   127 N N1    . A   A 1 6  ? 7.777   -0.717  -1.713  1.000 9.173  0 6   A   A N1    1 ? 
ATOM   128 C C2    . A   A 1 6  ? 8.615   -0.783  -0.680  1.000 9.416  0 6   A   A C2    1 ? 
ATOM   129 N N3    . A   A 1 6  ? 8.558   -1.501  0.439   1.000 9.041  0 6   A   A N3    1 ? 
ATOM   130 C C4    . A   A 1 6  ? 7.512   -2.333  0.418   1.000 9.617  0 6   A   A C4    1 ? 
ATOM   131 P P     . G   A 1 7  ? 5.176   -1.338  5.810   1.000 16.275 0 7   G   A P     1 ? 
ATOM   132 O OP1   . G   A 1 7  ? 5.087   -1.200  7.302   1.000 19.645 0 7   G   A OP1   1 ? 
ATOM   133 O OP2   . G   A 1 7  ? 3.954   -1.421  4.981   1.000 18.785 0 7   G   A OP2   1 ? 
ATOM   134 O "O5'" . G   A 1 7  ? 6.062   -0.108  5.290   1.000 16.088 0 7   G   A "O5'" 1 ? 
ATOM   135 C "C5'" . G   A 1 7  ? 7.368   0.162   5.894   1.000 15.403 0 7   G   A "C5'" 1 ? 
ATOM   136 C "C4'" . G   A 1 7  ? 8.100   1.338   5.260   1.000 16.324 0 7   G   A "C4'" 1 ? 
ATOM   137 O "O4'" . G   A 1 7  ? 8.700   0.948   3.993   1.000 16.265 0 7   G   A "O4'" 1 ? 
ATOM   138 C "C3'" . G   A 1 7  ? 7.265   2.577   4.918   1.000 15.636 0 7   G   A "C3'" 1 ? 
ATOM   139 O "O3'" . G   A 1 7  ? 7.094   3.425   6.033   1.000 16.243 0 7   G   A "O3'" 1 ? 
ATOM   140 C "C2'" . G   A 1 7  ? 8.185   3.233   3.882   1.000 14.288 0 7   G   A "C2'" 1 ? 
ATOM   141 O "O2'" . G   A 1 7  ? 9.375   3.808   4.354   1.000 16.095 0 7   G   A "O2'" 1 ? 
ATOM   142 C "C1'" . G   A 1 7  ? 8.570   2.010   3.071   1.000 15.661 0 7   G   A "C1'" 1 ? 
ATOM   143 N N9    . G   A 1 7  ? 7.572   1.680   2.072   1.000 13.940 0 7   G   A N9    1 ? 
ATOM   144 C C8    . G   A 1 7  ? 6.584   0.733   2.099   1.000 12.197 0 7   G   A C8    1 ? 
ATOM   145 N N7    . G   A 1 7  ? 5.859   0.673   1.020   1.000 15.674 0 7   G   A N7    1 ? 
ATOM   146 C C5    . G   A 1 7  ? 6.420   1.662   0.226   1.000 11.347 0 7   G   A C5    1 ? 
ATOM   147 C C6    . G   A 1 7  ? 6.033   2.090   -1.068  1.000 12.077 0 7   G   A C6    1 ? 
ATOM   148 O O6    . G   A 1 7  ? 5.148   1.566   -1.726  1.000 11.959 0 7   G   A O6    1 ? 
ATOM   149 N N1    . G   A 1 7  ? 6.832   3.123   -1.534  1.000 10.458 0 7   G   A N1    1 ? 
ATOM   150 C C2    . G   A 1 7  ? 7.810   3.742   -0.816  1.000 12.477 0 7   G   A C2    1 ? 
ATOM   151 N N2    . G   A 1 7  ? 8.396   4.797   -1.385  1.000 12.863 0 7   G   A N2    1 ? 
ATOM   152 N N3    . G   A 1 7  ? 8.190   3.347   0.398   1.000 12.858 0 7   G   A N3    1 ? 
ATOM   153 C C4    . G   A 1 7  ? 7.442   2.317   0.854   1.000 13.622 0 7   G   A C4    1 ? 
ATOM   154 P P     . A   A 1 8  ? 5.782   4.319   6.164   1.000 15.164 0 8   A   A P     1 ? 
ATOM   155 O OP1   . A   A 1 8  ? 5.856   4.922   7.541   1.000 19.039 0 8   A   A OP1   1 ? 
ATOM   156 O OP2   . A   A 1 8  ? 4.544   3.601   5.757   1.000 20.295 0 8   A   A OP2   1 ? 
ATOM   157 O "O5'" . A   A 1 8  ? 6.010   5.432   5.040   1.000 13.180 0 8   A   A "O5'" 1 ? 
ATOM   158 C "C5'" . A   A 1 8  ? 7.159   6.314   5.139   1.000 11.907 0 8   A   A "C5'" 1 ? 
ATOM   159 C "C4'" . A   A 1 8  ? 7.130   7.279   3.976   1.000 11.734 0 8   A   A "C4'" 1 ? 
ATOM   160 O "O4'" . A   A 1 8  ? 7.409   6.543   2.768   1.000 10.717 0 8   A   A "O4'" 1 ? 
ATOM   161 C "C3'" . A   A 1 8  ? 5.810   7.990   3.675   1.000 11.915 0 8   A   A "C3'" 1 ? 
ATOM   162 O "O3'" . A   A 1 8  ? 5.676   9.112   4.526   1.000 12.980 0 8   A   A "O3'" 1 ? 
ATOM   163 C "C2'" . A   A 1 8  ? 5.989   8.357   2.215   1.000 11.642 0 8   A   A "C2'" 1 ? 
ATOM   164 O "O2'" . A   A 1 8  ? 6.845   9.466   2.031   1.000 12.316 0 8   A   A "O2'" 1 ? 
ATOM   165 C "C1'" . A   A 1 8  ? 6.682   7.106   1.703   1.000 11.257 0 8   A   A "C1'" 1 ? 
ATOM   166 N N9    . A   A 1 8  ? 5.722   6.117   1.248   1.000 9.664  0 8   A   A N9    1 ? 
ATOM   167 C C8    . A   A 1 8  ? 5.263   5.009   1.915   1.000 8.973  0 8   A   A C8    1 ? 
ATOM   168 N N7    . A   A 1 8  ? 4.419   4.308   1.210   1.000 8.773  0 8   A   A N7    1 ? 
ATOM   169 C C5    . A   A 1 8  ? 4.331   4.982   0.011   1.000 7.897  0 8   A   A C5    1 ? 
ATOM   170 C C6    . A   A 1 8  ? 3.628   4.711   -1.173  1.000 8.333  0 8   A   A C6    1 ? 
ATOM   171 N N6    . A   A 1 8  ? 2.839   3.671   -1.349  1.000 8.637  0 8   A   A N6    1 ? 
ATOM   172 N N1    . A   A 1 8  ? 3.746   5.615   -2.175  1.000 9.223  0 8   A   A N1    1 ? 
ATOM   173 C C2    . A   A 1 8  ? 4.564   6.665   -2.023  1.000 11.023 0 8   A   A C2    1 ? 
ATOM   174 N N3    . A   A 1 8  ? 5.328   6.980   -0.986  1.000 10.360 0 8   A   A N3    1 ? 
ATOM   175 C C4    . A   A 1 8  ? 5.132   6.106   0.018   1.000 8.835  0 8   A   A C4    1 ? 
ATOM   176 P P     . U   A 1 9  ? 4.229   9.495   5.016   1.000 15.260 0 9   U   A P     1 ? 
ATOM   177 O OP1   . U   A 1 9  ? 4.494   10.692  5.880   1.000 16.440 0 9   U   A OP1   1 ? 
ATOM   178 O OP2   . U   A 1 9  ? 3.344   8.428   5.453   1.000 14.068 0 9   U   A OP2   1 ? 
ATOM   179 O "O5'" . U   A 1 9  ? 3.427   10.061  3.761   1.000 12.912 0 9   U   A "O5'" 1 ? 
ATOM   180 C "C5'" . U   A 1 9  ? 3.870   11.325  3.227   1.000 10.932 0 9   U   A "C5'" 1 ? 
ATOM   181 C "C4'" . U   A 1 9  ? 3.266   11.532  1.871   1.000 10.512 0 9   U   A "C4'" 1 ? 
ATOM   182 O "O4'" . U   A 1 9  ? 3.648   10.425  1.026   1.000 10.099 0 9   U   A "O4'" 1 ? 
ATOM   183 C "C3'" . U   A 1 9  ? 1.743   11.486  1.793   1.000 9.831  0 9   U   A "C3'" 1 ? 
ATOM   184 O "O3'" . U   A 1 9  ? 1.267   12.741  2.209   1.000 8.637  0 9   U   A "O3'" 1 ? 
ATOM   185 C "C2'" . U   A 1 9  ? 1.562   11.259  0.301   1.000 9.468  0 9   U   A "C2'" 1 ? 
ATOM   186 O "O2'" . U   A 1 9  ? 1.930   12.372  -0.479  1.000 10.904 0 9   U   A "O2'" 1 ? 
ATOM   187 C "C1'" . U   A 1 9  ? 2.611   10.169  0.103   1.000 10.006 0 9   U   A "C1'" 1 ? 
ATOM   188 N N1    . U   A 1 9  ? 2.113   8.804   0.362   1.000 9.506  0 9   U   A N1    1 ? 
ATOM   189 C C2    . U   A 1 9  ? 1.445   8.217   -0.701  1.000 10.060 0 9   U   A C2    1 ? 
ATOM   190 O O2    . U   A 1 9  ? 1.197   8.844   -1.721  1.000 10.857 0 9   U   A O2    1 ? 
ATOM   191 N N3    . U   A 1 9  ? 1.026   6.948   -0.464  1.000 8.913  0 9   U   A N3    1 ? 
ATOM   192 C C4    . U   A 1 9  ? 1.251   6.183   0.644   1.000 9.030  0 9   U   A C4    1 ? 
ATOM   193 O O4    . U   A 1 9  ? 0.855   5.021   0.698   1.000 10.232 0 9   U   A O4    1 ? 
ATOM   194 C C5    . U   A 1 9  ? 1.944   6.861   1.706   1.000 9.093  0 9   U   A C5    1 ? 
ATOM   195 C C6    . U   A 1 9  ? 2.346   8.126   1.520   1.000 9.686  0 9   U   A C6    1 ? 
ATOM   196 P P     . C   A 1 10 ? -0.149  12.865  2.931   1.000 9.464  0 10  C   A P     1 ? 
ATOM   197 O OP1   . C   A 1 10 ? -0.301  14.257  3.360   1.000 8.944  0 10  C   A OP1   1 ? 
ATOM   198 O OP2   . C   A 1 10 ? -0.215  11.781  3.938   1.000 10.389 0 10  C   A OP2   1 ? 
ATOM   199 O "O5'" . C   A 1 10 ? -1.211  12.512  1.811   1.000 8.032  0 10  C   A "O5'" 1 ? 
ATOM   200 C "C5'" . C   A 1 10 ? -1.511  13.513  0.847   1.000 8.695  0 10  C   A "C5'" 1 ? 
ATOM   201 C "C4'" . C   A 1 10 ? -2.261  12.909  -0.309  1.000 8.377  0 10  C   A "C4'" 1 ? 
ATOM   202 O "O4'" . C   A 1 10 ? -1.559  11.778  -0.874  1.000 8.164  0 10  C   A "O4'" 1 ? 
ATOM   203 C "C3'" . C   A 1 10 ? -3.624  12.306  0.013   1.000 8.920  0 10  C   A "C3'" 1 ? 
ATOM   204 O "O3'" . C   A 1 10 ? -4.544  13.359  0.149   1.000 10.566 0 10  C   A "O3'" 1 ? 
ATOM   205 C "C2'" . C   A 1 10 ? -3.867  11.506  -1.246  1.000 8.447  0 10  C   A "C2'" 1 ? 
ATOM   206 O "O2'" . C   A 1 10 ? -4.113  12.348  -2.367  1.000 8.513  0 10  C   A "O2'" 1 ? 
ATOM   207 C "C1'" . C   A 1 10 ? -2.492  10.876  -1.422  1.000 7.943  0 10  C   A "C1'" 1 ? 
ATOM   208 N N1    . C   A 1 10 ? -2.343  9.604   -0.685  1.000 7.540  0 10  C   A N1    1 ? 
ATOM   209 C C2    . C   A 1 10 ? -2.947  8.469   -1.221  1.000 8.002  0 10  C   A C2    1 ? 
ATOM   210 O O2    . C   A 1 10 ? -3.558  8.572   -2.289  1.000 9.294  0 10  C   A O2    1 ? 
ATOM   211 N N3    . C   A 1 10 ? -2.798  7.279   -0.598  1.000 8.070  0 10  C   A N3    1 ? 
ATOM   212 C C4    . C   A 1 10 ? -2.184  7.227   0.561   1.000 7.652  0 10  C   A C4    1 ? 
ATOM   213 N N4    . C   A 1 10 ? -2.098  6.041   1.118   1.000 9.345  0 10  C   A N4    1 ? 
ATOM   214 C C5    . C   A 1 10 ? -1.648  8.394   1.196   1.000 7.877  0 10  C   A C5    1 ? 
ATOM   215 C C6    . C   A 1 10 ? -1.748  9.547   0.541   1.000 7.364  0 10  C   A C6    1 ? 
ATOM   216 P P     . U   A 1 11 ? -5.915  13.134  0.967   1.000 12.008 0 11  U   A P     1 ? 
ATOM   217 O OP1   . U   A 1 11 ? -6.518  14.486  1.009   1.000 14.078 0 11  U   A OP1   1 ? 
ATOM   218 O OP2   . U   A 1 11 ? -5.748  12.350  2.206   1.000 14.129 0 11  U   A OP2   1 ? 
ATOM   219 O "O5'" . U   A 1 11 ? -6.760  12.162  0.030   1.000 12.571 0 11  U   A "O5'" 1 ? 
ATOM   220 C "C5'" . U   A 1 11 ? -7.362  12.603  -1.210  1.000 12.742 0 11  U   A "C5'" 1 ? 
ATOM   221 C "C4'" . U   A 1 11 ? -8.006  11.408  -1.866  1.000 13.511 0 11  U   A "C4'" 1 ? 
ATOM   222 O "O4'" . U   A 1 11 ? -7.030  10.378  -2.171  1.000 14.747 0 11  U   A "O4'" 1 ? 
ATOM   223 C "C3'" . U   A 1 11 ? -9.032  10.674  -1.002  1.000 13.272 0 11  U   A "C3'" 1 ? 
ATOM   224 O "O3'" . U   A 1 11 ? -10.231 11.426  -1.039  1.000 15.060 0 11  U   A "O3'" 1 ? 
ATOM   225 C "C2'" . U   A 1 11 ? -9.132  9.391   -1.817  1.000 13.465 0 11  U   A "C2'" 1 ? 
ATOM   226 O "O2'" . U   A 1 11 ? -9.685  9.631   -3.095  1.000 14.880 0 11  U   A "O2'" 1 ? 
ATOM   227 C "C1'" . U   A 1 11 ? -7.655  9.113   -2.049  1.000 13.438 0 11  U   A "C1'" 1 ? 
ATOM   228 N N1    . U   A 1 11 ? -7.029  8.359   -0.934  1.000 11.877 0 11  U   A N1    1 ? 
ATOM   229 C C2    . U   A 1 11 ? -7.297  7.010   -0.903  1.000 11.213 0 11  U   A C2    1 ? 
ATOM   230 O O2    . U   A 1 11 ? -8.004  6.440   -1.733  1.000 13.069 0 11  U   A O2    1 ? 
ATOM   231 N N3    . U   A 1 11 ? -6.608  6.321   0.062   1.000 10.966 0 11  U   A N3    1 ? 
ATOM   232 C C4    . U   A 1 11 ? -5.783  6.851   1.021   1.000 12.000 0 11  U   A C4    1 ? 
ATOM   233 O O4    . U   A 1 11 ? -5.242  6.089   1.803   1.000 12.954 0 11  U   A O4    1 ? 
ATOM   234 C C5    . U   A 1 11 ? -5.621  8.267   0.992   1.000 11.117 0 11  U   A C5    1 ? 
ATOM   235 C C6    . U   A 1 11 ? -6.240  8.957   0.029   1.000 11.785 0 11  U   A C6    1 ? 
ATOM   236 P P     . U   A 1 12 ? -11.252 11.312  0.174   1.000 15.812 0 12  U   A P     1 ? 
ATOM   237 O OP1   . U   A 1 12 ? -12.374 12.278  -0.101  1.000 19.325 0 12  U   A OP1   1 ? 
ATOM   238 O OP2   . U   A 1 12 ? -10.582 11.374  1.500   1.000 17.151 0 12  U   A OP2   1 ? 
ATOM   239 O "O5'" . U   A 1 12 ? -11.877 9.854   0.042   1.000 14.553 0 12  U   A "O5'" 1 ? 
ATOM   240 C "C5'" . U   A 1 12 ? -12.562 9.495   -1.171  1.000 15.098 0 12  U   A "C5'" 1 ? 
ATOM   241 C "C4'" . U   A 1 12 ? -12.894 8.032   -1.109  1.000 15.059 0 12  U   A "C4'" 1 ? 
ATOM   242 O "O4'" . U   A 1 12 ? -11.653 7.276   -1.227  1.000 13.568 0 12  U   A "O4'" 1 ? 
ATOM   243 C "C3'" . U   A 1 12 ? -13.531 7.519   0.193   1.000 15.023 0 12  U   A "C3'" 1 ? 
ATOM   244 O "O3'" . U   A 1 12 ? -14.937 7.765   0.259   1.000 16.553 0 12  U   A "O3'" 1 ? 
ATOM   245 C "C2'" . U   A 1 12 ? -13.244 6.035   -0.010  1.000 13.807 0 12  U   A "C2'" 1 ? 
ATOM   246 O "O2'" . U   A 1 12 ? -13.935 5.406   -1.075  1.000 15.952 0 12  U   A "O2'" 1 ? 
ATOM   247 C "C1'" . U   A 1 12 ? -11.796 6.085   -0.495  1.000 13.474 0 12  U   A "C1'" 1 ? 
ATOM   248 N N1    . U   A 1 12 ? -10.803 6.120   0.583   1.000 11.643 0 12  U   A N1    1 ? 
ATOM   249 C C2    . U   A 1 12 ? -10.443 4.903   1.110   1.000 10.833 0 12  U   A C2    1 ? 
ATOM   250 O O2    . U   A 1 12 ? -10.954 3.874   0.728   1.000 13.483 0 12  U   A O2    1 ? 
ATOM   251 N N3    . U   A 1 12 ? -9.455  4.970   2.062   1.000 11.434 0 12  U   A N3    1 ? 
ATOM   252 C C4    . U   A 1 12 ? -8.817  6.081   2.531   1.000 11.162 0 12  U   A C4    1 ? 
ATOM   253 O O4    . U   A 1 12 ? -7.966  6.013   3.417   1.000 13.458 0 12  U   A O4    1 ? 
ATOM   254 C C5    . U   A 1 12 ? -9.294  7.307   1.983   1.000 11.365 0 12  U   A C5    1 ? 
ATOM   255 C C6    . U   A 1 12 ? -10.258 7.281   1.050   1.000 11.177 0 12  U   A C6    1 ? 
ATOM   256 P P     . C   A 1 13 ? -15.631 7.938   1.674   1.000 18.371 0 13  C   A P     1 ? 
ATOM   257 O OP1   . C   A 1 13 ? -16.989 8.498   1.334   1.000 21.836 0 13  C   A OP1   1 ? 
ATOM   258 O OP2   . C   A 1 13 ? -14.835 8.648   2.702   1.000 20.240 0 13  C   A OP2   1 ? 
ATOM   259 O "O5'" . C   A 1 13 ? -15.849 6.433   2.135   1.000 18.866 0 13  C   A "O5'" 1 ? 
ATOM   260 C "C5'" . C   A 1 13 ? -16.509 5.492   1.251   1.000 17.016 0 13  C   A "C5'" 1 ? 
ATOM   261 C "C4'" . C   A 1 13 ? -16.400 4.104   1.840   1.000 17.621 0 13  C   A "C4'" 1 ? 
ATOM   262 O "O4'" . C   A 1 13 ? -15.034 3.634   1.688   1.000 15.972 0 13  C   A "O4'" 1 ? 
ATOM   263 C "C3'" . C   A 1 13 ? -16.666 3.981   3.344   1.000 17.785 0 13  C   A "C3'" 1 ? 
ATOM   264 O "O3'" . C   A 1 13 ? -18.028 3.832   3.721   1.000 21.144 0 13  C   A "O3'" 1 ? 
ATOM   265 C "C2'" . C   A 1 13 ? -15.883 2.719   3.686   1.000 16.723 0 13  C   A "C2'" 1 ? 
ATOM   266 O "O2'" . C   A 1 13 ? -16.550 1.547   3.273   1.000 18.878 0 13  C   A "O2'" 1 ? 
ATOM   267 C "C1'" . C   A 1 13 ? -14.641 2.887   2.811   1.000 15.567 0 13  C   A "C1'" 1 ? 
ATOM   268 N N1    . C   A 1 13 ? -13.522 3.592   3.494   1.000 13.028 0 13  C   A N1    1 ? 
ATOM   269 C C2    . C   A 1 13 ? -12.677 2.817   4.292   1.000 12.575 0 13  C   A C2    1 ? 
ATOM   270 O O2    . C   A 1 13 ? -12.957 1.624   4.429   1.000 13.753 0 13  C   A O2    1 ? 
ATOM   271 N N3    . C   A 1 13 ? -11.661 3.421   4.951   1.000 12.298 0 13  C   A N3    1 ? 
ATOM   272 C C4    . C   A 1 13 ? -11.414 4.731   4.779   1.000 12.625 0 13  C   A C4    1 ? 
ATOM   273 N N4    . C   A 1 13 ? -10.362 5.251   5.359   1.000 13.395 0 13  C   A N4    1 ? 
ATOM   274 C C5    . C   A 1 13 ? -12.271 5.548   3.996   1.000 12.808 0 13  C   A C5    1 ? 
ATOM   275 C C6    . C   A 1 13 ? -13.298 4.927   3.379   1.000 12.414 0 13  C   A C6    1 ? 
ATOM   276 P P     . U   A 1 14 ? -18.501 4.419   5.135   1.000 21.283 0 14  U   A P     1 ? 
ATOM   277 O OP1   . U   A 1 14 ? -19.990 4.345   5.082   1.000 25.580 0 14  U   A OP1   1 ? 
ATOM   278 O OP2   . U   A 1 14 ? -17.901 5.705   5.584   1.000 18.665 0 14  U   A OP2   1 ? 
ATOM   279 O "O5'" . U   A 1 14 ? -17.967 3.328   6.173   1.000 17.443 0 14  U   A "O5'" 1 ? 
ATOM   280 C "C5'" . U   A 1 14 ? -18.410 1.969   6.111   1.000 16.468 0 14  U   A "C5'" 1 ? 
ATOM   281 C "C4'" . U   A 1 14 ? -17.684 1.219   7.206   1.000 15.425 0 14  U   A "C4'" 1 ? 
ATOM   282 O "O4'" . U   A 1 14 ? -16.273 1.132   6.873   1.000 13.735 0 14  U   A "O4'" 1 ? 
ATOM   283 C "C3'" . U   A 1 14 ? -17.664 1.887   8.582   1.000 15.850 0 14  U   A "C3'" 1 ? 
ATOM   284 O "O3'" . U   A 1 14 ? -18.907 1.722   9.254   1.000 19.137 0 14  U   A "O3'" 1 ? 
ATOM   285 C "C2'" . U   A 1 14 ? -16.518 1.120   9.242   1.000 14.636 0 14  U   A "C2'" 1 ? 
ATOM   286 O "O2'" . U   A 1 14 ? -16.864 -0.199  9.597   1.000 15.305 0 14  U   A "O2'" 1 ? 
ATOM   287 C "C1'" . U   A 1 14 ? -15.536 1.067   8.078   1.000 14.626 0 14  U   A "C1'" 1 ? 
ATOM   288 N N1    . U   A 1 14 ? -14.605 2.201   8.101   1.000 14.822 0 14  U   A N1    1 ? 
ATOM   289 C C2    . U   A 1 14 ? -13.514 2.086   8.934   1.000 14.424 0 14  U   A C2    1 ? 
ATOM   290 O O2    . U   A 1 14 ? -13.329 1.136   9.672   1.000 15.227 0 14  U   A O2    1 ? 
ATOM   291 N N3    . U   A 1 14 ? -12.636 3.130   8.880   1.000 13.854 0 14  U   A N3    1 ? 
ATOM   292 C C4    . U   A 1 14 ? -12.758 4.276   8.117   1.000 13.947 0 14  U   A C4    1 ? 
ATOM   293 O O4    . U   A 1 14 ? -11.885 5.129   8.190   1.000 15.099 0 14  U   A O4    1 ? 
ATOM   294 C C5    . U   A 1 14 ? -13.925 4.331   7.289   1.000 14.206 0 14  U   A C5    1 ? 
ATOM   295 C C6    . U   A 1 14 ? -14.798 3.313   7.312   1.000 13.732 0 14  U   A C6    1 ? 
HETATM 296 P P     . RSP A 1 15 ? -19.389 2.836   10.297  1.000 22.301 0 15  RSP A P     1 ? 
HETATM 297 N N1    . RSP A 1 15 ? -14.643 2.796   12.936  1.000 19.470 0 15  RSP A N1    1 ? 
HETATM 298 C C2    . RSP A 1 15 ? -13.342 3.259   13.443  1.000 16.200 0 15  RSP A C2    1 ? 
HETATM 299 S S2    . RSP A 1 15 ? -12.680 2.490   14.658  1.000 23.029 0 15  RSP A S2    1 ? 
HETATM 300 N N3    . RSP A 1 15 ? -12.736 4.412   12.818  1.000 16.189 0 15  RSP A N3    1 ? 
HETATM 301 C C4    . RSP A 1 15 ? -13.362 5.046   11.734  1.000 16.662 0 15  RSP A C4    1 ? 
HETATM 302 N N4    . RSP A 1 15 ? -12.702 6.154   11.157  1.000 19.455 0 15  RSP A N4    1 ? 
HETATM 303 C C5    . RSP A 1 15 ? -14.649 4.595   11.227  1.000 19.151 0 15  RSP A C5    1 ? 
HETATM 304 C C6    . RSP A 1 15 ? -15.283 3.447   11.863  1.000 19.407 0 15  RSP A C6    1 ? 
HETATM 305 C "C1'" . RSP A 1 15 ? -15.278 1.632   13.521  1.000 21.462 0 15  RSP A "C1'" 1 ? 
HETATM 306 C "C2'" . RSP A 1 15 ? -16.051 2.075   14.804  1.000 22.756 0 15  RSP A "C2'" 1 ? 
HETATM 307 O "O2'" . RSP A 1 15 ? -15.932 0.982   15.623  1.000 25.562 0 15  RSP A "O2'" 1 ? 
HETATM 308 C "C3'" . RSP A 1 15 ? -17.401 2.386   14.251  1.000 24.765 0 15  RSP A "C3'" 1 ? 
HETATM 309 O "O3'" . RSP A 1 15 ? -18.290 2.432   15.355  1.000 25.391 0 15  RSP A "O3'" 1 ? 
HETATM 310 C "C4'" . RSP A 1 15 ? -17.570 1.324   13.399  1.000 23.678 0 15  RSP A "C4'" 1 ? 
HETATM 311 O "O4'" . RSP A 1 15 ? -16.160 1.159   12.670  1.000 22.713 0 15  RSP A "O4'" 1 ? 
HETATM 312 C "C5'" . RSP A 1 15 ? -18.583 1.438   12.300  1.000 23.218 0 15  RSP A "C5'" 1 ? 
HETATM 313 O "O5'" . RSP A 1 15 ? -18.495 2.646   11.590  1.000 20.816 0 15  RSP A "O5'" 1 ? 
HETATM 314 O OP1   . RSP A 1 15 ? -20.801 2.529   10.677  1.000 29.330 0 15  RSP A OP1   1 ? 
HETATM 315 O OP2   . RSP A 1 15 ? -19.044 4.258   10.029  1.000 21.285 0 15  RSP A OP2   1 ? 
ATOM   316 P P     . U   A 1 16 ? -18.837 3.805   15.998  1.000 24.723 0 16  U   A P     1 ? 
ATOM   317 O OP1   . U   A 1 16 ? -19.875 3.412   16.997  1.000 25.879 0 16  U   A OP1   1 ? 
ATOM   318 O OP2   . U   A 1 16 ? -19.195 4.866   15.026  1.000 24.611 0 16  U   A OP2   1 ? 
ATOM   319 O "O5'" . U   A 1 16 ? -17.526 4.410   16.686  1.000 24.133 0 16  U   A "O5'" 1 ? 
ATOM   320 C "C5'" . U   A 1 16 ? -17.067 3.905   17.964  1.000 24.982 0 16  U   A "C5'" 1 ? 
ATOM   321 C "C4'" . U   A 1 16 ? -15.766 4.581   18.315  1.000 24.552 0 16  U   A "C4'" 1 ? 
ATOM   322 O "O4'" . U   A 1 16 ? -14.813 4.442   17.229  1.000 22.658 0 16  U   A "O4'" 1 ? 
ATOM   323 C "C3'" . U   A 1 16 ? -15.786 6.107   18.481  1.000 24.514 0 16  U   A "C3'" 1 ? 
ATOM   324 O "O3'" . U   A 1 16 ? -16.553 6.562   19.586  1.000 27.317 0 16  U   A "O3'" 1 ? 
ATOM   325 C "C2'" . U   A 1 16 ? -14.275 6.340   18.546  1.000 24.267 0 16  U   A "C2'" 1 ? 
ATOM   326 O "O2'" . U   A 1 16 ? -13.674 5.878   19.741  1.000 27.826 0 16  U   A "O2'" 1 ? 
ATOM   327 C "C1'" . U   A 1 16 ? -13.863 5.486   17.343  1.000 22.980 0 16  U   A "C1'" 1 ? 
ATOM   328 N N1    . U   A 1 16 ? -13.872 6.270   16.100  1.000 22.085 0 16  U   A N1    1 ? 
ATOM   329 C C2    . U   A 1 16 ? -12.766 7.060   15.882  1.000 20.065 0 16  U   A C2    1 ? 
ATOM   330 O O2    . U   A 1 16 ? -11.837 7.117   16.668  1.000 21.415 0 16  U   A O2    1 ? 
ATOM   331 N N3    . U   A 1 16 ? -12.819 7.822   14.764  1.000 22.786 0 16  U   A N3    1 ? 
ATOM   332 C C4    . U   A 1 16 ? -13.830 7.880   13.837  1.000 22.801 0 16  U   A C4    1 ? 
ATOM   333 O O4    . U   A 1 16 ? -13.687 8.617   12.867  1.000 24.761 0 16  U   A O4    1 ? 
ATOM   334 C C5    . U   A 1 16 ? -14.940 7.013   14.101  1.000 20.539 0 16  U   A C5    1 ? 
ATOM   335 C C6    . U   A 1 16 ? -14.934 6.268   15.215  1.000 21.124 0 16  U   A C6    1 ? 
ATOM   336 O "O5'" . A   B 1 1  ? -4.317  13.058  11.906  1.000 42.419 0 1   A   B "O5'" 1 ? 
ATOM   337 C "C5'" . A   B 1 1  ? -4.816  13.903  12.971  1.000 38.566 0 1   A   B "C5'" 1 ? 
ATOM   338 C "C4'" . A   B 1 1  ? -4.713  13.187  14.300  1.000 38.054 0 1   A   B "C4'" 1 ? 
ATOM   339 O "O4'" . A   B 1 1  ? -5.870  13.521  15.116  1.000 34.923 0 1   A   B "O4'" 1 ? 
ATOM   340 C "C3'" . A   B 1 1  ? -4.673  11.652  14.265  1.000 33.830 0 1   A   B "C3'" 1 ? 
ATOM   341 O "O3'" . A   B 1 1  ? -3.338  11.153  14.284  1.000 33.264 0 1   A   B "O3'" 1 ? 
ATOM   342 C "C2'" . A   B 1 1  ? -5.433  11.280  15.537  1.000 32.426 0 1   A   B "C2'" 1 ? 
ATOM   343 O "O2'" . A   B 1 1  ? -4.692  11.415  16.732  1.000 32.880 0 1   A   B "O2'" 1 ? 
ATOM   344 C "C1'" . A   B 1 1  ? -6.533  12.330  15.476  1.000 32.612 0 1   A   B "C1'" 1 ? 
ATOM   345 N N9    . A   B 1 1  ? -7.581  12.019  14.508  1.000 25.954 0 1   A   B N9    1 ? 
ATOM   346 C C8    . A   B 1 1  ? -7.785  12.502  13.239  1.000 21.892 0 1   A   B C8    1 ? 
ATOM   347 N N7    . A   B 1 1  ? -8.830  11.997  12.639  1.000 23.642 0 1   A   B N7    1 ? 
ATOM   348 C C5    . A   B 1 1  ? -9.341  11.103  13.562  1.000 18.187 0 1   A   B C5    1 ? 
ATOM   349 C C6    . A   B 1 1  ? -10.443 10.229  13.540  1.000 16.411 0 1   A   B C6    1 ? 
ATOM   350 N N6    . A   B 1 1  ? -11.282 10.117  12.520  1.000 20.041 0 1   A   B N6    1 ? 
ATOM   351 N N1    . A   B 1 1  ? -10.634 9.453   14.627  1.000 19.397 0 1   A   B N1    1 ? 
ATOM   352 C C2    . A   B 1 1  ? -9.794  9.540   15.658  1.000 18.813 0 1   A   B C2    1 ? 
ATOM   353 N N3    . A   B 1 1  ? -8.735  10.327  15.801  1.000 20.641 0 1   A   B N3    1 ? 
ATOM   354 C C4    . A   B 1 1  ? -8.553  11.069  14.695  1.000 19.347 0 1   A   B C4    1 ? 
ATOM   355 P P     . DG  B 1 2  ? -2.917  9.929   13.323  1.000 33.599 0 2   DG  B P     1 ? 
ATOM   356 O OP1   . DG  B 1 2  ? -1.434  9.754   13.306  1.000 37.048 0 2   DG  B OP1   1 ? 
ATOM   357 O OP2   . DG  B 1 2  ? -3.646  9.899   12.026  1.000 34.741 0 2   DG  B OP2   1 ? 
ATOM   358 O "O5'" . DG  B 1 2  ? -3.530  8.754   14.217  1.000 27.871 0 2   DG  B "O5'" 1 ? 
ATOM   359 C "C5'" . DG  B 1 2  ? -2.911  8.486   15.509  1.000 24.956 0 2   DG  B "C5'" 1 ? 
ATOM   360 C "C4'" . DG  B 1 2  ? -3.767  7.497   16.263  1.000 20.771 0 2   DG  B "C4'" 1 ? 
ATOM   361 O "O4'" . DG  B 1 2  ? -5.064  8.068   16.511  1.000 19.344 0 2   DG  B "O4'" 1 ? 
ATOM   362 C "C3'" . DG  B 1 2  ? -4.070  6.194   15.521  1.000 19.046 0 2   DG  B "C3'" 1 ? 
ATOM   363 O "O3'" . DG  B 1 2  ? -2.987  5.281   15.629  1.000 17.743 0 2   DG  B "O3'" 1 ? 
ATOM   364 C "C2'" . DG  B 1 2  ? -5.267  5.729   16.329  1.000 17.369 0 2   DG  B "C2'" 1 ? 
ATOM   365 C "C1'" . DG  B 1 2  ? -6.042  7.029   16.471  1.000 17.844 0 2   DG  B "C1'" 1 ? 
ATOM   366 N N9    . DG  B 1 2  ? -6.891  7.252   15.313  1.000 15.997 0 2   DG  B N9    1 ? 
ATOM   367 C C8    . DG  B 1 2  ? -6.638  8.046   14.227  1.000 15.909 0 2   DG  B C8    1 ? 
ATOM   368 N N7    . DG  B 1 2  ? -7.585  7.999   13.329  1.000 16.747 0 2   DG  B N7    1 ? 
ATOM   369 C C5    . DG  B 1 2  ? -8.463  7.038   13.820  1.000 14.310 0 2   DG  B C5    1 ? 
ATOM   370 C C6    . DG  B 1 2  ? -9.657  6.534   13.267  1.000 14.475 0 2   DG  B C6    1 ? 
ATOM   371 O O6    . DG  B 1 2  ? -10.186 6.857   12.203  1.000 13.945 0 2   DG  B O6    1 ? 
ATOM   372 N N1    . DG  B 1 2  ? -10.221 5.541   14.060  1.000 14.599 0 2   DG  B N1    1 ? 
ATOM   373 C C2    . DG  B 1 2  ? -9.738  5.138   15.281  1.000 15.678 0 2   DG  B C2    1 ? 
ATOM   374 N N2    . DG  B 1 2  ? -10.439 4.203   15.922  1.000 17.083 0 2   DG  B N2    1 ? 
ATOM   375 N N3    . DG  B 1 2  ? -8.634  5.642   15.833  1.000 15.918 0 2   DG  B N3    1 ? 
ATOM   376 C C4    . DG  B 1 2  ? -8.033  6.553   15.032  1.000 15.573 0 2   DG  B C4    1 ? 
ATOM   377 P P     . A   B 1 3  ? -2.632  4.272   14.443  1.000 18.654 0 3   A   B P     1 ? 
ATOM   378 O OP1   . A   B 1 3  ? -1.396  3.530   14.846  1.000 20.538 0 3   A   B OP1   1 ? 
ATOM   379 O OP2   . A   B 1 3  ? -2.693  4.927   13.109  1.000 17.599 0 3   A   B OP2   1 ? 
ATOM   380 O "O5'" . A   B 1 3  ? -3.908  3.306   14.478  1.000 16.573 0 3   A   B "O5'" 1 ? 
ATOM   381 C "C5'" . A   B 1 3  ? -4.093  2.443   15.624  1.000 14.101 0 3   A   B "C5'" 1 ? 
ATOM   382 C "C4'" . A   B 1 3  ? -5.280  1.557   15.380  1.000 15.443 0 3   A   B "C4'" 1 ? 
ATOM   383 O "O4'" . A   B 1 3  ? -6.478  2.362   15.355  1.000 14.315 0 3   A   B "O4'" 1 ? 
ATOM   384 C "C3'" . A   B 1 3  ? -5.341  0.824   14.041  1.000 14.688 0 3   A   B "C3'" 1 ? 
ATOM   385 O "O3'" . A   B 1 3  ? -4.436  -0.273  14.055  1.000 14.660 0 3   A   B "O3'" 1 ? 
ATOM   386 C "C2'" . A   B 1 3  ? -6.811  0.439   13.991  1.000 14.640 0 3   A   B "C2'" 1 ? 
ATOM   387 O "O2'" . A   B 1 3  ? -7.055  -0.631  14.892  1.000 15.086 0 3   A   B "O2'" 1 ? 
ATOM   388 C "C1'" . A   B 1 3  ? -7.404  1.778   14.466  1.000 13.874 0 3   A   B "C1'" 1 ? 
ATOM   389 N N9    . A   B 1 3  ? -7.638  2.730   13.381  1.000 12.792 0 3   A   B N9    1 ? 
ATOM   390 C C8    . A   B 1 3  ? -6.879  3.807   12.986  1.000 13.400 0 3   A   B C8    1 ? 
ATOM   391 N N7    . A   B 1 3  ? -7.374  4.455   11.962  1.000 13.955 0 3   A   B N7    1 ? 
ATOM   392 C C5    . A   B 1 3  ? -8.526  3.757   11.655  1.000 11.868 0 3   A   B C5    1 ? 
ATOM   393 C C6    . A   B 1 3  ? -9.511  3.931   10.677  1.000 10.928 0 3   A   B C6    1 ? 
ATOM   394 N N6    . A   B 1 3  ? -9.502  4.897   9.772   1.000 12.271 0 3   A   B N6    1 ? 
ATOM   395 N N1    . A   B 1 3  ? -10.524 3.041   10.636  1.000 11.473 0 3   A   B N1    1 ? 
ATOM   396 C C2    . A   B 1 3  ? -10.571 2.091   11.562  1.000 12.151 0 3   A   B C2    1 ? 
ATOM   397 N N3    . A   B 1 3  ? -9.695  1.809   12.506  1.000 13.407 0 3   A   B N3    1 ? 
ATOM   398 C C4    . A   B 1 3  ? -8.690  2.691   12.515  1.000 12.790 0 3   A   B C4    1 ? 
ATOM   399 P P     . G   B 1 4  ? -3.729  -0.673  12.692  1.000 15.680 0 4   G   B P     1 ? 
ATOM   400 O OP1   . G   B 1 4  ? -2.784  -1.753  13.153  1.000 18.968 0 4   G   B OP1   1 ? 
ATOM   401 O OP2   . G   B 1 4  ? -3.202  0.469   11.881  1.000 17.204 0 4   G   B OP2   1 ? 
ATOM   402 O "O5'" . G   B 1 4  ? -4.862  -1.201  11.691  1.000 14.965 0 4   G   B "O5'" 1 ? 
ATOM   403 C "C5'" . G   B 1 4  ? -5.590  -2.359  12.145  1.000 14.028 0 4   G   B "C5'" 1 ? 
ATOM   404 C "C4'" . G   B 1 4  ? -6.738  -2.627  11.210  1.000 12.982 0 4   G   B "C4'" 1 ? 
ATOM   405 O "O4'" . G   B 1 4  ? -7.699  -1.550  11.350  1.000 13.607 0 4   G   B "O4'" 1 ? 
ATOM   406 C "C3'" . G   B 1 4  ? -6.477  -2.635  9.703   1.000 11.696 0 4   G   B "C3'" 1 ? 
ATOM   407 O "O3'" . G   B 1 4  ? -5.882  -3.848  9.266   1.000 10.409 0 4   G   B "O3'" 1 ? 
ATOM   408 C "C2'" . G   B 1 4  ? -7.913  -2.491  9.212   1.000 12.413 0 4   G   B "C2'" 1 ? 
ATOM   409 O "O2'" . G   B 1 4  ? -8.614  -3.688  9.403   1.000 13.065 0 4   G   B "O2'" 1 ? 
ATOM   410 C "C1'" . G   B 1 4  ? -8.457  -1.439  10.174  1.000 12.764 0 4   G   B "C1'" 1 ? 
ATOM   411 N N9    . G   B 1 4  ? -8.303  -0.108  9.627   1.000 13.308 0 4   G   B N9    1 ? 
ATOM   412 C C8    . G   B 1 4  ? -7.289  0.791   9.818   1.000 12.358 0 4   G   B C8    1 ? 
ATOM   413 N N7    . G   B 1 4  ? -7.368  1.850   9.062   1.000 11.921 0 4   G   B N7    1 ? 
ATOM   414 C C5    . G   B 1 4  ? -8.503  1.635   8.305   1.000 11.013 0 4   G   B C5    1 ? 
ATOM   415 C C6    . G   B 1 4  ? -9.120  2.460   7.341   1.000 11.374 0 4   G   B C6    1 ? 
ATOM   416 O O6    . G   B 1 4  ? -8.760  3.559   6.916   1.000 13.681 0 4   G   B O6    1 ? 
ATOM   417 N N1    . G   B 1 4  ? -10.242 1.845   6.812   1.000 11.205 0 4   G   B N1    1 ? 
ATOM   418 C C2    . G   B 1 4  ? -10.736 0.637   7.199   1.000 13.271 0 4   G   B C2    1 ? 
ATOM   419 N N2    . G   B 1 4  ? -11.838 0.241   6.584   1.000 13.530 0 4   G   B N2    1 ? 
ATOM   420 N N3    . G   B 1 4  ? -10.197 -0.127  8.142   1.000 12.834 0 4   G   B N3    1 ? 
ATOM   421 C C4    . G   B 1 4  ? -9.068  0.424   8.619   1.000 12.680 0 4   G   B C4    1 ? 
ATOM   422 P P     . A   B 1 5  ? -4.870  -3.885  8.037   1.000 11.667 0 5   A   B P     1 ? 
ATOM   423 O OP1   . A   B 1 5  ? -4.332  -5.272  7.975   1.000 11.196 0 5   A   B OP1   1 ? 
ATOM   424 O OP2   . A   B 1 5  ? -3.944  -2.730  8.129   1.000 12.661 0 5   A   B OP2   1 ? 
ATOM   425 O "O5'" . A   B 1 5  ? -5.862  -3.609  6.808   1.000 10.488 0 5   A   B "O5'" 1 ? 
ATOM   426 C "C5'" . A   B 1 5  ? -6.631  -4.737  6.352   1.000 9.864  0 5   A   B "C5'" 1 ? 
ATOM   427 C "C4'" . A   B 1 5  ? -7.665  -4.282  5.365   1.000 9.853  0 5   A   B "C4'" 1 ? 
ATOM   428 O "O4'" . A   B 1 5  ? -8.408  -3.149  5.869   1.000 10.646 0 5   A   B "O4'" 1 ? 
ATOM   429 C "C3'" . A   B 1 5  ? -7.143  -3.790  4.022   1.000 10.629 0 5   A   B "C3'" 1 ? 
ATOM   430 O "O3'" . A   B 1 5  ? -6.793  -4.880  3.221   1.000 10.667 0 5   A   B "O3'" 1 ? 
ATOM   431 C "C2'" . A   B 1 5  ? -8.388  -3.069  3.531   1.000 10.770 0 5   A   B "C2'" 1 ? 
ATOM   432 O "O2'" . A   B 1 5  ? -9.378  -4.010  3.206   1.000 11.331 0 5   A   B "O2'" 1 ? 
ATOM   433 C "C1'" . A   B 1 5  ? -8.786  -2.320  4.782   1.000 10.519 0 5   A   B "C1'" 1 ? 
ATOM   434 N N9    . A   B 1 5  ? -8.139  -1.029  4.934   1.000 11.157 0 5   A   B N9    1 ? 
ATOM   435 C C8    . A   B 1 5  ? -7.040  -0.711  5.680   1.000 10.323 0 5   A   B C8    1 ? 
ATOM   436 N N7    . A   B 1 5  ? -6.680  0.545   5.590   1.000 11.019 0 5   A   B N7    1 ? 
ATOM   437 C C5    . A   B 1 5  ? -7.589  1.097   4.706   1.000 10.242 0 5   A   B C5    1 ? 
ATOM   438 C C6    . A   B 1 5  ? -7.772  2.389   4.180   1.000 10.877 0 5   A   B C6    1 ? 
ATOM   439 N N6    . A   B 1 5  ? -7.012  3.422   4.492   1.000 11.415 0 5   A   B N6    1 ? 
ATOM   440 N N1    . A   B 1 5  ? -8.781  2.557   3.296   1.000 11.452 0 5   A   B N1    1 ? 
ATOM   441 C C2    . A   B 1 5  ? -9.555  1.525   2.994   1.000 11.428 0 5   A   B C2    1 ? 
ATOM   442 N N3    . A   B 1 5  ? -9.505  0.285   3.445   1.000 11.528 0 5   A   B N3    1 ? 
ATOM   443 C C4    . A   B 1 5  ? -8.473  0.125   4.270   1.000 10.797 0 5   A   B C4    1 ? 
ATOM   444 P P     . A   B 1 6  ? -5.749  -4.708  2.022   1.000 11.795 0 6   A   B P     1 ? 
ATOM   445 O OP1   . A   B 1 6  ? -5.421  -6.075  1.612   1.000 12.656 0 6   A   B OP1   1 ? 
ATOM   446 O OP2   . A   B 1 6  ? -4.670  -3.778  2.435   1.000 13.301 0 6   A   B OP2   1 ? 
ATOM   447 O "O5'" . A   B 1 6  ? -6.593  -3.918  0.922   1.000 12.953 0 6   A   B "O5'" 1 ? 
ATOM   448 C "C5'" . A   B 1 6  ? -7.631  -4.597  0.174   1.000 13.720 0 6   A   B "C5'" 1 ? 
ATOM   449 C "C4'" . A   B 1 6  ? -8.276  -3.561  -0.716  1.000 13.416 0 6   A   B "C4'" 1 ? 
ATOM   450 O "O4'" . A   B 1 6  ? -8.863  -2.511  0.074   1.000 13.950 0 6   A   B "O4'" 1 ? 
ATOM   451 C "C3'" . A   B 1 6  ? -7.353  -2.751  -1.630  1.000 13.921 0 6   A   B "C3'" 1 ? 
ATOM   452 O "O3'" . A   B 1 6  ? -7.058  -3.540  -2.736  1.000 14.417 0 6   A   B "O3'" 1 ? 
ATOM   453 C "C2'" . A   B 1 6  ? -8.248  -1.569  -1.964  1.000 15.740 0 6   A   B "C2'" 1 ? 
ATOM   454 O "O2'" . A   B 1 6  ? -9.329  -1.937  -2.799  1.000 16.713 0 6   A   B "O2'" 1 ? 
ATOM   455 C "C1'" . A   B 1 6  ? -8.756  -1.258  -0.577  1.000 14.639 0 6   A   B "C1'" 1 ? 
ATOM   456 N N9    . A   B 1 6  ? -7.843  -0.381  0.148   1.000 13.194 0 6   A   B N9    1 ? 
ATOM   457 C C8    . A   B 1 6  ? -6.873  -0.743  1.051   1.000 12.644 0 6   A   B C8    1 ? 
ATOM   458 N N7    . A   B 1 6  ? -6.192  0.271   1.519   1.000 12.581 0 6   A   B N7    1 ? 
ATOM   459 C C5    . A   B 1 6  ? -6.745  1.373   0.903   1.000 11.834 0 6   A   B C5    1 ? 
ATOM   460 C C6    . A   B 1 6  ? -6.407  2.747   0.920   1.000 12.244 0 6   A   B C6    1 ? 
ATOM   461 N N6    . A   B 1 6  ? -5.475  3.251   1.722   1.000 13.950 0 6   A   B N6    1 ? 
ATOM   462 N N1    . A   B 1 6  ? -7.104  3.580   0.112   1.000 12.682 0 6   A   B N1    1 ? 
ATOM   463 C C2    . A   B 1 6  ? -8.069  3.056   -0.656  1.000 12.717 0 6   A   B C2    1 ? 
ATOM   464 N N3    . A   B 1 6  ? -8.425  1.783   -0.815  1.000 13.507 0 6   A   B N3    1 ? 
ATOM   465 C C4    . A   B 1 6  ? -7.721  0.975   0.003   1.000 12.661 0 6   A   B C4    1 ? 
ATOM   466 P P     . G   B 1 7  ? -5.648  -3.356  -3.454  1.000 14.509 0 7   G   B P     1 ? 
ATOM   467 O OP1   . G   B 1 7  ? -5.513  -4.371  -4.538  1.000 17.476 0 7   G   B OP1   1 ? 
ATOM   468 O OP2   . G   B 1 7  ? -4.513  -3.125  -2.520  1.000 16.059 0 7   G   B OP2   1 ? 
ATOM   469 O "O5'" . G   B 1 7  ? -5.839  -1.914  -4.131  1.000 13.065 0 7   G   B "O5'" 1 ? 
ATOM   470 C "C5'" . G   B 1 7  ? -6.828  -1.729  -5.173  1.000 12.642 0 7   G   B "C5'" 1 ? 
ATOM   471 C "C4'" . G   B 1 7  ? -6.977  -0.260  -5.490  1.000 12.126 0 7   G   B "C4'" 1 ? 
ATOM   472 O "O4'" . G   B 1 7  ? -7.370  0.479   -4.317  1.000 12.564 0 7   G   B "O4'" 1 ? 
ATOM   473 C "C3'" . G   B 1 7  ? -5.720  0.477   -5.945  1.000 11.747 0 7   G   B "C3'" 1 ? 
ATOM   474 O "O3'" . G   B 1 7  ? -5.470  0.168   -7.297  1.000 12.536 0 7   G   B "O3'" 1 ? 
ATOM   475 C "C2'" . G   B 1 7  ? -6.188  1.906   -5.749  1.000 12.118 0 7   G   B "C2'" 1 ? 
ATOM   476 O "O2'" . G   B 1 7  ? -7.145  2.281   -6.715  1.000 13.648 0 7   G   B "O2'" 1 ? 
ATOM   477 C "C1'" . G   B 1 7  ? -6.843  1.783   -4.378  1.000 12.251 0 7   G   B "C1'" 1 ? 
ATOM   478 N N9    . G   B 1 7  ? -5.898  1.909   -3.288  1.000 11.178 0 7   G   B N9    1 ? 
ATOM   479 C C8    . G   B 1 7  ? -5.348  0.954   -2.485  1.000 9.874  0 7   G   B C8    1 ? 
ATOM   480 N N7    . G   B 1 7  ? -4.510  1.432   -1.599  1.000 10.562 0 7   G   B N7    1 ? 
ATOM   481 C C5    . G   B 1 7  ? -4.514  2.792   -1.839  1.000 9.481  0 7   G   B C5    1 ? 
ATOM   482 C C6    . G   B 1 7  ? -3.814  3.842   -1.207  1.000 8.951  0 7   G   B C6    1 ? 
ATOM   483 O O6    . G   B 1 7  ? -3.043  3.777   -0.252  1.000 10.315 0 7   G   B O6    1 ? 
ATOM   484 N N1    . G   B 1 7  ? -4.130  5.067   -1.783  1.000 9.272  0 7   G   B N1    1 ? 
ATOM   485 C C2    . G   B 1 7  ? -4.979  5.262   -2.833  1.000 9.777  0 7   G   B C2    1 ? 
ATOM   486 N N2    . G   B 1 7  ? -5.072  6.499   -3.315  1.000 10.447 0 7   G   B N2    1 ? 
ATOM   487 N N3    . G   B 1 7  ? -5.618  4.273   -3.452  1.000 9.431  0 7   G   B N3    1 ? 
ATOM   488 C C4    . G   B 1 7  ? -5.354  3.094   -2.875  1.000 9.497  0 7   G   B C4    1 ? 
ATOM   489 P P     . A   B 1 8  ? -4.024  0.381   -7.911  1.000 14.611 0 8   A   B P     1 ? 
ATOM   490 O OP1   . A   B 1 8  ? -4.137  -0.121  -9.318  1.000 17.113 0 8   A   B OP1   1 ? 
ATOM   491 O OP2   . A   B 1 8  ? -2.949  -0.148  -7.024  1.000 16.486 0 8   A   B OP2   1 ? 
ATOM   492 O "O5'" . A   B 1 8  ? -3.842  1.952   -7.940  1.000 13.712 0 8   A   B "O5'" 1 ? 
ATOM   493 C "C5'" . A   B 1 8  ? -4.578  2.792   -8.827  1.000 12.894 0 8   A   B "C5'" 1 ? 
ATOM   494 C "C4'" . A   B 1 8  ? -4.153  4.200   -8.538  1.000 13.818 0 8   A   B "C4'" 1 ? 
ATOM   495 O "O4'" . A   B 1 8  ? -4.419  4.516   -7.153  1.000 12.948 0 8   A   B "O4'" 1 ? 
ATOM   496 C "C3'" . A   B 1 8  ? -2.653  4.464   -8.674  1.000 13.767 0 8   A   B "C3'" 1 ? 
ATOM   497 O "O3'" . A   B 1 8  ? -2.267  4.658   -10.021 1.000 13.918 0 8   A   B "O3'" 1 ? 
ATOM   498 C "C2'" . A   B 1 8  ? -2.541  5.759   -7.879  1.000 13.378 0 8   A   B "C2'" 1 ? 
ATOM   499 O "O2'" . A   B 1 8  ? -3.119  6.888   -8.508  1.000 15.287 0 8   A   B "O2'" 1 ? 
ATOM   500 C "C1'" . A   B 1 8  ? -3.413  5.396   -6.673  1.000 12.128 0 8   A   B "C1'" 1 ? 
ATOM   501 N N9    . A   B 1 8  ? -2.725  4.720   -5.588  1.000 12.066 0 8   A   B N9    1 ? 
ATOM   502 C C8    . A   B 1 8  ? -2.736  3.385   -5.300  1.000 10.236 0 8   A   B C8    1 ? 
ATOM   503 N N7    . A   B 1 8  ? -2.074  3.055   -4.228  1.000 12.695 0 8   A   B N7    1 ? 
ATOM   504 C C5    . A   B 1 8  ? -1.609  4.274   -3.758  1.000 10.048 0 8   A   B C5    1 ? 
ATOM   505 C C6    . A   B 1 8  ? -0.808  4.614   -2.650  1.000 9.299  0 8   A   B C6    1 ? 
ATOM   506 N N6    . A   B 1 8  ? -0.422  3.750   -1.741  1.000 10.172 0 8   A   B N6    1 ? 
ATOM   507 N N1    . A   B 1 8  ? -0.459  5.905   -2.528  1.000 9.922  0 8   A   B N1    1 ? 
ATOM   508 C C2    . A   B 1 8  ? -0.937  6.815   -3.372  1.000 10.154 0 8   A   B C2    1 ? 
ATOM   509 N N3    . A   B 1 8  ? -1.696  6.623   -4.451  1.000 11.538 0 8   A   B N3    1 ? 
ATOM   510 C C4    . A   B 1 8  ? -1.997  5.318   -4.579  1.000 10.147 0 8   A   B C4    1 ? 
ATOM   511 P P     . U   B 1 9  ? -0.831  4.156   -10.481 1.000 15.381 0 9   U   B P     1 ? 
ATOM   512 O OP1   . U   B 1 9  ? -0.863  4.213   -11.976 1.000 18.762 0 9   U   B OP1   1 ? 
ATOM   513 O OP2   . U   B 1 9  ? -0.340  2.929   -9.849  1.000 16.040 0 9   U   B OP2   1 ? 
ATOM   514 O "O5'" . U   B 1 9  ? 0.197   5.244   -9.915  1.000 12.462 0 9   U   B "O5'" 1 ? 
ATOM   515 C "C5'" . U   B 1 9  ? 0.159   6.561   -10.446 1.000 11.980 0 9   U   B "C5'" 1 ? 
ATOM   516 C "C4'" . U   B 1 9  ? 1.108   7.421   -9.651  1.000 11.516 0 9   U   B "C4'" 1 ? 
ATOM   517 O "O4'" . U   B 1 9  ? 0.617   7.554   -8.294  1.000 10.656 0 9   U   B "O4'" 1 ? 
ATOM   518 C "C3'" . U   B 1 9  ? 2.519   6.858   -9.449  1.000 10.727 0 9   U   B "C3'" 1 ? 
ATOM   519 O "O3'" . U   B 1 9  ? 3.332   7.101   -10.572 1.000 11.649 0 9   U   B "O3'" 1 ? 
ATOM   520 C "C2'" . U   B 1 9  ? 2.995   7.675   -8.259  1.000 11.218 0 9   U   B "C2'" 1 ? 
ATOM   521 O "O2'" . U   B 1 9  ? 3.202   9.028   -8.629  1.000 11.533 0 9   U   B "O2'" 1 ? 
ATOM   522 C "C1'" . U   B 1 9  ? 1.717   7.615   -7.411  1.000 11.018 0 9   U   B "C1'" 1 ? 
ATOM   523 N N1    . U   B 1 9  ? 1.678   6.432   -6.511  1.000 9.774  0 9   U   B N1    1 ? 
ATOM   524 C C2    . U   B 1 9  ? 2.400   6.544   -5.334  1.000 10.297 0 9   U   B C2    1 ? 
ATOM   525 O O2    . U   B 1 9  ? 3.001   7.558   -5.046  1.000 11.769 0 9   U   B O2    1 ? 
ATOM   526 N N3    . U   B 1 9  ? 2.347   5.434   -4.531  1.000 8.655  0 9   U   B N3    1 ? 
ATOM   527 C C4    . U   B 1 9  ? 1.704   4.240   -4.790  1.000 9.207  0 9   U   B C4    1 ? 
ATOM   528 O O4    . U   B 1 9  ? 1.718   3.330   -3.968  1.000 10.634 0 9   U   B O4    1 ? 
ATOM   529 C C5    . U   B 1 9  ? 0.997   4.191   -6.041  1.000 9.451  0 9   U   B C5    1 ? 
ATOM   530 C C6    . U   B 1 9  ? 1.015   5.272   -6.843  1.000 10.084 0 9   U   B C6    1 ? 
ATOM   531 P P     . C   B 1 10 ? 4.415   6.019   -10.969 1.000 12.668 0 10  C   B P     1 ? 
ATOM   532 O OP1   . C   B 1 10 ? 4.976   6.368   -12.319 1.000 14.284 0 10  C   B OP1   1 ? 
ATOM   533 O OP2   . C   B 1 10 ? 3.927   4.610   -10.825 1.000 14.345 0 10  C   B OP2   1 ? 
ATOM   534 O "O5'" . C   B 1 10 ? 5.572   6.118   -9.883  1.000 10.678 0 10  C   B "O5'" 1 ? 
ATOM   535 C "C5'" . C   B 1 10 ? 6.332   7.316   -9.772  1.000 10.782 0 10  C   B "C5'" 1 ? 
ATOM   536 C "C4'" . C   B 1 10 ? 7.086   7.361   -8.462  1.000 10.462 0 10  C   B "C4'" 1 ? 
ATOM   537 O "O4'" . C   B 1 10 ? 6.167   7.292   -7.327  1.000 11.257 0 10  C   B "O4'" 1 ? 
ATOM   538 C "C3'" . C   B 1 10 ? 8.017   6.190   -8.162  1.000 10.747 0 10  C   B "C3'" 1 ? 
ATOM   539 O "O3'" . C   B 1 10 ? 9.198   6.306   -8.929  1.000 10.345 0 10  C   B "O3'" 1 ? 
ATOM   540 C "C2'" . C   B 1 10 ? 8.312   6.505   -6.694  1.000 10.846 0 10  C   B "C2'" 1 ? 
ATOM   541 O "O2'" . C   B 1 10 ? 9.063   7.662   -6.466  1.000 12.416 0 10  C   B "O2'" 1 ? 
ATOM   542 C "C1'" . C   B 1 10 ? 6.881   6.760   -6.233  1.000 12.195 0 10  C   B "C1'" 1 ? 
ATOM   543 N N1    . C   B 1 10 ? 6.215   5.502   -5.826  1.000 11.795 0 10  C   B N1    1 ? 
ATOM   544 C C2    . C   B 1 10 ? 6.515   5.077   -4.518  1.000 10.397 0 10  C   B C2    1 ? 
ATOM   545 O O2    . C   B 1 10 ? 7.332   5.727   -3.847  1.000 14.618 0 10  C   B O2    1 ? 
ATOM   546 N N3    . C   B 1 10 ? 5.952   3.955   -4.095  1.000 10.704 0 10  C   B N3    1 ? 
ATOM   547 C C4    . C   B 1 10 ? 5.065   3.301   -4.850  1.000 9.219  0 10  C   B C4    1 ? 
ATOM   548 N N4    . C   B 1 10 ? 4.536   2.217   -4.382  1.000 12.921 0 10  C   B N4    1 ? 
ATOM   549 C C5    . C   B 1 10 ? 4.751   3.688   -6.204  1.000 11.078 0 10  C   B C5    1 ? 
ATOM   550 C C6    . C   B 1 10 ? 5.353   4.815   -6.618  1.000 11.188 0 10  C   B C6    1 ? 
ATOM   551 P P     . U   B 1 11 ? 10.008  5.010   -9.388  1.000 10.150 0 11  U   B P     1 ? 
ATOM   552 O OP1   . U   B 1 11 ? 11.138  5.481   -10.227 1.000 9.882  0 11  U   B OP1   1 ? 
ATOM   553 O OP2   . U   B 1 11 ? 9.102   4.005   -9.970  1.000 12.778 0 11  U   B OP2   1 ? 
ATOM   554 O "O5'" . U   B 1 11 ? 10.540  4.424   -8.001  1.000 10.005 0 11  U   B "O5'" 1 ? 
ATOM   555 C "C5'" . U   B 1 11 ? 11.720  5.063   -7.450  1.000 9.750  0 11  U   B "C5'" 1 ? 
ATOM   556 C "C4'" . U   B 1 11 ? 11.969  4.581   -6.051  1.000 9.335  0 11  U   B "C4'" 1 ? 
ATOM   557 O "O4'" . U   B 1 11 ? 10.791  4.703   -5.212  1.000 8.804  0 11  U   B "O4'" 1 ? 
ATOM   558 C "C3'" . U   B 1 11 ? 12.359  3.122   -5.887  1.000 8.440  0 11  U   B "C3'" 1 ? 
ATOM   559 O "O3'" . U   B 1 11 ? 13.723  2.978   -6.223  1.000 9.345  0 11  U   B "O3'" 1 ? 
ATOM   560 C "C2'" . U   B 1 11 ? 12.128  2.975   -4.393  1.000 7.374  0 11  U   B "C2'" 1 ? 
ATOM   561 O "O2'" . U   B 1 11 ? 13.100  3.699   -3.657  1.000 7.788  0 11  U   B "O2'" 1 ? 
ATOM   562 C "C1'" . U   B 1 11 ? 10.775  3.661   -4.257  1.000 7.718  0 11  U   B "C1'" 1 ? 
ATOM   563 N N1    . U   B 1 11 ? 9.632   2.738   -4.520  1.000 8.029  0 11  U   B N1    1 ? 
ATOM   564 C C2    . U   B 1 11 ? 9.308   1.887   -3.484  1.000 7.790  0 11  U   B C2    1 ? 
ATOM   565 O O2    . U   B 1 11 ? 9.919   1.843   -2.446  1.000 7.364  0 11  U   B O2    1 ? 
ATOM   566 N N3    . U   B 1 11 ? 8.291   1.013   -3.756  1.000 8.880  0 11  U   B N3    1 ? 
ATOM   567 C C4    . U   B 1 11 ? 7.582   0.913   -4.916  1.000 8.970  0 11  U   B C4    1 ? 
ATOM   568 O O4    . U   B 1 11 ? 6.662   0.078   -4.955  1.000 10.939 0 11  U   B O4    1 ? 
ATOM   569 C C5    . U   B 1 11 ? 7.953   1.839   -5.938  1.000 8.649  0 11  U   B C5    1 ? 
ATOM   570 C C6    . U   B 1 11 ? 8.961   2.701   -5.720  1.000 8.649  0 11  U   B C6    1 ? 
ATOM   571 P P     . U   B 1 12 ? 14.318  1.540   -6.587  1.000 10.669 0 12  U   B P     1 ? 
ATOM   572 O OP1   . U   B 1 12 ? 15.716  1.806   -7.039  1.000 13.255 0 12  U   B OP1   1 ? 
ATOM   573 O OP2   . U   B 1 12 ? 13.412  0.834   -7.506  1.000 12.897 0 12  U   B OP2   1 ? 
ATOM   574 O "O5'" . U   B 1 12 ? 14.308  0.702   -5.262  1.000 10.395 0 12  U   B "O5'" 1 ? 
ATOM   575 C "C5'" . U   B 1 12 ? 15.135  1.046   -4.137  1.000 10.001 0 12  U   B "C5'" 1 ? 
ATOM   576 C "C4'" . U   B 1 12 ? 14.785  0.153   -2.973  1.000 10.865 0 12  U   B "C4'" 1 ? 
ATOM   577 O "O4'" . U   B 1 12 ? 13.400  0.312   -2.550  1.000 10.332 0 12  U   B "O4'" 1 ? 
ATOM   578 C "C3'" . U   B 1 12 ? 14.874  -1.344  -3.256  1.000 11.512 0 12  U   B "C3'" 1 ? 
ATOM   579 O "O3'" . U   B 1 12 ? 16.220  -1.767  -3.253  1.000 12.791 0 12  U   B "O3'" 1 ? 
ATOM   580 C "C2'" . U   B 1 12 ? 14.135  -1.881  -2.044  1.000 11.372 0 12  U   B "C2'" 1 ? 
ATOM   581 O "O2'" . U   B 1 12 ? 14.832  -1.732  -0.822  1.000 12.976 0 12  U   B "O2'" 1 ? 
ATOM   582 C "C1'" . U   B 1 12 ? 12.934  -0.938  -2.065  1.000 10.677 0 12  U   B "C1'" 1 ? 
ATOM   583 N N1    . U   B 1 12 ? 11.812  -1.365  -2.948  1.000 9.009  0 12  U   B N1    1 ? 
ATOM   584 C C2    . U   B 1 12 ? 10.971  -2.344  -2.435  1.000 9.289  0 12  U   B C2    1 ? 
ATOM   585 O O2    . U   B 1 12 ? 11.177  -2.852  -1.345  1.000 11.130 0 12  U   B O2    1 ? 
ATOM   586 N N3    . U   B 1 12 ? 9.928   -2.680  -3.258  1.000 8.803  0 12  U   B N3    1 ? 
ATOM   587 C C4    . U   B 1 12 ? 9.607   -2.150  -4.482  1.000 8.849  0 12  U   B C4    1 ? 
ATOM   588 O O4    . U   B 1 12 ? 8.612   -2.516  -5.111  1.000 10.461 0 12  U   B O4    1 ? 
ATOM   589 C C5    . U   B 1 12 ? 10.550  -1.183  -4.973  1.000 7.880  0 12  U   B C5    1 ? 
ATOM   590 C C6    . U   B 1 12 ? 11.560  -0.803  -4.176  1.000 8.453  0 12  U   B C6    1 ? 
ATOM   591 P P     . C   B 1 13 ? 16.685  -3.029  -4.117  1.000 14.171 0 13  C   B P     1 ? 
ATOM   592 O OP1   . C   B 1 13 ? 18.181  -3.031  -4.041  1.000 18.700 0 13  C   B OP1   1 ? 
ATOM   593 O OP2   . C   B 1 13 ? 15.991  -3.065  -5.419  1.000 15.031 0 13  C   B OP2   1 ? 
ATOM   594 O "O5'" . C   B 1 13 ? 16.211  -4.302  -3.263  1.000 12.765 0 13  C   B "O5'" 1 ? 
ATOM   595 C "C5'" . C   B 1 13 ? 16.646  -4.433  -1.888  1.000 12.362 0 13  C   B "C5'" 1 ? 
ATOM   596 C "C4'" . C   B 1 13 ? 15.854  -5.515  -1.197  1.000 13.595 0 13  C   B "C4'" 1 ? 
ATOM   597 O "O4'" . C   B 1 13 ? 14.473  -5.072  -1.040  1.000 12.202 0 13  C   B "O4'" 1 ? 
ATOM   598 C "C3'" . C   B 1 13 ? 15.712  -6.857  -1.944  1.000 13.664 0 13  C   B "C3'" 1 ? 
ATOM   599 O "O3'" . C   B 1 13 ? 16.886  -7.636  -1.815  1.000 14.915 0 13  C   B "O3'" 1 ? 
ATOM   600 C "C2'" . C   B 1 13 ? 14.486  -7.442  -1.251  1.000 13.051 0 13  C   B "C2'" 1 ? 
ATOM   601 O "O2'" . C   B 1 13 ? 14.713  -7.902  0.059   1.000 14.581 0 13  C   B "O2'" 1 ? 
ATOM   602 C "C1'" . C   B 1 13 ? 13.613  -6.193  -1.167  1.000 12.254 0 13  C   B "C1'" 1 ? 
ATOM   603 N N1    . C   B 1 13 ? 12.804  -6.003  -2.398  1.000 11.414 0 13  C   B N1    1 ? 
ATOM   604 C C2    . C   B 1 13 ? 11.600  -6.709  -2.407  1.000 11.288 0 13  C   B C2    1 ? 
ATOM   605 O O2    . C   B 1 13 ? 11.378  -7.509  -1.491  1.000 12.894 0 13  C   B O2    1 ? 
ATOM   606 N N3    . C   B 1 13 ? 10.785  -6.503  -3.462  1.000 10.805 0 13  C   B N3    1 ? 
ATOM   607 C C4    . C   B 1 13 ? 11.078  -5.644  -4.426  1.000 10.436 0 13  C   B C4    1 ? 
ATOM   608 N N4    . C   B 1 13 ? 10.219  -5.462  -5.402  1.000 11.978 0 13  C   B N4    1 ? 
ATOM   609 C C5    . C   B 1 13 ? 12.295  -4.912  -4.434  1.000 10.871 0 13  C   B C5    1 ? 
ATOM   610 C C6    . C   B 1 13 ? 13.100  -5.119  -3.387  1.000 10.264 0 13  C   B C6    1 ? 
ATOM   611 P P     . U   B 1 14 ? 17.263  -8.662  -2.972  1.000 18.443 0 14  U   B P     1 ? 
ATOM   612 O OP1   . U   B 1 14 ? 18.531  -9.282  -2.454  1.000 20.192 0 14  U   B OP1   1 ? 
ATOM   613 O OP2   . U   B 1 14 ? 17.154  -8.247  -4.386  1.000 17.966 0 14  U   B OP2   1 ? 
ATOM   614 O "O5'" . U   B 1 14 ? 16.108  -9.753  -2.856  1.000 14.761 0 14  U   B "O5'" 1 ? 
ATOM   615 C "C5'" . U   B 1 14 ? 16.073  -10.607 -1.707  1.000 12.401 0 14  U   B "C5'" 1 ? 
ATOM   616 C "C4'" . U   B 1 14 ? 14.938  -11.584 -1.882  1.000 12.312 0 14  U   B "C4'" 1 ? 
ATOM   617 O "O4'" . U   B 1 14 ? 13.683  -10.863 -1.898  1.000 12.108 0 14  U   B "O4'" 1 ? 
ATOM   618 C "C3'" . U   B 1 14 ? 14.909  -12.335 -3.210  1.000 12.416 0 14  U   B "C3'" 1 ? 
ATOM   619 O "O3'" . U   B 1 14 ? 15.818  -13.415 -3.154  1.000 14.128 0 14  U   B "O3'" 1 ? 
ATOM   620 C "C2'" . U   B 1 14 ? 13.455  -12.780 -3.266  1.000 12.534 0 14  U   B "C2'" 1 ? 
ATOM   621 O "O2'" . U   B 1 14 ? 13.183  -13.827 -2.355  1.000 13.610 0 14  U   B "O2'" 1 ? 
ATOM   622 C "C1'" . U   B 1 14 ? 12.758  -11.530 -2.735  1.000 11.851 0 14  U   B "C1'" 1 ? 
ATOM   623 N N1    . U   B 1 14 ? 12.358  -10.587 -3.826  1.000 11.364 0 14  U   B N1    1 ? 
ATOM   624 C C2    . U   B 1 14 ? 11.202  -10.913 -4.496  1.000 10.568 0 14  U   B C2    1 ? 
ATOM   625 O O2    . U   B 1 14 ? 10.502  -11.872 -4.196  1.000 12.607 0 14  U   B O2    1 ? 
ATOM   626 N N3    . U   B 1 14 ? 10.869  -10.008 -5.471  1.000 9.570  0 14  U   B N3    1 ? 
ATOM   627 C C4    . U   B 1 14 ? 11.555  -8.896  -5.874  1.000 10.396 0 14  U   B C4    1 ? 
ATOM   628 O O4    . U   B 1 14 ? 11.089  -8.188  -6.776  1.000 11.696 0 14  U   B O4    1 ? 
ATOM   629 C C5    . U   B 1 14 ? 12.780  -8.667  -5.184  1.000 10.504 0 14  U   B C5    1 ? 
ATOM   630 C C6    . U   B 1 14 ? 13.125  -9.509  -4.194  1.000 10.038 0 14  U   B C6    1 ? 
HETATM 631 P P     . RSP B 1 15 ? 16.446  -13.903 -4.518  1.000 17.697 0 15  RSP B P     1 ? 
HETATM 632 N N1    . RSP B 1 15 ? 11.783  -14.190 -7.113  1.000 13.930 0 15  RSP B N1    1 ? 
HETATM 633 C C2    . RSP B 1 15 ? 10.641  -13.893 -7.981  1.000 13.636 0 15  RSP B C2    1 ? 
HETATM 634 S S2    . RSP B 1 15 ? 9.524   -15.018 -8.192  1.000 17.348 0 15  RSP B S2    1 ? 
HETATM 635 N N3    . RSP B 1 15 ? 10.638  -12.625 -8.657  1.000 12.666 0 15  RSP B N3    1 ? 
HETATM 636 C C4    . RSP B 1 15 ? 11.641  -11.687 -8.457  1.000 11.970 0 15  RSP B C4    1 ? 
HETATM 637 N N4    . RSP B 1 15 ? 11.539  -10.486 -9.085  1.000 13.746 0 15  RSP B N4    1 ? 
HETATM 638 C C5    . RSP B 1 15 ? 12.823  -11.965 -7.602  1.000 12.905 0 15  RSP B C5    1 ? 
HETATM 639 C C6    . RSP B 1 15 ? 12.840  -13.256 -6.963  1.000 12.872 0 15  RSP B C6    1 ? 
HETATM 640 C "C1'" . RSP B 1 15 ? 11.788  -15.440 -6.440  1.000 15.334 0 15  RSP B "C1'" 1 ? 
HETATM 641 C "C2'" . RSP B 1 15 ? 12.366  -16.481 -7.423  1.000 15.611 0 15  RSP B "C2'" 1 ? 
HETATM 642 O "O2'" . RSP B 1 15 ? 11.759  -17.690 -7.121  1.000 20.059 0 15  RSP B "O2'" 1 ? 
HETATM 643 C "C3'" . RSP B 1 15 ? 13.798  -16.403 -6.984  1.000 15.725 0 15  RSP B "C3'" 1 ? 
HETATM 644 O "O3'" . RSP B 1 15 ? 14.451  -17.570 -7.416  1.000 16.197 0 15  RSP B "O3'" 1 ? 
HETATM 645 C "C4'" . RSP B 1 15 ? 13.700  -16.383 -5.609  1.000 16.277 0 15  RSP B "C4'" 1 ? 
HETATM 646 O "O4'" . RSP B 1 15 ? 12.572  -15.338 -5.366  1.000 14.806 0 15  RSP B "O4'" 1 ? 
HETATM 647 C "C5'" . RSP B 1 15 ? 14.924  -15.961 -4.894  1.000 15.459 0 15  RSP B "C5'" 1 ? 
HETATM 648 O "O5'" . RSP B 1 15 ? 15.289  -14.699 -5.242  1.000 15.831 0 15  RSP B "O5'" 1 ? 
HETATM 649 O OP1   . RSP B 1 15 ? 17.377  -14.980 -4.065  1.000 20.923 0 15  RSP B OP1   1 ? 
HETATM 650 O OP2   . RSP B 1 15 ? 16.883  -12.881 -5.489  1.000 17.842 0 15  RSP B OP2   1 ? 
ATOM   651 P P     . U   B 1 16 ? 15.267  -17.600 -8.801  1.000 16.842 0 16  U   B P     1 ? 
ATOM   652 O OP1   . U   B 1 16 ? 15.883  -18.948 -8.903  1.000 19.031 0 16  U   B OP1   1 ? 
ATOM   653 O OP2   . U   B 1 16 ? 16.153  -16.447 -8.984  1.000 16.766 0 16  U   B OP2   1 ? 
ATOM   654 O "O5'" . U   B 1 16 ? 14.204  -17.446 -9.981  1.000 16.802 0 16  U   B "O5'" 1 ? 
ATOM   655 C "C5'" . U   B 1 16 ? 13.288  -18.503 -10.177 1.000 15.964 0 16  U   B "C5'" 1 ? 
ATOM   656 C "C4'" . U   B 1 16 ? 12.272  -18.070 -11.190 1.000 16.047 0 16  U   B "C4'" 1 ? 
ATOM   657 O "O4'" . U   B 1 16 ? 11.542  -16.922 -10.706 1.000 14.830 0 16  U   B "O4'" 1 ? 
ATOM   658 C "C3'" . U   B 1 16 ? 12.789  -17.610 -12.553 1.000 16.007 0 16  U   B "C3'" 1 ? 
ATOM   659 O "O3'" . U   B 1 16 ? 13.239  -18.741 -13.280 1.000 20.124 0 16  U   B "O3'" 1 ? 
ATOM   660 C "C2'" . U   B 1 16 ? 11.520  -16.941 -13.071 1.000 15.363 0 16  U   B "C2'" 1 ? 
ATOM   661 O "O2'" . U   B 1 16 ? 10.499  -17.840 -13.459 1.000 15.379 0 16  U   B "O2'" 1 ? 
ATOM   662 C "C1'" . U   B 1 16 ? 11.042  -16.208 -11.816 1.000 14.475 0 16  U   B "C1'" 1 ? 
ATOM   663 N N1    . U   B 1 16 ? 11.555  -14.837 -11.778 1.000 12.953 0 16  U   B N1    1 ? 
ATOM   664 C C2    . U   B 1 16 ? 10.865  -13.933 -12.570 1.000 12.589 0 16  U   B C2    1 ? 
ATOM   665 O O2    . U   B 1 16 ? 9.891   -14.239 -13.237 1.000 11.410 0 16  U   B O2    1 ? 
ATOM   666 N N3    . U   B 1 16 ? 11.353  -12.655 -12.529 1.000 12.575 0 16  U   B N3    1 ? 
ATOM   667 C C4    . U   B 1 16 ? 12.500  -12.262 -11.868 1.000 12.791 0 16  U   B C4    1 ? 
ATOM   668 O O4    . U   B 1 16 ? 12.811  -11.083 -11.958 1.000 17.842 0 16  U   B O4    1 ? 
ATOM   669 C C5    . U   B 1 16 ? 13.140  -13.251 -11.057 1.000 13.218 0 16  U   B C5    1 ? 
ATOM   670 C C6    . U   B 1 16 ? 12.656  -14.497 -11.044 1.000 12.841 0 16  U   B C6    1 ? 
HETATM 671 O O     . HOH C 2 .  ? -21.580 2.671   5.014   1.000 44.387 0 101 HOH A O     1 ? 
HETATM 672 O O     . HOH C 2 .  ? 0.489   3.226   2.373   1.000 23.528 0 102 HOH A O     1 ? 
HETATM 673 O O     . HOH C 2 .  ? -17.435 0.422   17.519  0.330 30.426 0 103 HOH A O     1 ? 
HETATM 674 O O     . HOH C 2 .  ? 3.439   -6.164  -4.307  1.000 26.312 0 104 HOH A O     1 ? 
HETATM 675 O O     . HOH C 2 .  ? 6.987   -5.150  -15.502 1.000 42.213 0 105 HOH A O     1 ? 
HETATM 676 O O     . HOH C 2 .  ? 5.993   -14.622 -6.031  1.000 28.947 0 106 HOH A O     1 ? 
HETATM 677 O O     . HOH C 2 .  ? -1.967  -13.822 -7.586  1.000 24.457 0 107 HOH A O     1 ? 
HETATM 678 O O     . HOH C 2 .  ? 3.311   2.833   3.008   1.000 22.159 0 108 HOH A O     1 ? 
HETATM 679 O O     . HOH C 2 .  ? 2.475   11.661  -2.894  1.000 37.128 0 109 HOH A O     1 ? 
HETATM 680 O O     . HOH C 2 .  ? 6.003   9.475   -1.223  1.000 26.687 0 110 HOH A O     1 ? 
HETATM 681 O O     . HOH C 2 .  ? 10.827  -0.811  1.552   1.000 25.962 0 111 HOH A O     1 ? 
HETATM 682 O O     . HOH C 2 .  ? -3.865  5.985   4.033   1.000 25.893 0 112 HOH A O     1 ? 
HETATM 683 O O     . HOH C 2 .  ? 1.676   -8.395  -4.352  1.000 24.978 0 113 HOH A O     1 ? 
HETATM 684 O O     . HOH C 2 .  ? -8.212  10.716  2.510   1.000 19.186 0 114 HOH A O     1 ? 
HETATM 685 O O     . HOH C 2 .  ? 2.782   -13.449 0.702   0.330 11.756 0 115 HOH A O     1 ? 
HETATM 686 O O     . HOH C 2 .  ? -10.406 7.252   -4.083  1.000 23.932 0 116 HOH A O     1 ? 
HETATM 687 O O     . HOH C 2 .  ? 10.442  -7.707  -11.260 1.000 31.733 0 117 HOH A O     1 ? 
HETATM 688 O O     . HOH C 2 .  ? -16.183 6.281   -2.235  1.000 30.184 0 118 HOH A O     1 ? 
HETATM 689 O O     . HOH C 2 .  ? 2.499   -2.870  2.548   1.000 26.782 0 119 HOH A O     1 ? 
HETATM 690 O O     . HOH C 2 .  ? 2.293   -8.763  -8.420  1.000 20.769 0 120 HOH A O     1 ? 
HETATM 691 O O     . HOH C 2 .  ? 6.500   -7.486  -10.051 1.000 29.301 0 121 HOH A O     1 ? 
HETATM 692 O O     . HOH C 2 .  ? 1.692   15.045  -0.039  0.330 9.370  0 122 HOH A O     1 ? 
HETATM 693 O O     . HOH C 2 .  ? 6.831   -14.766 -14.183 1.000 29.052 0 123 HOH A O     1 ? 
HETATM 694 O O     . HOH C 2 .  ? 0.142   -6.672  1.530   1.000 24.280 0 124 HOH A O     1 ? 
HETATM 695 O O     . HOH C 2 .  ? -11.039 11.821  -4.037  1.000 26.027 0 125 HOH A O     1 ? 
HETATM 696 O O     . HOH C 2 .  ? 3.293   -5.058  -0.322  1.000 23.715 0 126 HOH A O     1 ? 
HETATM 697 O O     . HOH C 2 .  ? -4.412  10.182  3.236   1.000 22.308 0 127 HOH A O     1 ? 
HETATM 698 O O     . HOH C 2 .  ? -1.162  15.250  5.777   1.000 20.585 0 128 HOH A O     1 ? 
HETATM 699 O O     . HOH C 2 .  ? 3.082   -0.255  -1.725  1.000 26.332 0 129 HOH A O     1 ? 
HETATM 700 O O     . HOH C 2 .  ? -23.297 3.705   10.606  1.000 38.280 0 130 HOH A O     1 ? 
HETATM 701 O O     . HOH C 2 .  ? 4.388   -7.341  -7.327  1.000 26.595 0 131 HOH A O     1 ? 
HETATM 702 O O     . HOH C 2 .  ? -0.180  -6.003  5.079   1.000 30.719 0 132 HOH A O     1 ? 
HETATM 703 O O     . HOH C 2 .  ? 1.165   -6.481  -1.707  1.000 23.575 0 133 HOH A O     1 ? 
HETATM 704 O O     . HOH C 2 .  ? -2.287  -9.746  0.335   1.000 25.463 0 134 HOH A O     1 ? 
HETATM 705 O O     . HOH C 2 .  ? -17.076 5.716   8.718   1.000 28.295 0 135 HOH A O     1 ? 
HETATM 706 O O     . HOH C 2 .  ? 0.615   -11.969 2.504   0.330 12.764 0 136 HOH A O     1 ? 
HETATM 707 O O     . HOH C 2 .  ? -1.708  -9.608  -2.751  1.000 15.169 0 137 HOH A O     1 ? 
HETATM 708 O O     . HOH C 2 .  ? -12.157 9.349   3.056   1.000 23.451 0 138 HOH A O     1 ? 
HETATM 709 O O     . HOH C 2 .  ? -4.853  15.030  -2.621  1.000 15.789 0 139 HOH A O     1 ? 
HETATM 710 O O     . HOH C 2 .  ? 0.311   9.042   4.294   1.000 31.383 0 140 HOH A O     1 ? 
HETATM 711 O O     . HOH C 2 .  ? -19.748 2.010   19.443  0.330 28.983 0 141 HOH A O     1 ? 
HETATM 712 O O     . HOH C 2 .  ? -10.422 8.071   5.191   1.000 23.037 0 142 HOH A O     1 ? 
HETATM 713 O O     . HOH C 2 .  ? -14.562 7.216   9.303   1.000 23.919 0 143 HOH A O     1 ? 
HETATM 714 O O     . HOH C 2 .  ? -11.748 1.187   0.297   1.000 26.871 0 144 HOH A O     1 ? 
HETATM 715 O O     . HOH C 2 .  ? -0.756  16.727  1.998   0.330 9.870  0 145 HOH A O     1 ? 
HETATM 716 O O     . HOH C 2 .  ? -0.987  6.121   3.763   1.000 23.217 0 146 HOH A O     1 ? 
HETATM 717 O O     . HOH C 2 .  ? 10.998  2.762   0.230   1.000 25.607 0 147 HOH A O     1 ? 
HETATM 718 O O     . HOH C 2 .  ? -4.521  13.941  4.262   1.000 27.322 0 148 HOH A O     1 ? 
HETATM 719 O O     . HOH C 2 .  ? -17.510 5.812   12.877  1.000 42.627 0 149 HOH A O     1 ? 
HETATM 720 O O     . HOH C 2 .  ? 2.603   5.685   4.775   1.000 21.613 0 150 HOH A O     1 ? 
HETATM 721 O O     . HOH C 2 .  ? 3.504   -3.076  -3.445  1.000 24.454 0 151 HOH A O     1 ? 
HETATM 722 O O     . HOH C 2 .  ? -15.193 7.328   5.390   1.000 26.452 0 152 HOH A O     1 ? 
HETATM 723 O O     . HOH C 2 .  ? 1.776   1.462   0.414   1.000 18.475 0 153 HOH A O     1 ? 
HETATM 724 O O     . HOH C 2 .  ? 3.192   -0.759  0.645   1.000 24.112 0 154 HOH A O     1 ? 
HETATM 725 O O     . HOH C 2 .  ? 6.181   -15.183 -1.593  0.330 13.915 0 155 HOH A O     1 ? 
HETATM 726 O O     . HOH C 2 .  ? -12.544 7.830   6.824   1.000 31.694 0 156 HOH A O     1 ? 
HETATM 727 O O     . HOH C 2 .  ? 13.725  -6.867  -12.581 1.000 38.552 0 157 HOH A O     1 ? 
HETATM 728 O O     . HOH C 2 .  ? -8.925  8.140   -6.203  1.000 34.810 0 158 HOH A O     1 ? 
HETATM 729 O O     . HOH C 2 .  ? -16.440 1.503   -0.986  1.000 36.301 0 159 HOH A O     1 ? 
HETATM 730 O O     . HOH C 2 .  ? 0.082   -8.906  3.423   1.000 29.159 0 160 HOH A O     1 ? 
HETATM 731 O O     . HOH C 2 .  ? 3.669   -2.283  -5.722  1.000 33.871 0 161 HOH A O     1 ? 
HETATM 732 O O     . HOH C 2 .  ? -3.577  16.276  3.277   1.000 31.450 0 162 HOH A O     1 ? 
HETATM 733 O O     . HOH C 2 .  ? -17.557 3.955   -1.202  1.000 45.877 0 163 HOH A O     1 ? 
HETATM 734 O O     . HOH C 2 .  ? -19.702 3.536   0.030   1.000 30.857 0 164 HOH A O     1 ? 
HETATM 735 O O     . HOH C 2 .  ? -19.417 9.787   18.582  1.000 40.731 0 165 HOH A O     1 ? 
HETATM 736 O O     . HOH C 2 .  ? -2.004  -10.172 4.683   0.330 27.395 0 166 HOH A O     1 ? 
HETATM 737 O O     . HOH D 2 .  ? -8.828  12.807  10.604  1.000 39.487 0 101 HOH B O     1 ? 
HETATM 738 O O     . HOH D 2 .  ? -7.649  9.819   17.754  1.000 32.144 0 102 HOH B O     1 ? 
HETATM 739 O O     . HOH D 2 .  ? -4.641  8.417   -7.365  1.000 31.141 0 103 HOH B O     1 ? 
HETATM 740 O O     . HOH D 2 .  ? 7.290   -2.594  -7.194  1.000 34.597 0 104 HOH B O     1 ? 
HETATM 741 O O     . HOH D 2 .  ? 12.411  -20.067 -7.309  0.330 24.520 0 105 HOH B O     1 ? 
HETATM 742 O O     . HOH D 2 .  ? 12.800  -1.295  -8.627  1.000 37.749 0 106 HOH B O     1 ? 
HETATM 743 O O     . HOH D 2 .  ? 13.944  -2.865  1.287   1.000 32.998 0 107 HOH B O     1 ? 
HETATM 744 O O     . HOH D 2 .  ? -2.385  0.489   -4.332  1.000 17.365 0 108 HOH B O     1 ? 
HETATM 745 O O     . HOH D 2 .  ? 11.065  8.606   -7.835  0.330 12.157 0 109 HOH B O     1 ? 
HETATM 746 O O     . HOH D 2 .  ? 15.986  -13.864 -8.577  1.000 34.024 0 110 HOH B O     1 ? 
HETATM 747 O O     . HOH D 2 .  ? -7.652  4.821   -6.296  1.000 27.651 0 111 HOH B O     1 ? 
HETATM 748 O O     . HOH D 2 .  ? -4.497  1.641   6.567   1.000 27.803 0 112 HOH B O     1 ? 
HETATM 749 O O     . HOH D 2 .  ? 14.751  -21.321 -9.017  0.330 19.431 0 113 HOH B O     1 ? 
HETATM 750 O O     . HOH D 2 .  ? 8.369   4.238   -12.493 1.000 14.411 0 114 HOH B O     1 ? 
HETATM 751 O O     . HOH D 2 .  ? 2.651   3.006   -9.138  1.000 24.192 0 115 HOH B O     1 ? 
HETATM 752 O O     . HOH D 2 .  ? 9.985   1.502   -10.114 1.000 22.753 0 116 HOH B O     1 ? 
HETATM 753 O O     . HOH D 2 .  ? 10.877  0.197   -8.015  1.000 18.341 0 117 HOH B O     1 ? 
HETATM 754 O O     . HOH D 2 .  ? 17.301  -0.834  -0.386  1.000 28.052 0 118 HOH B O     1 ? 
HETATM 755 O O     . HOH D 2 .  ? 12.555  -6.290  -7.998  1.000 26.975 0 119 HOH B O     1 ? 
HETATM 756 O O     . HOH D 2 .  ? 11.314  -4.064  1.059   1.000 27.228 0 120 HOH B O     1 ? 
HETATM 757 O O     . HOH D 2 .  ? -2.196  -1.818  -2.984  1.000 24.201 0 121 HOH B O     1 ? 
HETATM 758 O O     . HOH D 2 .  ? 0.734   0.808   -4.093  1.000 22.559 0 122 HOH B O     1 ? 
HETATM 759 O O     . HOH D 2 .  ? -2.828  8.953   -5.289  1.000 25.217 0 123 HOH B O     1 ? 
HETATM 760 O O     . HOH D 2 .  ? -3.686  3.051   11.163  1.000 22.103 0 124 HOH B O     1 ? 
HETATM 761 O O     . HOH D 2 .  ? -8.226  0.976   -8.855  1.000 25.112 0 125 HOH B O     1 ? 
HETATM 762 O O     . HOH D 2 .  ? 16.283  -15.217 -11.420 1.000 42.214 0 126 HOH B O     1 ? 
HETATM 763 O O     . HOH D 2 .  ? -8.794  -2.738  14.773  1.000 27.120 0 127 HOH B O     1 ? 
HETATM 764 O O     . HOH D 2 .  ? -9.302  -6.721  2.806   1.000 14.271 0 128 HOH B O     1 ? 
HETATM 765 O O     . HOH D 2 .  ? -6.882  5.456   7.558   1.000 23.863 0 129 HOH B O     1 ? 
HETATM 766 O O     . HOH D 2 .  ? -2.818  -0.112  -0.083  1.000 16.884 0 130 HOH B O     1 ? 
HETATM 767 O O     . HOH D 2 .  ? 5.467   10.393  -7.888  1.000 22.651 0 131 HOH B O     1 ? 
HETATM 768 O O     . HOH D 2 .  ? -0.587  1.025   -1.411  1.000 21.760 0 132 HOH B O     1 ? 
HETATM 769 O O     . HOH D 2 .  ? 11.858  4.428   -12.666 1.000 15.692 0 133 HOH B O     1 ? 
HETATM 770 O O     . HOH D 2 .  ? -5.311  3.681   9.067   1.000 21.203 0 134 HOH B O     1 ? 
HETATM 771 O O     . HOH D 2 .  ? -3.693  -0.079  8.867   1.000 27.478 0 135 HOH B O     1 ? 
HETATM 772 O O     . HOH D 2 .  ? -2.058  12.229  16.511  1.000 41.248 0 136 HOH B O     1 ? 
HETATM 773 O O     . HOH D 2 .  ? 3.299   0.846   -6.443  1.000 27.278 0 137 HOH B O     1 ? 
HETATM 774 O O     . HOH D 2 .  ? -7.661  -6.288  9.389   0.330 9.255  0 138 HOH B O     1 ? 
HETATM 775 O O     . HOH D 2 .  ? 13.421  6.995   -9.795  0.330 12.963 0 139 HOH B O     1 ? 
HETATM 776 O O     . HOH D 2 .  ? -5.521  -7.757  7.609   0.330 13.988 0 140 HOH B O     1 ? 
HETATM 777 O O     . HOH D 2 .  ? -0.508  1.402   -7.532  1.000 19.748 0 141 HOH B O     1 ? 
HETATM 778 O O     . HOH D 2 .  ? -3.511  -2.678  0.041   1.000 18.379 0 142 HOH B O     1 ? 
HETATM 779 O O     . HOH D 2 .  ? -1.683  -6.037  7.544   1.000 20.926 0 143 HOH B O     1 ? 
HETATM 780 O O     . HOH D 2 .  ? -9.174  6.509   18.432  1.000 32.349 0 144 HOH B O     1 ? 
HETATM 781 O O     . HOH D 2 .  ? -4.507  -1.018  3.344   1.000 25.089 0 145 HOH B O     1 ? 
HETATM 782 O O     . HOH D 2 .  ? 6.638   2.893   -9.247  1.000 24.624 0 146 HOH B O     1 ? 
HETATM 783 O O     . HOH D 2 .  ? -6.386  7.313   -5.658  1.000 20.221 0 147 HOH B O     1 ? 
HETATM 784 O O     . HOH D 2 .  ? 11.175  -3.718  -7.382  1.000 17.207 0 148 HOH B O     1 ? 
HETATM 785 O O     . HOH D 2 .  ? -6.474  6.520   10.281  1.000 24.889 0 149 HOH B O     1 ? 
HETATM 786 O O     . HOH D 2 .  ? -3.587  7.187   -11.271 1.000 29.102 0 150 HOH B O     1 ? 
HETATM 787 O O     . HOH D 2 .  ? -1.905  2.231   1.812   1.000 23.896 0 151 HOH B O     1 ? 
HETATM 788 O O     . HOH D 2 .  ? 16.565  1.141   -9.647  1.000 36.121 0 152 HOH B O     1 ? 
HETATM 789 O O     . HOH D 2 .  ? -5.505  -7.189  -4.284  1.000 30.130 0 153 HOH B O     1 ? 
HETATM 790 O O     . HOH D 2 .  ? -9.682  -4.477  -4.022  1.000 28.609 0 154 HOH B O     1 ? 
HETATM 791 O O     . HOH D 2 .  ? 13.906  -8.955  -8.579  1.000 26.564 0 155 HOH B O     1 ? 
HETATM 792 O O     . HOH D 2 .  ? 13.103  1.987   -10.116 1.000 22.344 0 156 HOH B O     1 ? 
HETATM 793 O O     . HOH D 2 .  ? -3.685  2.468   3.844   1.000 24.933 0 157 HOH B O     1 ? 
HETATM 794 O O     . HOH D 2 .  ? 15.942  -10.232 -6.195  1.000 28.882 0 158 HOH B O     1 ? 
HETATM 795 O O     . HOH D 2 .  ? 13.684  -1.987  -6.835  1.000 19.176 0 159 HOH B O     1 ? 
HETATM 796 O O     . HOH D 2 .  ? -1.149  1.229   16.655  1.000 33.400 0 160 HOH B O     1 ? 
HETATM 797 O O     . HOH D 2 .  ? -4.239  6.971   11.524  1.000 46.723 0 161 HOH B O     1 ? 
HETATM 798 O O     . HOH D 2 .  ? 4.345   4.628   -14.709 1.000 32.102 0 162 HOH B O     1 ? 
HETATM 799 O O     . HOH D 2 .  ? 15.463  -6.090  -5.837  1.000 26.858 0 163 HOH B O     1 ? 
HETATM 800 O O     . HOH D 2 .  ? 12.658  -6.878  2.261   1.000 40.107 0 164 HOH B O     1 ? 
HETATM 801 O O     . HOH D 2 .  ? 14.576  4.279   -10.323 1.000 21.702 0 165 HOH B O     1 ? 
HETATM 802 O O     . HOH D 2 .  ? -5.670  4.300   -11.733 1.000 36.095 0 166 HOH B O     1 ? 
HETATM 803 O O     . HOH D 2 .  ? -1.531  3.123   9.368   1.000 38.586 0 167 HOH B O     1 ? 
HETATM 804 O O     . HOH D 2 .  ? 18.305  4.019   -9.300  1.000 35.468 0 168 HOH B O     1 ? 
HETATM 805 O O     . HOH D 2 .  ? 1.515   0.388   -7.103  1.000 27.417 0 169 HOH B O     1 ? 
HETATM 806 O O     . HOH D 2 .  ? 17.995  -22.624 -10.376 1.000 42.824 0 170 HOH B O     1 ? 
HETATM 807 O O     . HOH D 2 .  ? 16.911  4.301   -11.480 1.000 43.790 0 171 HOH B O     1 ? 
HETATM 808 O O     . HOH D 2 .  ? -2.063  3.226   6.514   1.000 40.791 0 172 HOH B O     1 ? 
# 
